data_5ZQD
#
_entry.id   5ZQD
#
_cell.length_a   74.858
_cell.length_b   98.719
_cell.length_c   154.576
_cell.angle_alpha   90.00
_cell.angle_beta   103.89
_cell.angle_gamma   90.00
#
_symmetry.space_group_name_H-M   'P 1 21 1'
#
loop_
_entity.id
_entity.type
_entity.pdbx_description
1 polymer 'Lmo2812 protein'
2 non-polymer "CEFOTAXIME, C3' cleaved, open, bound form"
3 non-polymer GLYCEROL
4 water water
#
_entity_poly.entity_id   1
_entity_poly.type   'polypeptide(L)'
_entity_poly.pdbx_seq_one_letter_code
;HHHHHHDYDIPTTENLYFQGAMGSSTEQPNLYLSANAAAVYSVENGEALYEQNADKVMPIASLSKLMTAFLVLEAVDNNE
LSWDEKLDLVRLDDPSAVSLYAITQKRTWSVRDLYSAMLTMSANDAAETLGDRLDGADFPKEMNNQAKKLGMSSKTTFVS
ASGLDVDGKSAVSTTKDLFLLSSKLISTHPEVLETTSKPTVTTDKGAKLESTNDLLGSIQGLDGLKTGFTDEAGYCFIGT
AERGGKRVISIVLDAGTAEKRFKDTEKLMEVGFKED
;
_entity_poly.pdbx_strand_id   A,B,C,D,E,F,G,H
#
# COMPACT_ATOMS: atom_id res chain seq x y z
N GLN A 28 13.61 -5.13 48.60
CA GLN A 28 13.01 -4.61 47.37
C GLN A 28 11.63 -4.00 47.63
N PRO A 29 11.43 -2.76 47.17
CA PRO A 29 10.12 -2.10 47.37
C PRO A 29 9.06 -2.77 46.52
N ASN A 30 7.79 -2.52 46.86
CA ASN A 30 6.67 -3.04 46.07
C ASN A 30 6.20 -1.95 45.11
N LEU A 31 6.50 -2.12 43.83
CA LEU A 31 5.98 -1.25 42.79
C LEU A 31 4.74 -1.89 42.21
N TYR A 32 3.91 -1.05 41.60
CA TYR A 32 2.69 -1.51 40.95
C TYR A 32 2.79 -1.12 39.48
N LEU A 33 3.61 -1.86 38.76
CA LEU A 33 3.95 -1.52 37.39
C LEU A 33 2.88 -2.03 36.42
N SER A 34 2.74 -1.32 35.30
CA SER A 34 1.93 -1.88 34.21
C SER A 34 2.63 -3.07 33.56
N ALA A 35 3.95 -2.98 33.46
CA ALA A 35 4.77 -3.95 32.75
C ALA A 35 4.61 -5.34 33.34
N ASN A 36 4.70 -6.35 32.47
CA ASN A 36 4.70 -7.73 32.93
C ASN A 36 6.06 -8.16 33.46
N ALA A 37 7.13 -7.70 32.83
CA ALA A 37 8.49 -7.98 33.28
C ALA A 37 9.23 -6.66 33.39
N ALA A 38 9.97 -6.47 34.48
CA ALA A 38 10.66 -5.19 34.62
C ALA A 38 11.82 -5.31 35.59
N ALA A 39 12.75 -4.36 35.47
CA ALA A 39 13.92 -4.34 36.34
C ALA A 39 14.60 -2.99 36.23
N VAL A 40 15.51 -2.74 37.18
CA VAL A 40 16.44 -1.61 37.10
C VAL A 40 17.72 -2.04 37.83
N TYR A 41 18.85 -1.71 37.23
CA TYR A 41 20.15 -2.18 37.69
C TYR A 41 21.11 -1.00 37.78
N SER A 42 22.08 -1.11 38.69
CA SER A 42 23.17 -0.15 38.74
C SER A 42 24.29 -0.63 37.84
N VAL A 43 24.84 0.27 37.03
CA VAL A 43 25.90 -0.13 36.10
C VAL A 43 27.21 -0.37 36.83
N GLU A 44 27.40 0.28 37.98
CA GLU A 44 28.66 0.20 38.71
C GLU A 44 28.96 -1.22 39.18
N ASN A 45 27.93 -1.99 39.51
CA ASN A 45 28.14 -3.37 39.90
C ASN A 45 27.19 -4.35 39.22
N GLY A 46 26.34 -3.88 38.31
CA GLY A 46 25.38 -4.76 37.67
C GLY A 46 24.30 -5.32 38.58
N GLU A 47 24.16 -4.82 39.79
CA GLU A 47 23.30 -5.46 40.78
C GLU A 47 21.87 -4.97 40.70
N ALA A 48 20.93 -5.88 40.93
CA ALA A 48 19.52 -5.58 40.78
C ALA A 48 19.06 -4.63 41.88
N LEU A 49 18.33 -3.58 41.50
CA LEU A 49 17.68 -2.72 42.48
C LEU A 49 16.18 -2.95 42.54
N TYR A 50 15.61 -3.47 41.48
CA TYR A 50 14.24 -3.96 41.44
C TYR A 50 14.18 -4.98 40.30
N GLU A 51 13.49 -6.09 40.53
CA GLU A 51 13.33 -7.11 39.50
C GLU A 51 11.94 -7.73 39.61
N GLN A 52 11.35 -8.01 38.45
CA GLN A 52 10.04 -8.62 38.39
C GLN A 52 10.00 -9.43 37.10
N ASN A 53 9.91 -10.76 37.23
CA ASN A 53 9.96 -11.66 36.07
C ASN A 53 11.23 -11.46 35.26
N ALA A 54 12.36 -11.25 35.95
CA ALA A 54 13.59 -10.85 35.28
C ALA A 54 14.25 -11.99 34.50
N ASP A 55 13.84 -13.24 34.72
CA ASP A 55 14.34 -14.38 33.97
C ASP A 55 13.38 -14.85 32.90
N LYS A 56 12.27 -14.15 32.69
CA LYS A 56 11.19 -14.64 31.86
C LYS A 56 11.46 -14.30 30.41
N VAL A 57 11.34 -15.28 29.52
CA VAL A 57 11.59 -15.04 28.11
C VAL A 57 10.42 -14.25 27.54
N MET A 58 10.71 -13.08 26.97
CA MET A 58 9.73 -12.10 26.51
C MET A 58 10.05 -11.64 25.10
N PRO A 59 9.02 -11.40 24.28
CA PRO A 59 9.28 -10.74 22.99
C PRO A 59 9.78 -9.32 23.18
N ILE A 60 10.80 -8.94 22.40
CA ILE A 60 11.46 -7.66 22.57
C ILE A 60 11.36 -6.76 21.34
N ALA A 61 10.94 -7.29 20.18
CA ALA A 61 10.75 -6.54 18.95
C ALA A 61 11.82 -5.49 18.67
N SER A 62 11.42 -4.22 18.62
CA SER A 62 12.28 -3.13 18.17
C SER A 62 13.50 -2.93 19.06
N LEU A 63 13.48 -3.46 20.28
CA LEU A 63 14.67 -3.40 21.12
C LEU A 63 15.86 -4.09 20.46
N SER A 64 15.61 -4.98 19.49
CA SER A 64 16.66 -5.64 18.72
C SER A 64 17.57 -4.63 18.03
N LYS A 65 17.04 -3.44 17.74
CA LYS A 65 17.80 -2.42 17.03
C LYS A 65 19.00 -1.91 17.82
N LEU A 66 19.04 -2.17 19.13
CA LEU A 66 20.26 -1.87 19.90
C LEU A 66 21.39 -2.80 19.51
N MET A 67 21.08 -4.06 19.17
CA MET A 67 22.14 -4.93 18.71
C MET A 67 22.66 -4.46 17.37
N THR A 68 21.75 -4.10 16.45
CA THR A 68 22.13 -3.57 15.14
C THR A 68 22.99 -2.31 15.30
N ALA A 69 22.56 -1.37 16.14
CA ALA A 69 23.36 -0.19 16.43
C ALA A 69 24.76 -0.58 16.88
N PHE A 70 24.85 -1.53 17.82
CA PHE A 70 26.14 -1.97 18.33
C PHE A 70 27.02 -2.51 17.21
N LEU A 71 26.44 -3.32 16.34
CA LEU A 71 27.22 -3.91 15.25
C LEU A 71 27.58 -2.86 14.20
N VAL A 72 26.73 -1.85 14.02
CA VAL A 72 27.12 -0.71 13.17
C VAL A 72 28.31 0.01 13.78
N LEU A 73 28.24 0.29 15.08
CA LEU A 73 29.33 1.01 15.72
C LEU A 73 30.62 0.21 15.71
N GLU A 74 30.52 -1.11 15.96
CA GLU A 74 31.70 -1.97 15.84
C GLU A 74 32.31 -1.88 14.45
N ALA A 75 31.47 -1.81 13.42
CA ALA A 75 31.99 -1.83 12.05
C ALA A 75 32.71 -0.54 11.72
N VAL A 76 32.26 0.59 12.27
CA VAL A 76 32.94 1.84 12.01
C VAL A 76 34.31 1.85 12.67
N ASP A 77 34.37 1.39 13.93
CA ASP A 77 35.65 1.32 14.62
C ASP A 77 36.61 0.40 13.90
N ASN A 78 36.10 -0.66 13.28
CA ASN A 78 36.91 -1.67 12.63
C ASN A 78 37.23 -1.31 11.18
N ASN A 79 36.89 -0.10 10.74
CA ASN A 79 37.23 0.38 9.41
C ASN A 79 36.52 -0.42 8.32
N GLU A 80 35.32 -0.90 8.64
CA GLU A 80 34.53 -1.71 7.72
C GLU A 80 33.31 -0.97 7.21
N LEU A 81 32.98 0.17 7.79
CA LEU A 81 31.78 0.92 7.44
C LEU A 81 32.07 2.40 7.57
N SER A 82 31.65 3.17 6.56
CA SER A 82 31.77 4.62 6.56
C SER A 82 30.44 5.24 6.91
N TRP A 83 30.46 6.26 7.79
CA TRP A 83 29.26 7.01 8.12
C TRP A 83 28.66 7.70 6.90
N ASP A 84 29.47 7.99 5.88
CA ASP A 84 29.03 8.74 4.72
C ASP A 84 28.65 7.88 3.52
N GLU A 85 28.71 6.56 3.62
CA GLU A 85 28.23 5.74 2.53
C GLU A 85 26.73 5.96 2.33
N LYS A 86 26.31 6.06 1.06
CA LYS A 86 24.90 6.22 0.72
C LYS A 86 24.30 4.87 0.37
N LEU A 87 23.16 4.55 0.97
CA LEU A 87 22.47 3.28 0.78
C LEU A 87 21.02 3.52 0.41
N ASP A 88 20.51 2.69 -0.50
CA ASP A 88 19.09 2.71 -0.85
C ASP A 88 18.32 1.86 0.15
N LEU A 89 17.23 2.42 0.68
CA LEU A 89 16.40 1.69 1.63
C LEU A 89 15.87 0.38 1.02
N VAL A 90 15.98 -0.71 1.77
CA VAL A 90 15.39 -1.98 1.36
C VAL A 90 13.88 -1.91 1.59
N ARG A 91 13.13 -2.63 0.78
CA ARG A 91 11.67 -2.59 0.82
C ARG A 91 11.14 -3.64 1.78
N LEU A 92 10.25 -3.20 2.68
CA LEU A 92 9.60 -4.10 3.63
C LEU A 92 8.40 -4.79 3.00
N ASP A 93 8.19 -6.05 3.39
CA ASP A 93 7.06 -6.80 2.85
C ASP A 93 5.74 -6.12 3.20
N ASP A 94 5.62 -5.61 4.43
CA ASP A 94 4.40 -4.93 4.85
C ASP A 94 4.54 -3.44 4.57
N PRO A 95 3.63 -2.83 3.81
CA PRO A 95 3.64 -1.36 3.70
C PRO A 95 3.28 -0.67 5.00
N SER A 96 2.27 -1.18 5.71
CA SER A 96 1.75 -0.55 6.92
C SER A 96 2.77 -0.57 8.05
N ALA A 97 3.96 -1.14 7.80
CA ALA A 97 5.04 -1.07 8.76
C ALA A 97 5.58 0.35 8.83
N VAL A 98 6.01 0.74 10.03
CA VAL A 98 6.60 2.06 10.23
C VAL A 98 7.96 2.10 9.54
N SER A 99 8.11 2.99 8.57
CA SER A 99 9.28 2.98 7.73
C SER A 99 9.71 4.40 7.40
N LEU A 100 11.01 4.59 7.26
CA LEU A 100 11.56 5.89 6.89
C LEU A 100 11.11 6.28 5.48
N TYR A 101 11.05 5.31 4.56
CA TYR A 101 10.68 5.63 3.19
C TYR A 101 9.24 6.09 3.09
N ALA A 102 8.35 5.47 3.87
CA ALA A 102 6.95 5.88 3.81
C ALA A 102 6.79 7.34 4.20
N ILE A 103 7.56 7.78 5.19
CA ILE A 103 7.37 9.13 5.68
C ILE A 103 8.01 10.16 4.76
N THR A 104 9.13 9.83 4.14
CA THR A 104 9.90 10.82 3.39
C THR A 104 9.73 10.72 1.88
N GLN A 105 9.44 9.52 1.35
CA GLN A 105 9.45 9.22 -0.07
C GLN A 105 10.86 9.30 -0.68
N LYS A 106 11.89 9.28 0.15
CA LYS A 106 13.27 9.36 -0.30
C LYS A 106 13.94 8.02 -0.03
N ARG A 107 14.61 7.47 -1.04
CA ARG A 107 15.16 6.13 -0.86
C ARG A 107 16.60 6.13 -0.37
N THR A 108 17.40 7.11 -0.77
CA THR A 108 18.84 7.10 -0.53
C THR A 108 19.19 7.90 0.72
N TRP A 109 19.94 7.27 1.63
CA TRP A 109 20.31 7.87 2.90
C TRP A 109 21.73 7.46 3.26
N SER A 110 22.43 8.32 4.00
CA SER A 110 23.76 7.95 4.49
C SER A 110 23.64 6.91 5.60
N VAL A 111 24.72 6.15 5.80
CA VAL A 111 24.78 5.24 6.95
C VAL A 111 24.46 6.00 8.23
N ARG A 112 25.03 7.20 8.38
CA ARG A 112 24.80 8.01 9.57
C ARG A 112 23.32 8.26 9.80
N ASP A 113 22.61 8.71 8.77
CA ASP A 113 21.20 9.05 8.93
C ASP A 113 20.34 7.81 9.14
N LEU A 114 20.69 6.68 8.51
CA LEU A 114 19.96 5.43 8.72
C LEU A 114 20.08 4.97 10.16
N TYR A 115 21.26 5.17 10.75
CA TYR A 115 21.49 4.80 12.13
C TYR A 115 20.71 5.70 13.08
N SER A 116 20.69 7.02 12.82
CA SER A 116 19.84 7.93 13.57
C SER A 116 18.36 7.56 13.40
N ALA A 117 17.94 7.32 12.16
CA ALA A 117 16.55 6.96 11.90
C ALA A 117 16.17 5.69 12.63
N MET A 118 17.07 4.73 12.67
CA MET A 118 16.84 3.51 13.44
C MET A 118 16.66 3.83 14.91
N LEU A 119 17.51 4.68 15.47
CA LEU A 119 17.50 4.88 16.91
C LEU A 119 16.41 5.83 17.38
N THR A 120 16.03 6.81 16.57
CA THR A 120 15.09 7.85 17.00
C THR A 120 13.64 7.43 16.75
N MET A 121 13.30 7.18 15.50
CA MET A 121 11.93 6.84 15.13
C MET A 121 11.69 5.34 15.02
N SER A 122 12.71 4.53 15.26
CA SER A 122 12.60 3.07 15.14
C SER A 122 12.17 2.66 13.73
N ALA A 123 12.85 3.21 12.72
CA ALA A 123 12.52 2.93 11.33
C ALA A 123 12.97 1.52 10.95
N ASN A 124 11.99 0.64 10.67
CA ASN A 124 12.32 -0.76 10.42
C ASN A 124 13.15 -0.92 9.16
N ASP A 125 12.81 -0.20 8.10
CA ASP A 125 13.59 -0.36 6.87
C ASP A 125 15.00 0.19 7.03
N ALA A 126 15.18 1.21 7.89
CA ALA A 126 16.52 1.70 8.18
C ALA A 126 17.37 0.61 8.80
N ALA A 127 16.82 -0.09 9.79
CA ALA A 127 17.55 -1.15 10.47
C ALA A 127 17.90 -2.28 9.52
N GLU A 128 16.93 -2.73 8.73
CA GLU A 128 17.19 -3.81 7.78
C GLU A 128 18.24 -3.42 6.73
N THR A 129 18.25 -2.15 6.31
CA THR A 129 19.25 -1.71 5.32
C THR A 129 20.65 -1.78 5.91
N LEU A 130 20.80 -1.42 7.18
CA LEU A 130 22.10 -1.51 7.84
C LEU A 130 22.51 -2.96 8.05
N GLY A 131 21.57 -3.81 8.44
CA GLY A 131 21.88 -5.22 8.61
C GLY A 131 22.35 -5.86 7.31
N ASP A 132 21.65 -5.58 6.21
CA ASP A 132 22.02 -6.17 4.93
C ASP A 132 23.40 -5.72 4.49
N ARG A 133 23.71 -4.44 4.67
CA ARG A 133 25.02 -3.92 4.30
C ARG A 133 26.13 -4.58 5.11
N LEU A 134 25.86 -4.86 6.38
CA LEU A 134 26.89 -5.40 7.27
C LEU A 134 27.17 -6.87 6.97
N ASP A 135 26.13 -7.69 6.81
CA ASP A 135 26.35 -9.11 6.61
C ASP A 135 25.28 -9.79 5.75
N GLY A 136 24.41 -9.06 5.09
CA GLY A 136 23.45 -9.70 4.21
C GLY A 136 22.50 -10.61 4.96
N ALA A 137 22.34 -11.83 4.44
CA ALA A 137 21.43 -12.80 5.04
C ALA A 137 21.97 -13.38 6.35
N ASP A 138 23.26 -13.30 6.57
CA ASP A 138 23.84 -13.83 7.80
C ASP A 138 23.78 -12.86 8.96
N PHE A 139 23.11 -11.71 8.81
CA PHE A 139 23.15 -10.74 9.89
C PHE A 139 22.53 -11.25 11.18
N PRO A 140 21.40 -11.98 11.19
CA PRO A 140 20.90 -12.49 12.47
C PRO A 140 21.90 -13.37 13.19
N LYS A 141 22.63 -14.23 12.45
CA LYS A 141 23.68 -15.02 13.09
C LYS A 141 24.73 -14.13 13.75
N GLU A 142 25.12 -13.05 13.07
CA GLU A 142 26.07 -12.11 13.68
C GLU A 142 25.49 -11.49 14.94
N MET A 143 24.20 -11.15 14.92
CA MET A 143 23.55 -10.61 16.11
C MET A 143 23.62 -11.61 17.26
N ASN A 144 23.37 -12.89 16.98
CA ASN A 144 23.38 -13.90 18.03
C ASN A 144 24.79 -14.28 18.44
N ASN A 145 25.76 -14.24 17.53
CA ASN A 145 27.16 -14.34 17.90
C ASN A 145 27.53 -13.25 18.89
N GLN A 146 27.23 -12.00 18.55
CA GLN A 146 27.52 -10.89 19.44
C GLN A 146 26.78 -11.00 20.76
N ALA A 147 25.52 -11.48 20.74
CA ALA A 147 24.83 -11.71 22.01
C ALA A 147 25.66 -12.60 22.93
N LYS A 148 26.20 -13.68 22.38
CA LYS A 148 27.04 -14.58 23.17
C LYS A 148 28.30 -13.88 23.67
N LYS A 149 28.94 -13.07 22.82
CA LYS A 149 30.15 -12.37 23.23
C LYS A 149 29.88 -11.43 24.40
N LEU A 150 28.70 -10.80 24.40
CA LEU A 150 28.35 -9.83 25.43
C LEU A 150 27.78 -10.48 26.68
N GLY A 151 27.76 -11.81 26.72
CA GLY A 151 27.38 -12.52 27.91
C GLY A 151 25.90 -12.77 28.08
N MET A 152 25.08 -12.49 27.07
CA MET A 152 23.66 -12.77 27.18
C MET A 152 23.42 -14.27 27.18
N SER A 153 22.47 -14.71 28.00
CA SER A 153 22.17 -16.13 28.12
C SER A 153 21.61 -16.68 26.81
N SER A 154 21.44 -18.00 26.80
CA SER A 154 20.91 -18.68 25.62
C SER A 154 19.42 -18.42 25.41
N LYS A 155 18.73 -17.82 26.37
CA LYS A 155 17.33 -17.48 26.18
C LYS A 155 17.12 -16.28 25.26
N THR A 156 18.18 -15.56 24.93
CA THR A 156 18.09 -14.47 23.96
C THR A 156 18.21 -15.01 22.53
N THR A 157 17.28 -14.62 21.67
CA THR A 157 17.38 -14.97 20.25
C THR A 157 16.99 -13.75 19.42
N PHE A 158 17.90 -13.28 18.59
CA PHE A 158 17.61 -12.24 17.62
C PHE A 158 17.22 -12.89 16.30
N VAL A 159 16.25 -12.29 15.59
CA VAL A 159 15.83 -12.82 14.31
C VAL A 159 16.02 -11.84 13.16
N SER A 160 16.25 -10.56 13.43
CA SER A 160 16.32 -9.56 12.37
C SER A 160 16.93 -8.28 12.91
N ALA A 161 17.44 -7.46 11.99
CA ALA A 161 18.04 -6.18 12.36
C ALA A 161 17.01 -5.21 12.93
N SER A 162 15.77 -5.28 12.48
CA SER A 162 14.73 -4.37 12.95
C SER A 162 13.96 -4.90 14.15
N GLY A 163 13.97 -6.22 14.38
CA GLY A 163 13.11 -6.83 15.36
C GLY A 163 11.82 -7.38 14.79
N LEU A 164 11.58 -7.22 13.49
CA LEU A 164 10.41 -7.82 12.88
C LEU A 164 10.55 -9.33 12.84
N ASP A 165 9.41 -10.01 12.94
CA ASP A 165 9.38 -11.46 12.83
C ASP A 165 9.95 -11.92 11.50
N VAL A 166 10.62 -13.07 11.51
CA VAL A 166 11.13 -13.72 10.30
C VAL A 166 10.66 -15.16 10.33
N ASP A 167 9.92 -15.57 9.29
CA ASP A 167 9.42 -16.95 9.20
C ASP A 167 8.59 -17.32 10.43
N GLY A 168 7.84 -16.36 10.96
CA GLY A 168 7.04 -16.61 12.14
C GLY A 168 7.80 -16.63 13.43
N LYS A 169 9.12 -16.49 13.41
CA LYS A 169 9.95 -16.50 14.60
C LYS A 169 10.12 -15.09 15.15
N SER A 170 10.12 -14.98 16.48
CA SER A 170 10.15 -13.70 17.19
C SER A 170 11.47 -13.52 17.92
N ALA A 171 11.98 -12.29 17.92
CA ALA A 171 13.09 -11.94 18.78
C ALA A 171 12.63 -11.96 20.23
N VAL A 172 13.41 -12.63 21.09
CA VAL A 172 13.06 -12.80 22.50
C VAL A 172 14.32 -12.64 23.35
N SER A 173 14.11 -12.26 24.60
CA SER A 173 15.19 -11.99 25.54
C SER A 173 14.60 -11.97 26.95
N THR A 174 15.43 -11.60 27.92
CA THR A 174 15.04 -11.42 29.31
C THR A 174 15.50 -10.04 29.75
N THR A 175 14.88 -9.49 30.81
CA THR A 175 15.35 -8.18 31.27
C THR A 175 16.78 -8.23 31.75
N LYS A 176 17.24 -9.40 32.23
CA LYS A 176 18.64 -9.55 32.62
C LYS A 176 19.56 -9.48 31.41
N ASP A 177 19.20 -10.18 30.31
CA ASP A 177 20.05 -10.15 29.11
C ASP A 177 20.01 -8.77 28.45
N LEU A 178 18.83 -8.13 28.47
CA LEU A 178 18.72 -6.77 27.96
C LEU A 178 19.59 -5.81 28.77
N PHE A 179 19.69 -5.99 30.09
CA PHE A 179 20.59 -5.14 30.85
C PHE A 179 22.04 -5.34 30.42
N LEU A 180 22.45 -6.61 30.31
CA LEU A 180 23.84 -6.88 29.94
C LEU A 180 24.16 -6.34 28.55
N LEU A 181 23.22 -6.45 27.61
CA LEU A 181 23.43 -5.87 26.29
C LEU A 181 23.55 -4.35 26.36
N SER A 182 22.62 -3.69 27.07
CA SER A 182 22.57 -2.24 27.09
C SER A 182 23.82 -1.64 27.75
N SER A 183 24.25 -2.20 28.88
CA SER A 183 25.44 -1.65 29.51
C SER A 183 26.70 -1.91 28.68
N LYS A 184 26.77 -3.07 28.00
CA LYS A 184 27.89 -3.30 27.10
C LYS A 184 27.88 -2.29 25.95
N LEU A 185 26.71 -2.00 25.41
CA LEU A 185 26.60 -1.03 24.33
C LEU A 185 27.09 0.33 24.79
N ILE A 186 26.64 0.78 25.96
CA ILE A 186 26.99 2.11 26.44
C ILE A 186 28.46 2.18 26.87
N SER A 187 28.98 1.11 27.46
CA SER A 187 30.37 1.16 27.89
C SER A 187 31.33 1.04 26.71
N THR A 188 30.94 0.29 25.67
CA THR A 188 31.81 0.14 24.51
C THR A 188 31.69 1.30 23.55
N HIS A 189 30.49 1.88 23.43
CA HIS A 189 30.21 2.94 22.46
C HIS A 189 29.42 4.04 23.15
N PRO A 190 30.07 4.82 24.02
CA PRO A 190 29.32 5.83 24.78
C PRO A 190 28.67 6.87 23.88
N GLU A 191 29.16 7.06 22.65
CA GLU A 191 28.55 8.00 21.71
C GLU A 191 27.18 7.55 21.23
N VAL A 192 26.74 6.35 21.58
CA VAL A 192 25.36 5.97 21.28
C VAL A 192 24.41 6.97 21.93
N LEU A 193 24.75 7.42 23.16
CA LEU A 193 23.88 8.29 23.94
C LEU A 193 23.83 9.71 23.37
N GLU A 194 24.86 10.13 22.65
CA GLU A 194 24.77 11.40 21.93
C GLU A 194 23.63 11.39 20.92
N THR A 195 23.22 10.22 20.46
CA THR A 195 22.07 10.13 19.55
C THR A 195 20.77 9.83 20.29
N THR A 196 20.79 8.93 21.27
CA THR A 196 19.55 8.57 21.95
C THR A 196 19.08 9.62 22.97
N SER A 197 19.91 10.61 23.28
CA SER A 197 19.52 11.70 24.17
C SER A 197 18.81 12.86 23.46
N LYS A 198 18.66 12.79 22.13
CA LYS A 198 18.06 13.90 21.38
C LYS A 198 16.58 13.64 21.12
N PRO A 199 15.69 14.54 21.56
CA PRO A 199 14.27 14.40 21.16
C PRO A 199 14.05 14.54 19.66
N THR A 200 14.98 15.16 18.93
CA THR A 200 14.90 15.28 17.48
C THR A 200 16.30 15.24 16.93
N VAL A 201 16.55 14.43 15.91
CA VAL A 201 17.81 14.45 15.18
C VAL A 201 17.55 15.08 13.82
N THR A 202 18.28 16.16 13.54
CA THR A 202 18.26 16.82 12.24
C THR A 202 19.45 16.33 11.45
N THR A 203 19.19 15.76 10.28
CA THR A 203 20.29 15.30 9.45
C THR A 203 21.01 16.49 8.82
N ASP A 204 22.14 16.22 8.18
CA ASP A 204 22.87 17.29 7.52
C ASP A 204 22.02 18.00 6.46
N LYS A 205 21.17 17.28 5.75
CA LYS A 205 20.34 17.86 4.70
C LYS A 205 18.99 18.35 5.23
N GLY A 206 18.78 18.35 6.54
CA GLY A 206 17.66 19.03 7.14
C GLY A 206 16.45 18.18 7.48
N ALA A 207 16.55 16.86 7.36
CA ALA A 207 15.44 15.99 7.74
C ALA A 207 15.37 15.90 9.26
N LYS A 208 14.16 16.05 9.81
CA LYS A 208 13.93 15.93 11.24
C LYS A 208 13.47 14.52 11.56
N LEU A 209 14.19 13.83 12.43
CA LEU A 209 13.85 12.48 12.84
C LEU A 209 13.44 12.52 14.31
N GLU A 210 12.14 12.29 14.57
CA GLU A 210 11.58 12.47 15.91
C GLU A 210 11.76 11.22 16.77
N SER A 211 12.32 11.41 17.97
CA SER A 211 12.50 10.31 18.90
C SER A 211 11.15 9.80 19.41
N THR A 212 11.10 8.49 19.67
CA THR A 212 9.95 7.88 20.32
C THR A 212 10.03 7.94 21.83
N ASN A 213 11.11 8.52 22.38
CA ASN A 213 11.36 8.54 23.82
C ASN A 213 10.80 9.83 24.41
N ASP A 214 9.53 9.80 24.79
CA ASP A 214 8.89 10.96 25.38
C ASP A 214 9.40 11.32 26.77
N LEU A 215 10.21 10.47 27.41
CA LEU A 215 10.73 10.85 28.71
C LEU A 215 11.93 11.78 28.63
N LEU A 216 12.47 12.00 27.43
CA LEU A 216 13.63 12.88 27.28
C LEU A 216 13.26 14.29 27.70
N GLY A 217 14.02 14.85 28.64
CA GLY A 217 13.72 16.14 29.19
C GLY A 217 12.77 16.13 30.37
N SER A 218 12.23 14.96 30.76
CA SER A 218 11.31 14.86 31.88
C SER A 218 11.96 14.34 33.14
N ILE A 219 13.02 13.55 32.99
CA ILE A 219 13.72 12.91 34.08
C ILE A 219 15.17 13.39 34.02
N GLN A 220 15.67 13.95 35.12
CA GLN A 220 17.03 14.45 35.13
C GLN A 220 18.02 13.31 34.89
N GLY A 221 18.96 13.53 33.98
CA GLY A 221 19.97 12.53 33.68
C GLY A 221 19.60 11.57 32.58
N LEU A 222 18.34 11.55 32.11
CA LEU A 222 17.87 10.52 31.20
C LEU A 222 18.40 10.79 29.80
N ASP A 223 19.10 9.81 29.21
CA ASP A 223 19.68 10.03 27.89
C ASP A 223 19.55 8.83 26.96
N GLY A 224 18.63 7.90 27.26
CA GLY A 224 18.42 6.72 26.42
C GLY A 224 17.19 5.99 26.92
N LEU A 225 16.92 4.83 26.29
CA LEU A 225 17.75 4.23 25.25
C LEU A 225 16.94 3.77 24.02
N LYS A 226 15.89 2.95 24.21
CA LYS A 226 15.17 2.40 23.07
C LYS A 226 13.76 1.97 23.46
N THR A 227 12.77 2.35 22.63
CA THR A 227 11.39 1.90 22.69
C THR A 227 11.17 0.69 21.77
N GLY A 228 10.06 -0.01 22.02
CA GLY A 228 9.54 -1.03 21.13
C GLY A 228 8.09 -1.33 21.44
N PHE A 229 7.38 -1.84 20.43
CA PHE A 229 5.99 -2.26 20.62
C PHE A 229 5.62 -3.27 19.55
N THR A 230 4.97 -4.36 19.98
CA THR A 230 4.14 -5.18 19.10
C THR A 230 2.92 -5.61 19.90
N ASP A 231 1.93 -6.15 19.20
CA ASP A 231 0.76 -6.69 19.89
C ASP A 231 1.18 -7.69 20.96
N GLU A 232 2.11 -8.59 20.62
CA GLU A 232 2.54 -9.64 21.54
C GLU A 232 3.49 -9.11 22.61
N ALA A 233 4.35 -8.16 22.24
CA ALA A 233 5.33 -7.66 23.19
C ALA A 233 4.77 -6.58 24.12
N GLY A 234 3.60 -6.02 23.82
CA GLY A 234 3.18 -4.86 24.60
C GLY A 234 4.13 -3.68 24.37
N TYR A 235 3.99 -2.68 25.22
CA TYR A 235 4.80 -1.47 25.12
C TYR A 235 6.05 -1.62 25.98
N CYS A 236 7.21 -1.49 25.35
CA CYS A 236 8.50 -1.74 25.98
C CYS A 236 9.40 -0.53 25.88
N PHE A 237 10.31 -0.39 26.86
CA PHE A 237 11.29 0.69 26.82
C PHE A 237 12.48 0.34 27.69
N ILE A 238 13.67 0.51 27.15
CA ILE A 238 14.92 0.45 27.90
C ILE A 238 15.35 1.88 28.18
N GLY A 239 15.46 2.23 29.45
CA GLY A 239 15.84 3.57 29.85
C GLY A 239 17.25 3.58 30.42
N THR A 240 17.94 4.70 30.27
CA THR A 240 19.20 4.88 30.99
C THR A 240 19.33 6.34 31.41
N ALA A 241 19.86 6.55 32.61
CA ALA A 241 20.06 7.87 33.16
C ALA A 241 21.32 7.83 34.01
N GLU A 242 21.97 8.98 34.16
CA GLU A 242 23.15 9.06 35.02
C GLU A 242 23.08 10.29 35.90
N ARG A 243 23.44 10.12 37.17
CA ARG A 243 23.54 11.22 38.12
C ARG A 243 24.70 10.97 39.08
N GLY A 244 25.49 12.01 39.31
CA GLY A 244 26.58 11.95 40.29
C GLY A 244 27.56 10.83 40.06
N GLY A 245 27.83 10.47 38.80
CA GLY A 245 28.69 9.34 38.53
C GLY A 245 28.04 7.99 38.70
N LYS A 246 26.73 7.94 38.89
CA LYS A 246 25.99 6.69 39.03
C LYS A 246 25.08 6.55 37.83
N ARG A 247 25.24 5.47 37.07
CA ARG A 247 24.35 5.19 35.96
C ARG A 247 23.45 4.02 36.30
N VAL A 248 22.18 4.12 35.90
CA VAL A 248 21.22 3.04 36.05
C VAL A 248 20.60 2.77 34.69
N ILE A 249 20.23 1.52 34.48
CA ILE A 249 19.53 1.09 33.28
C ILE A 249 18.25 0.39 33.72
N SER A 250 17.12 0.79 33.13
CA SER A 250 15.80 0.27 33.47
C SER A 250 15.21 -0.49 32.28
N ILE A 251 14.52 -1.60 32.56
CA ILE A 251 13.91 -2.43 31.52
C ILE A 251 12.43 -2.57 31.82
N VAL A 252 11.59 -2.31 30.81
CA VAL A 252 10.14 -2.45 30.92
C VAL A 252 9.67 -3.22 29.69
N LEU A 253 8.97 -4.34 29.92
CA LEU A 253 8.42 -5.12 28.83
C LEU A 253 6.94 -5.33 29.06
N ASP A 254 6.13 -5.14 28.02
CA ASP A 254 4.71 -5.47 28.03
C ASP A 254 3.89 -4.57 28.97
N ALA A 255 4.15 -3.28 28.92
CA ALA A 255 3.26 -2.33 29.56
C ALA A 255 2.00 -2.15 28.72
N GLY A 256 0.96 -1.62 29.35
CA GLY A 256 -0.36 -1.59 28.75
C GLY A 256 -0.56 -0.56 27.66
N THR A 257 0.05 0.62 27.82
CA THR A 257 -0.05 1.67 26.82
C THR A 257 1.32 2.30 26.62
N ALA A 258 1.41 3.13 25.58
CA ALA A 258 2.64 3.84 25.30
C ALA A 258 3.04 4.75 26.45
N GLU A 259 2.04 5.31 27.15
CA GLU A 259 2.33 6.15 28.30
C GLU A 259 2.76 5.34 29.51
N LYS A 260 2.14 4.17 29.72
CA LYS A 260 2.41 3.39 30.93
C LYS A 260 3.85 2.88 30.98
N ARG A 261 4.47 2.61 29.83
CA ARG A 261 5.86 2.17 29.86
C ARG A 261 6.77 3.27 30.37
N PHE A 262 6.38 4.53 30.17
CA PHE A 262 7.16 5.63 30.72
C PHE A 262 6.82 5.87 32.19
N LYS A 263 5.56 5.65 32.59
CA LYS A 263 5.22 5.72 34.01
C LYS A 263 5.97 4.67 34.81
N ASP A 264 6.07 3.44 34.28
CA ASP A 264 6.83 2.41 34.99
C ASP A 264 8.30 2.81 35.07
N THR A 265 8.82 3.38 33.99
CA THR A 265 10.22 3.82 33.94
C THR A 265 10.48 4.95 34.93
N GLU A 266 9.55 5.91 35.05
CA GLU A 266 9.66 6.92 36.10
C GLU A 266 9.76 6.27 37.47
N LYS A 267 8.90 5.28 37.73
CA LYS A 267 8.94 4.55 38.99
C LYS A 267 10.27 3.83 39.17
N LEU A 268 10.76 3.17 38.12
CA LEU A 268 12.01 2.42 38.23
C LEU A 268 13.20 3.34 38.44
N MET A 269 13.22 4.51 37.79
CA MET A 269 14.34 5.42 37.95
C MET A 269 14.42 5.99 39.37
N GLU A 270 13.27 6.18 40.02
CA GLU A 270 13.28 6.69 41.40
C GLU A 270 13.89 5.67 42.36
N VAL A 271 13.55 4.38 42.18
CA VAL A 271 14.21 3.30 42.90
C VAL A 271 15.70 3.27 42.54
N GLY A 272 16.03 3.50 41.27
CA GLY A 272 17.42 3.47 40.85
C GLY A 272 18.28 4.53 41.53
N PHE A 273 17.74 5.72 41.74
CA PHE A 273 18.50 6.82 42.32
C PHE A 273 18.17 7.09 43.78
N LYS A 274 17.56 6.13 44.47
CA LYS A 274 17.24 6.32 45.87
C LYS A 274 18.52 6.48 46.69
N GLN B 28 -7.14 -9.98 -2.59
CA GLN B 28 -6.95 -9.67 -3.99
C GLN B 28 -5.60 -10.18 -4.49
N PRO B 29 -5.60 -10.87 -5.63
CA PRO B 29 -4.34 -11.43 -6.16
C PRO B 29 -3.46 -10.33 -6.75
N ASN B 30 -2.16 -10.62 -6.83
CA ASN B 30 -1.24 -9.66 -7.43
C ASN B 30 -1.15 -9.95 -8.92
N LEU B 31 -1.47 -8.94 -9.72
CA LEU B 31 -1.37 -9.03 -11.16
C LEU B 31 -0.27 -8.08 -11.61
N TYR B 32 0.20 -8.30 -12.82
CA TYR B 32 1.25 -7.47 -13.41
C TYR B 32 0.70 -7.01 -14.75
N LEU B 33 -0.19 -6.03 -14.68
CA LEU B 33 -0.89 -5.53 -15.85
C LEU B 33 -0.09 -4.46 -16.56
N SER B 34 -0.33 -4.32 -17.86
CA SER B 34 0.23 -3.17 -18.57
C SER B 34 -0.47 -1.88 -18.16
N ALA B 35 -1.79 -1.94 -17.93
CA ALA B 35 -2.62 -0.79 -17.66
C ALA B 35 -2.19 -0.02 -16.42
N ASN B 36 -2.32 1.30 -16.48
CA ASN B 36 -2.14 2.13 -15.29
C ASN B 36 -3.30 1.96 -14.32
N ALA B 37 -4.52 1.84 -14.82
CA ALA B 37 -5.68 1.62 -13.97
C ALA B 37 -6.50 0.48 -14.57
N ALA B 38 -7.02 -0.39 -13.70
CA ALA B 38 -7.74 -1.56 -14.18
C ALA B 38 -8.56 -2.16 -13.05
N ALA B 39 -9.61 -2.89 -13.42
CA ALA B 39 -10.46 -3.53 -12.42
C ALA B 39 -11.37 -4.55 -13.11
N VAL B 40 -11.87 -5.51 -12.31
CA VAL B 40 -12.89 -6.45 -12.77
C VAL B 40 -13.93 -6.61 -11.68
N TYR B 41 -15.19 -6.54 -12.05
CA TYR B 41 -16.30 -6.52 -11.11
C TYR B 41 -17.28 -7.64 -11.44
N SER B 42 -17.97 -8.12 -10.41
CA SER B 42 -19.06 -9.06 -10.57
C SER B 42 -20.36 -8.29 -10.68
N VAL B 43 -21.12 -8.54 -11.76
CA VAL B 43 -22.32 -7.73 -11.98
C VAL B 43 -23.36 -8.02 -10.92
N GLU B 44 -23.43 -9.26 -10.44
CA GLU B 44 -24.44 -9.69 -9.48
C GLU B 44 -24.54 -8.76 -8.28
N ASN B 45 -23.41 -8.39 -7.69
CA ASN B 45 -23.40 -7.54 -6.51
C ASN B 45 -22.55 -6.29 -6.68
N GLY B 46 -22.07 -6.00 -7.88
CA GLY B 46 -21.27 -4.82 -8.11
C GLY B 46 -19.93 -4.80 -7.40
N GLU B 47 -19.53 -5.90 -6.76
CA GLU B 47 -18.34 -5.87 -5.93
C GLU B 47 -17.10 -6.12 -6.78
N ALA B 48 -16.00 -5.51 -6.34
CA ALA B 48 -14.74 -5.61 -7.04
C ALA B 48 -14.03 -6.91 -6.70
N LEU B 49 -13.49 -7.58 -7.71
CA LEU B 49 -12.62 -8.74 -7.50
C LEU B 49 -11.16 -8.41 -7.66
N TYR B 50 -10.85 -7.34 -8.37
CA TYR B 50 -9.51 -6.79 -8.48
C TYR B 50 -9.65 -5.31 -8.80
N GLU B 51 -8.83 -4.49 -8.15
CA GLU B 51 -8.85 -3.04 -8.36
C GLU B 51 -7.44 -2.50 -8.29
N GLN B 52 -7.13 -1.57 -9.19
CA GLN B 52 -5.84 -0.90 -9.21
C GLN B 52 -6.07 0.50 -9.74
N ASN B 53 -5.81 1.52 -8.91
CA ASN B 53 -6.08 2.90 -9.29
C ASN B 53 -7.54 3.10 -9.70
N ALA B 54 -8.45 2.38 -9.05
CA ALA B 54 -9.83 2.33 -9.52
C ALA B 54 -10.58 3.63 -9.31
N ASP B 55 -10.02 4.58 -8.55
CA ASP B 55 -10.60 5.90 -8.34
C ASP B 55 -9.85 7.02 -9.06
N LYS B 56 -8.81 6.68 -9.82
CA LYS B 56 -8.03 7.68 -10.54
C LYS B 56 -8.81 8.20 -11.73
N VAL B 57 -8.80 9.51 -11.92
CA VAL B 57 -9.46 10.11 -13.08
C VAL B 57 -8.57 9.91 -14.30
N MET B 58 -9.09 9.22 -15.31
CA MET B 58 -8.35 8.81 -16.49
C MET B 58 -9.05 9.26 -17.77
N PRO B 59 -8.30 9.67 -18.79
CA PRO B 59 -8.90 9.88 -20.12
C PRO B 59 -9.45 8.59 -20.72
N ILE B 60 -10.68 8.66 -21.27
CA ILE B 60 -11.39 7.46 -21.70
C ILE B 60 -11.64 7.41 -23.20
N ALA B 61 -11.52 8.52 -23.94
CA ALA B 61 -11.52 8.53 -25.41
C ALA B 61 -12.74 7.79 -25.95
N SER B 62 -12.57 6.80 -26.85
CA SER B 62 -13.70 6.18 -27.54
C SER B 62 -14.58 5.37 -26.62
N LEU B 63 -14.17 5.14 -25.37
CA LEU B 63 -15.10 4.49 -24.44
C LEU B 63 -16.36 5.32 -24.23
N SER B 64 -16.30 6.63 -24.52
CA SER B 64 -17.47 7.51 -24.51
C SER B 64 -18.59 7.04 -25.43
N LYS B 65 -18.28 6.18 -26.42
CA LYS B 65 -19.31 5.73 -27.34
C LYS B 65 -20.33 4.82 -26.67
N LEU B 66 -19.97 4.18 -25.55
CA LEU B 66 -20.95 3.37 -24.80
C LEU B 66 -22.05 4.24 -24.22
N MET B 67 -21.72 5.45 -23.78
CA MET B 67 -22.75 6.42 -23.39
C MET B 67 -23.57 6.87 -24.60
N THR B 68 -22.92 7.12 -25.72
CA THR B 68 -23.69 7.44 -26.91
C THR B 68 -24.59 6.28 -27.31
N ALA B 69 -24.11 5.04 -27.18
CA ALA B 69 -24.95 3.89 -27.50
C ALA B 69 -26.16 3.82 -26.59
N PHE B 70 -25.95 4.02 -25.29
CA PHE B 70 -27.05 4.02 -24.34
C PHE B 70 -28.13 5.01 -24.79
N LEU B 71 -27.73 6.21 -25.21
CA LEU B 71 -28.70 7.25 -25.52
C LEU B 71 -29.42 6.98 -26.84
N VAL B 72 -28.76 6.30 -27.79
CA VAL B 72 -29.43 5.89 -29.03
C VAL B 72 -30.48 4.84 -28.74
N LEU B 73 -30.13 3.85 -27.91
CA LEU B 73 -31.07 2.81 -27.53
C LEU B 73 -32.26 3.39 -26.75
N GLU B 74 -32.01 4.39 -25.91
CA GLU B 74 -33.12 5.04 -25.20
C GLU B 74 -34.04 5.75 -26.18
N ALA B 75 -33.48 6.38 -27.21
CA ALA B 75 -34.27 7.15 -28.16
C ALA B 75 -35.19 6.25 -28.97
N VAL B 76 -34.66 5.14 -29.46
CA VAL B 76 -35.51 4.18 -30.18
C VAL B 76 -36.63 3.68 -29.28
N ASP B 77 -36.28 3.28 -28.06
CA ASP B 77 -37.28 2.76 -27.12
C ASP B 77 -38.32 3.81 -26.78
N ASN B 78 -37.94 5.09 -26.79
CA ASN B 78 -38.87 6.18 -26.48
C ASN B 78 -39.66 6.65 -27.68
N ASN B 79 -39.47 6.04 -28.85
CA ASN B 79 -40.19 6.42 -30.07
C ASN B 79 -39.72 7.77 -30.59
N GLU B 80 -38.46 8.10 -30.35
CA GLU B 80 -37.89 9.36 -30.78
C GLU B 80 -36.84 9.19 -31.87
N LEU B 81 -36.59 7.97 -32.31
CA LEU B 81 -35.57 7.67 -33.29
C LEU B 81 -35.93 6.36 -33.96
N SER B 82 -35.71 6.28 -35.28
CA SER B 82 -35.96 5.06 -36.03
C SER B 82 -34.63 4.47 -36.48
N TRP B 83 -34.53 3.14 -36.44
CA TRP B 83 -33.35 2.44 -36.95
C TRP B 83 -33.16 2.67 -38.44
N ASP B 84 -34.25 2.92 -39.17
CA ASP B 84 -34.20 3.01 -40.62
C ASP B 84 -34.03 4.43 -41.14
N GLU B 85 -34.06 5.44 -40.28
CA GLU B 85 -33.78 6.79 -40.74
C GLU B 85 -32.38 6.86 -41.36
N LYS B 86 -32.28 7.57 -42.48
CA LYS B 86 -31.03 7.74 -43.19
C LYS B 86 -30.44 9.11 -42.88
N LEU B 87 -29.16 9.14 -42.53
CA LEU B 87 -28.46 10.36 -42.16
C LEU B 87 -27.15 10.45 -42.91
N ASP B 88 -26.74 11.69 -43.21
CA ASP B 88 -25.45 11.96 -43.82
C ASP B 88 -24.41 12.13 -42.72
N LEU B 89 -23.28 11.44 -42.86
CA LEU B 89 -22.22 11.52 -41.87
C LEU B 89 -21.73 12.94 -41.71
N VAL B 90 -21.55 13.36 -40.45
CA VAL B 90 -20.95 14.68 -40.23
C VAL B 90 -19.47 14.62 -40.55
N ARG B 91 -18.89 15.79 -40.82
CA ARG B 91 -17.49 15.90 -41.20
C ARG B 91 -16.65 16.19 -39.97
N LEU B 92 -15.54 15.47 -39.83
CA LEU B 92 -14.65 15.64 -38.70
C LEU B 92 -13.66 16.76 -39.00
N ASP B 93 -13.39 17.60 -37.99
CA ASP B 93 -12.51 18.75 -38.19
C ASP B 93 -11.14 18.32 -38.71
N ASP B 94 -10.69 17.12 -38.33
CA ASP B 94 -9.40 16.64 -38.79
C ASP B 94 -9.56 15.33 -39.56
N PRO B 95 -8.75 15.11 -40.60
CA PRO B 95 -8.90 13.90 -41.41
C PRO B 95 -8.30 12.67 -40.75
N SER B 96 -7.22 12.88 -40.00
CA SER B 96 -6.46 11.80 -39.37
C SER B 96 -7.31 10.92 -38.46
N ALA B 97 -8.52 11.36 -38.10
CA ALA B 97 -9.37 10.56 -37.25
C ALA B 97 -9.94 9.36 -38.02
N VAL B 98 -10.12 8.26 -37.30
CA VAL B 98 -10.75 7.07 -37.85
C VAL B 98 -12.21 7.39 -38.19
N SER B 99 -12.58 7.22 -39.45
CA SER B 99 -13.88 7.67 -39.92
C SER B 99 -14.48 6.67 -40.90
N LEU B 100 -15.80 6.47 -40.78
CA LEU B 100 -16.53 5.60 -41.69
C LEU B 100 -16.50 6.14 -43.11
N TYR B 101 -16.58 7.47 -43.25
CA TYR B 101 -16.59 8.06 -44.58
C TYR B 101 -15.29 7.75 -45.33
N ALA B 102 -14.16 7.91 -44.65
CA ALA B 102 -12.90 7.74 -45.35
C ALA B 102 -12.74 6.31 -45.86
N ILE B 103 -13.20 5.34 -45.06
CA ILE B 103 -12.98 3.94 -45.37
C ILE B 103 -13.89 3.49 -46.51
N THR B 104 -15.03 4.14 -46.68
CA THR B 104 -16.04 3.69 -47.65
C THR B 104 -16.35 4.68 -48.75
N GLN B 105 -16.08 5.97 -48.56
CA GLN B 105 -16.48 7.03 -49.48
C GLN B 105 -17.99 7.15 -49.60
N LYS B 106 -18.74 6.62 -48.64
CA LYS B 106 -20.20 6.65 -48.66
C LYS B 106 -20.68 7.54 -47.54
N ARG B 107 -21.51 8.54 -47.88
CA ARG B 107 -21.92 9.46 -46.83
C ARG B 107 -23.21 9.06 -46.13
N THR B 108 -24.17 8.49 -46.83
CA THR B 108 -25.50 8.26 -46.26
C THR B 108 -25.60 6.85 -45.66
N TRP B 109 -26.00 6.79 -44.40
CA TRP B 109 -26.07 5.54 -43.65
C TRP B 109 -27.29 5.55 -42.75
N SER B 110 -27.94 4.40 -42.63
CA SER B 110 -29.03 4.23 -41.68
C SER B 110 -28.53 4.36 -40.26
N VAL B 111 -29.44 4.74 -39.35
CA VAL B 111 -29.13 4.83 -37.93
C VAL B 111 -28.59 3.49 -37.42
N ARG B 112 -29.12 2.38 -37.95
CA ARG B 112 -28.69 1.05 -37.53
C ARG B 112 -27.22 0.82 -37.84
N ASP B 113 -26.78 1.19 -39.04
CA ASP B 113 -25.39 0.95 -39.43
C ASP B 113 -24.44 1.92 -38.74
N LEU B 114 -24.87 3.17 -38.55
CA LEU B 114 -24.08 4.15 -37.79
C LEU B 114 -23.84 3.66 -36.36
N TYR B 115 -24.88 3.10 -35.74
CA TYR B 115 -24.73 2.49 -34.42
C TYR B 115 -23.78 1.31 -34.49
N SER B 116 -23.96 0.42 -35.47
CA SER B 116 -23.03 -0.70 -35.61
C SER B 116 -21.61 -0.21 -35.80
N ALA B 117 -21.42 0.81 -36.64
CA ALA B 117 -20.06 1.27 -36.94
C ALA B 117 -19.42 1.91 -35.71
N MET B 118 -20.22 2.60 -34.92
CA MET B 118 -19.73 3.16 -33.68
C MET B 118 -19.24 2.06 -32.74
N LEU B 119 -20.01 0.98 -32.61
CA LEU B 119 -19.66 -0.07 -31.67
C LEU B 119 -18.55 -0.99 -32.18
N THR B 120 -18.44 -1.19 -33.49
CA THR B 120 -17.52 -2.19 -34.05
C THR B 120 -16.17 -1.57 -34.37
N MET B 121 -16.12 -0.70 -35.37
CA MET B 121 -14.86 -0.11 -35.79
C MET B 121 -14.53 1.19 -35.06
N SER B 122 -15.39 1.65 -34.14
CA SER B 122 -15.17 2.87 -33.38
C SER B 122 -15.06 4.08 -34.32
N ALA B 123 -15.99 4.16 -35.26
CA ALA B 123 -16.01 5.26 -36.21
C ALA B 123 -16.43 6.55 -35.49
N ASN B 124 -15.55 7.55 -35.49
CA ASN B 124 -15.84 8.80 -34.79
C ASN B 124 -16.97 9.57 -35.46
N ASP B 125 -17.02 9.57 -36.80
CA ASP B 125 -18.01 10.40 -37.48
C ASP B 125 -19.41 9.81 -37.31
N ALA B 126 -19.54 8.48 -37.43
CA ALA B 126 -20.84 7.86 -37.14
C ALA B 126 -21.34 8.25 -35.75
N ALA B 127 -20.45 8.22 -34.75
CA ALA B 127 -20.85 8.57 -33.39
C ALA B 127 -21.30 10.02 -33.30
N GLU B 128 -20.59 10.94 -33.95
CA GLU B 128 -20.98 12.34 -33.91
C GLU B 128 -22.25 12.60 -34.72
N THR B 129 -22.47 11.85 -35.79
CA THR B 129 -23.70 12.01 -36.56
C THR B 129 -24.91 11.62 -35.73
N LEU B 130 -24.77 10.59 -34.90
CA LEU B 130 -25.87 10.14 -34.06
C LEU B 130 -26.12 11.14 -32.94
N GLY B 131 -25.06 11.59 -32.28
CA GLY B 131 -25.19 12.58 -31.24
C GLY B 131 -25.84 13.86 -31.72
N ASP B 132 -25.44 14.32 -32.91
CA ASP B 132 -26.06 15.50 -33.51
C ASP B 132 -27.53 15.26 -33.83
N ARG B 133 -27.87 14.07 -34.33
CA ARG B 133 -29.27 13.76 -34.58
C ARG B 133 -30.09 13.74 -33.29
N LEU B 134 -29.50 13.25 -32.20
CA LEU B 134 -30.24 13.15 -30.93
C LEU B 134 -30.49 14.52 -30.32
N ASP B 135 -29.43 15.28 -30.00
CA ASP B 135 -29.64 16.50 -29.26
C ASP B 135 -28.83 17.69 -29.79
N GLY B 136 -28.32 17.62 -31.01
CA GLY B 136 -27.66 18.77 -31.62
C GLY B 136 -26.39 19.13 -30.86
N ALA B 137 -26.22 20.43 -30.60
CA ALA B 137 -25.08 20.91 -29.83
C ALA B 137 -25.15 20.51 -28.36
N ASP B 138 -26.35 20.27 -27.83
CA ASP B 138 -26.52 19.95 -26.43
C ASP B 138 -26.18 18.50 -26.09
N PHE B 139 -25.69 17.70 -27.03
CA PHE B 139 -25.55 16.28 -26.75
C PHE B 139 -24.60 15.97 -25.59
N PRO B 140 -23.43 16.60 -25.45
CA PRO B 140 -22.58 16.25 -24.29
C PRO B 140 -23.24 16.56 -22.96
N LYS B 141 -24.03 17.63 -22.87
CA LYS B 141 -24.83 17.85 -21.67
C LYS B 141 -25.77 16.68 -21.40
N GLU B 142 -26.36 16.11 -22.46
CA GLU B 142 -27.24 14.96 -22.26
C GLU B 142 -26.45 13.73 -21.82
N MET B 143 -25.24 13.54 -22.37
CA MET B 143 -24.40 12.46 -21.90
C MET B 143 -24.06 12.61 -20.42
N ASN B 144 -23.73 13.83 -19.98
CA ASN B 144 -23.39 14.02 -18.58
C ASN B 144 -24.63 13.99 -17.70
N ASN B 145 -25.77 14.50 -18.18
CA ASN B 145 -27.03 14.29 -17.48
C ASN B 145 -27.28 12.81 -17.25
N GLN B 146 -27.09 12.00 -18.29
CA GLN B 146 -27.29 10.56 -18.18
C GLN B 146 -26.26 9.92 -17.25
N ALA B 147 -25.00 10.36 -17.32
CA ALA B 147 -24.01 9.86 -16.38
C ALA B 147 -24.49 9.99 -14.94
N LYS B 148 -25.08 11.15 -14.59
CA LYS B 148 -25.58 11.37 -13.24
C LYS B 148 -26.70 10.40 -12.91
N LYS B 149 -27.64 10.20 -13.84
CA LYS B 149 -28.75 9.28 -13.61
C LYS B 149 -28.24 7.86 -13.39
N LEU B 150 -27.20 7.49 -14.12
CA LEU B 150 -26.64 6.15 -14.10
C LEU B 150 -25.81 5.89 -12.86
N GLY B 151 -25.68 6.88 -11.99
CA GLY B 151 -24.94 6.72 -10.76
C GLY B 151 -23.46 7.02 -10.89
N MET B 152 -23.01 7.51 -12.03
CA MET B 152 -21.59 7.81 -12.19
C MET B 152 -21.22 9.01 -11.32
N SER B 153 -19.99 9.00 -10.82
CA SER B 153 -19.51 10.05 -9.94
C SER B 153 -19.28 11.34 -10.72
N SER B 154 -19.15 12.44 -9.97
CA SER B 154 -18.85 13.73 -10.58
C SER B 154 -17.42 13.80 -11.12
N LYS B 155 -16.63 12.74 -10.98
CA LYS B 155 -15.33 12.66 -11.62
C LYS B 155 -15.44 12.28 -13.09
N THR B 156 -16.61 11.87 -13.55
CA THR B 156 -16.86 11.58 -14.95
C THR B 156 -17.24 12.86 -15.70
N THR B 157 -16.67 13.03 -16.90
CA THR B 157 -17.08 14.12 -17.78
C THR B 157 -17.00 13.68 -19.23
N PHE B 158 -18.13 13.72 -19.93
CA PHE B 158 -18.16 13.46 -21.35
C PHE B 158 -18.06 14.80 -22.09
N VAL B 159 -17.33 14.82 -23.20
CA VAL B 159 -17.20 16.04 -23.99
C VAL B 159 -17.80 15.92 -25.38
N SER B 160 -17.95 14.71 -25.92
CA SER B 160 -18.49 14.54 -27.27
C SER B 160 -19.03 13.13 -27.38
N ALA B 161 -19.84 12.91 -28.42
CA ALA B 161 -20.40 11.59 -28.68
C ALA B 161 -19.30 10.57 -28.98
N SER B 162 -18.25 10.98 -29.69
CA SER B 162 -17.22 10.03 -30.09
C SER B 162 -16.11 9.88 -29.05
N GLY B 163 -15.92 10.86 -28.19
CA GLY B 163 -14.77 10.86 -27.32
C GLY B 163 -13.60 11.68 -27.82
N LEU B 164 -13.72 12.29 -29.00
CA LEU B 164 -12.70 13.23 -29.43
C LEU B 164 -12.74 14.47 -28.53
N ASP B 165 -11.55 15.03 -28.28
CA ASP B 165 -11.42 16.28 -27.53
C ASP B 165 -12.27 17.38 -28.15
N VAL B 166 -12.79 18.26 -27.30
CA VAL B 166 -13.54 19.45 -27.72
C VAL B 166 -13.00 20.63 -26.93
N ASP B 167 -12.54 21.67 -27.63
CA ASP B 167 -11.99 22.88 -27.02
C ASP B 167 -10.87 22.54 -26.04
N GLY B 168 -10.08 21.52 -26.37
CA GLY B 168 -8.96 21.11 -25.55
C GLY B 168 -9.34 20.30 -24.34
N LYS B 169 -10.62 20.02 -24.15
CA LYS B 169 -11.13 19.26 -23.02
C LYS B 169 -11.31 17.80 -23.43
N SER B 170 -10.86 16.89 -22.57
CA SER B 170 -10.92 15.46 -22.83
C SER B 170 -11.99 14.79 -21.98
N ALA B 171 -12.57 13.72 -22.53
CA ALA B 171 -13.48 12.90 -21.75
C ALA B 171 -12.70 12.08 -20.74
N VAL B 172 -13.19 12.04 -19.49
CA VAL B 172 -12.50 11.39 -18.40
C VAL B 172 -13.52 10.67 -17.51
N SER B 173 -13.05 9.65 -16.81
CA SER B 173 -13.84 8.88 -15.85
C SER B 173 -12.87 8.04 -15.03
N THR B 174 -13.44 7.14 -14.21
CA THR B 174 -12.69 6.17 -13.43
C THR B 174 -13.21 4.78 -13.78
N THR B 175 -12.45 3.74 -13.40
CA THR B 175 -12.92 2.37 -13.65
C THR B 175 -14.23 2.10 -12.90
N LYS B 176 -14.37 2.61 -11.67
CA LYS B 176 -15.62 2.41 -10.94
C LYS B 176 -16.80 3.00 -11.69
N ASP B 177 -16.67 4.25 -12.14
CA ASP B 177 -17.75 4.86 -12.92
C ASP B 177 -18.01 4.09 -14.20
N LEU B 178 -16.93 3.73 -14.91
CA LEU B 178 -17.09 2.98 -16.15
C LEU B 178 -17.79 1.65 -15.91
N PHE B 179 -17.58 1.04 -14.75
CA PHE B 179 -18.34 -0.17 -14.43
C PHE B 179 -19.82 0.15 -14.25
N LEU B 180 -20.12 1.26 -13.59
CA LEU B 180 -21.52 1.66 -13.44
C LEU B 180 -22.17 1.84 -14.81
N LEU B 181 -21.54 2.61 -15.69
CA LEU B 181 -22.11 2.87 -17.01
C LEU B 181 -22.32 1.57 -17.78
N SER B 182 -21.31 0.71 -17.80
CA SER B 182 -21.37 -0.54 -18.55
C SER B 182 -22.45 -1.46 -17.99
N SER B 183 -22.44 -1.67 -16.67
CA SER B 183 -23.44 -2.54 -16.07
C SER B 183 -24.85 -2.05 -16.37
N LYS B 184 -25.07 -0.75 -16.25
CA LYS B 184 -26.42 -0.26 -16.47
C LYS B 184 -26.81 -0.29 -17.94
N LEU B 185 -25.85 -0.08 -18.85
CA LEU B 185 -26.13 -0.26 -20.27
C LEU B 185 -26.52 -1.71 -20.56
N ILE B 186 -25.75 -2.67 -20.03
CA ILE B 186 -26.02 -4.09 -20.30
C ILE B 186 -27.39 -4.48 -19.73
N SER B 187 -27.70 -4.06 -18.51
CA SER B 187 -28.97 -4.49 -17.91
C SER B 187 -30.15 -3.74 -18.52
N THR B 188 -29.99 -2.47 -18.86
CA THR B 188 -31.09 -1.74 -19.47
C THR B 188 -31.30 -2.18 -20.91
N HIS B 189 -30.21 -2.39 -21.67
CA HIS B 189 -30.29 -2.76 -23.09
C HIS B 189 -29.43 -3.99 -23.35
N PRO B 190 -29.86 -5.18 -22.93
CA PRO B 190 -29.02 -6.36 -23.15
C PRO B 190 -28.74 -6.63 -24.62
N GLU B 191 -29.57 -6.12 -25.53
CA GLU B 191 -29.37 -6.34 -26.96
C GLU B 191 -28.10 -5.66 -27.49
N VAL B 192 -27.54 -4.71 -26.76
CA VAL B 192 -26.26 -4.12 -27.17
C VAL B 192 -25.22 -5.22 -27.39
N LEU B 193 -25.33 -6.31 -26.62
CA LEU B 193 -24.38 -7.41 -26.75
C LEU B 193 -24.57 -8.20 -28.04
N GLU B 194 -25.74 -8.11 -28.67
CA GLU B 194 -25.91 -8.72 -29.99
C GLU B 194 -24.99 -8.09 -31.02
N THR B 195 -24.69 -6.80 -30.88
CA THR B 195 -23.76 -6.15 -31.78
C THR B 195 -22.31 -6.30 -31.33
N THR B 196 -22.02 -6.01 -30.06
CA THR B 196 -20.62 -6.01 -29.63
C THR B 196 -20.01 -7.40 -29.62
N SER B 197 -20.82 -8.46 -29.66
CA SER B 197 -20.28 -9.83 -29.68
C SER B 197 -19.87 -10.30 -31.07
N LYS B 198 -20.16 -9.53 -32.11
CA LYS B 198 -19.93 -9.97 -33.49
C LYS B 198 -18.55 -9.50 -33.97
N PRO B 199 -17.63 -10.41 -34.31
CA PRO B 199 -16.34 -9.96 -34.88
C PRO B 199 -16.50 -9.11 -36.12
N THR B 200 -17.54 -9.34 -36.92
CA THR B 200 -17.85 -8.53 -38.09
C THR B 200 -19.36 -8.33 -38.15
N VAL B 201 -19.78 -7.08 -38.33
CA VAL B 201 -21.19 -6.80 -38.56
C VAL B 201 -21.36 -6.48 -40.03
N THR B 202 -22.25 -7.22 -40.69
CA THR B 202 -22.57 -7.00 -42.09
C THR B 202 -23.88 -6.23 -42.15
N THR B 203 -23.85 -5.08 -42.82
CA THR B 203 -25.06 -4.31 -43.00
C THR B 203 -25.99 -5.01 -44.01
N ASP B 204 -27.27 -4.65 -43.93
CA ASP B 204 -28.24 -5.20 -44.86
C ASP B 204 -27.75 -5.11 -46.30
N LYS B 205 -27.05 -4.03 -46.63
CA LYS B 205 -26.57 -3.78 -47.99
C LYS B 205 -25.17 -4.31 -48.26
N GLY B 206 -24.57 -5.03 -47.32
CA GLY B 206 -23.36 -5.78 -47.59
C GLY B 206 -22.06 -5.19 -47.09
N ALA B 207 -22.09 -4.04 -46.43
CA ALA B 207 -20.87 -3.46 -45.88
C ALA B 207 -20.45 -4.24 -44.63
N LYS B 208 -19.17 -4.56 -44.55
CA LYS B 208 -18.63 -5.37 -43.46
C LYS B 208 -17.88 -4.44 -42.50
N LEU B 209 -18.39 -4.33 -41.28
CA LEU B 209 -17.77 -3.50 -40.25
C LEU B 209 -17.02 -4.42 -39.30
N GLU B 210 -15.69 -4.27 -39.28
CA GLU B 210 -14.82 -5.14 -38.50
C GLU B 210 -14.66 -4.61 -37.08
N SER B 211 -14.82 -5.50 -36.10
CA SER B 211 -14.69 -5.12 -34.71
C SER B 211 -13.24 -4.89 -34.33
N THR B 212 -13.02 -3.96 -33.40
CA THR B 212 -11.71 -3.76 -32.77
C THR B 212 -11.49 -4.66 -31.55
N ASN B 213 -12.53 -5.38 -31.11
CA ASN B 213 -12.41 -6.29 -29.97
C ASN B 213 -11.74 -7.56 -30.44
N ASP B 214 -10.42 -7.63 -30.26
CA ASP B 214 -9.65 -8.77 -30.72
C ASP B 214 -9.83 -10.01 -29.87
N LEU B 215 -10.52 -9.91 -28.73
CA LEU B 215 -10.67 -11.05 -27.85
C LEU B 215 -11.91 -11.89 -28.15
N LEU B 216 -12.80 -11.42 -29.01
CA LEU B 216 -13.99 -12.19 -29.36
C LEU B 216 -13.60 -13.54 -29.93
N GLY B 217 -14.13 -14.62 -29.35
CA GLY B 217 -13.79 -15.95 -29.78
C GLY B 217 -12.57 -16.57 -29.12
N SER B 218 -11.86 -15.83 -28.27
CA SER B 218 -10.67 -16.33 -27.57
C SER B 218 -10.93 -16.61 -26.09
N ILE B 219 -11.75 -15.79 -25.46
CA ILE B 219 -12.23 -16.01 -24.11
C ILE B 219 -13.66 -16.50 -24.22
N GLN B 220 -13.92 -17.72 -23.77
CA GLN B 220 -15.26 -18.25 -23.91
C GLN B 220 -16.25 -17.42 -23.09
N GLY B 221 -17.41 -17.14 -23.68
CA GLY B 221 -18.40 -16.35 -22.99
C GLY B 221 -18.22 -14.86 -23.10
N LEU B 222 -17.14 -14.38 -23.73
CA LEU B 222 -16.90 -12.94 -23.86
C LEU B 222 -17.75 -12.36 -24.99
N ASP B 223 -18.48 -11.28 -24.71
CA ASP B 223 -19.43 -10.72 -25.67
C ASP B 223 -19.35 -9.20 -25.81
N GLY B 224 -18.36 -8.55 -25.21
CA GLY B 224 -18.23 -7.10 -25.32
C GLY B 224 -16.96 -6.68 -24.63
N LEU B 225 -16.74 -5.36 -24.51
CA LEU B 225 -17.71 -4.30 -24.82
C LEU B 225 -17.20 -3.19 -25.79
N LYS B 226 -16.02 -2.60 -25.53
CA LYS B 226 -15.57 -1.43 -26.28
C LYS B 226 -14.08 -1.15 -26.06
N THR B 227 -13.37 -0.85 -27.16
CA THR B 227 -11.97 -0.42 -27.12
C THR B 227 -11.88 1.11 -27.19
N GLY B 228 -10.67 1.61 -26.90
CA GLY B 228 -10.36 3.02 -27.07
C GLY B 228 -8.86 3.23 -27.13
N PHE B 229 -8.45 4.30 -27.82
CA PHE B 229 -7.05 4.69 -27.84
C PHE B 229 -6.93 6.18 -28.16
N THR B 230 -6.04 6.85 -27.43
CA THR B 230 -5.38 8.07 -27.85
C THR B 230 -3.97 8.04 -27.28
N ASP B 231 -3.11 8.91 -27.79
CA ASP B 231 -1.76 8.99 -27.22
C ASP B 231 -1.82 9.22 -25.71
N GLU B 232 -2.73 10.07 -25.26
CA GLU B 232 -2.83 10.36 -23.84
C GLU B 232 -3.54 9.25 -23.08
N ALA B 233 -4.58 8.66 -23.66
CA ALA B 233 -5.32 7.62 -22.97
C ALA B 233 -4.60 6.27 -22.98
N GLY B 234 -3.60 6.08 -23.84
CA GLY B 234 -3.12 4.72 -24.02
C GLY B 234 -4.21 3.82 -24.63
N TYR B 235 -3.93 2.52 -24.59
CA TYR B 235 -4.84 1.51 -25.14
C TYR B 235 -5.79 1.02 -24.05
N CYS B 236 -7.09 1.11 -24.30
CA CYS B 236 -8.10 0.84 -23.29
C CYS B 236 -9.08 -0.20 -23.79
N PHE B 237 -9.71 -0.90 -22.85
CA PHE B 237 -10.72 -1.89 -23.22
C PHE B 237 -11.61 -2.16 -22.02
N ILE B 238 -12.93 -2.14 -22.26
CA ILE B 238 -13.90 -2.65 -21.31
C ILE B 238 -14.43 -3.95 -21.88
N GLY B 239 -14.22 -5.04 -21.15
CA GLY B 239 -14.71 -6.34 -21.56
C GLY B 239 -15.83 -6.85 -20.68
N THR B 240 -16.63 -7.78 -21.19
CA THR B 240 -17.65 -8.43 -20.38
C THR B 240 -17.84 -9.84 -20.91
N ALA B 241 -18.09 -10.76 -19.98
CA ALA B 241 -18.23 -12.17 -20.28
C ALA B 241 -19.23 -12.75 -19.30
N GLU B 242 -20.01 -13.71 -19.78
CA GLU B 242 -20.97 -14.38 -18.93
C GLU B 242 -20.78 -15.88 -19.10
N ARG B 243 -20.70 -16.60 -17.98
CA ARG B 243 -20.73 -18.06 -18.00
C ARG B 243 -21.60 -18.55 -16.85
N GLY B 244 -22.54 -19.43 -17.15
CA GLY B 244 -23.39 -19.99 -16.12
C GLY B 244 -24.14 -18.95 -15.32
N GLY B 245 -24.59 -17.88 -15.97
CA GLY B 245 -25.34 -16.86 -15.29
C GLY B 245 -24.51 -15.83 -14.55
N LYS B 246 -23.20 -16.03 -14.43
CA LYS B 246 -22.31 -15.07 -13.79
C LYS B 246 -21.69 -14.20 -14.88
N ARG B 247 -21.93 -12.89 -14.81
CA ARG B 247 -21.35 -11.94 -15.74
C ARG B 247 -20.30 -11.10 -15.01
N VAL B 248 -19.15 -10.91 -15.63
CA VAL B 248 -18.16 -9.99 -15.12
C VAL B 248 -17.99 -8.87 -16.14
N ILE B 249 -17.50 -7.74 -15.65
CA ILE B 249 -17.11 -6.63 -16.50
C ILE B 249 -15.72 -6.21 -16.07
N SER B 250 -14.78 -6.20 -17.01
CA SER B 250 -13.42 -5.70 -16.74
C SER B 250 -13.20 -4.35 -17.40
N ILE B 251 -12.27 -3.58 -16.83
CA ILE B 251 -11.90 -2.27 -17.32
C ILE B 251 -10.39 -2.17 -17.34
N VAL B 252 -9.83 -1.81 -18.50
CA VAL B 252 -8.39 -1.67 -18.70
C VAL B 252 -8.16 -0.27 -19.26
N LEU B 253 -7.32 0.52 -18.57
CA LEU B 253 -7.08 1.90 -18.95
C LEU B 253 -5.58 2.13 -19.09
N ASP B 254 -5.17 2.62 -20.26
CA ASP B 254 -3.79 3.08 -20.50
C ASP B 254 -2.79 1.93 -20.53
N ALA B 255 -3.13 0.89 -21.28
CA ALA B 255 -2.14 -0.16 -21.51
C ALA B 255 -1.17 0.29 -22.61
N GLY B 256 -0.04 -0.42 -22.71
CA GLY B 256 1.05 0.10 -23.50
C GLY B 256 1.01 -0.23 -24.97
N THR B 257 0.26 -1.26 -25.36
CA THR B 257 0.11 -1.62 -26.77
C THR B 257 -1.32 -2.05 -27.02
N ALA B 258 -1.67 -2.12 -28.30
CA ALA B 258 -2.99 -2.60 -28.70
C ALA B 258 -3.23 -4.04 -28.23
N GLU B 259 -2.17 -4.84 -28.11
CA GLU B 259 -2.29 -6.22 -27.69
C GLU B 259 -2.23 -6.38 -26.18
N LYS B 260 -1.51 -5.50 -25.48
CA LYS B 260 -1.38 -5.62 -24.03
C LYS B 260 -2.71 -5.38 -23.33
N ARG B 261 -3.59 -4.56 -23.90
CA ARG B 261 -4.87 -4.32 -23.24
C ARG B 261 -5.71 -5.58 -23.21
N PHE B 262 -5.49 -6.47 -24.17
CA PHE B 262 -6.17 -7.76 -24.15
C PHE B 262 -5.44 -8.77 -23.27
N LYS B 263 -4.10 -8.81 -23.31
CA LYS B 263 -3.37 -9.62 -22.33
C LYS B 263 -3.81 -9.28 -20.90
N ASP B 264 -3.99 -7.99 -20.61
CA ASP B 264 -4.48 -7.56 -19.31
C ASP B 264 -5.88 -8.10 -19.04
N THR B 265 -6.73 -8.06 -20.06
CA THR B 265 -8.12 -8.49 -19.87
C THR B 265 -8.22 -9.99 -19.61
N GLU B 266 -7.38 -10.80 -20.28
CA GLU B 266 -7.35 -12.23 -20.01
C GLU B 266 -7.11 -12.51 -18.52
N LYS B 267 -6.11 -11.83 -17.92
CA LYS B 267 -5.83 -12.01 -16.50
C LYS B 267 -7.01 -11.57 -15.65
N LEU B 268 -7.66 -10.45 -16.01
CA LEU B 268 -8.80 -9.99 -15.24
C LEU B 268 -10.00 -10.92 -15.40
N MET B 269 -10.22 -11.43 -16.62
CA MET B 269 -11.30 -12.40 -16.81
C MET B 269 -11.05 -13.66 -15.98
N GLU B 270 -9.78 -14.08 -15.87
CA GLU B 270 -9.47 -15.26 -15.08
C GLU B 270 -9.70 -15.04 -13.59
N VAL B 271 -9.42 -13.84 -13.08
CA VAL B 271 -9.75 -13.53 -11.70
C VAL B 271 -11.28 -13.47 -11.52
N GLY B 272 -11.98 -12.92 -12.51
CA GLY B 272 -13.43 -12.76 -12.39
C GLY B 272 -14.19 -14.07 -12.30
N PHE B 273 -13.65 -15.14 -12.89
CA PHE B 273 -14.35 -16.43 -12.90
C PHE B 273 -13.68 -17.47 -12.00
N LYS B 274 -12.78 -17.06 -11.12
CA LYS B 274 -12.10 -18.00 -10.25
C LYS B 274 -13.12 -18.74 -9.39
N GLN C 28 23.60 4.03 -50.95
CA GLN C 28 24.13 4.09 -49.60
C GLN C 28 25.50 4.80 -49.56
N PRO C 29 25.81 5.45 -48.44
CA PRO C 29 27.06 6.22 -48.34
C PRO C 29 28.31 5.36 -48.35
N ASN C 30 29.47 5.96 -48.08
CA ASN C 30 30.73 5.23 -47.95
C ASN C 30 31.31 5.51 -46.56
N LEU C 31 31.04 4.61 -45.62
CA LEU C 31 31.58 4.69 -44.27
C LEU C 31 32.82 3.82 -44.17
N TYR C 32 33.64 4.11 -43.16
CA TYR C 32 34.83 3.33 -42.85
C TYR C 32 34.67 2.87 -41.40
N LEU C 33 33.87 1.83 -41.23
CA LEU C 33 33.60 1.30 -39.90
C LEU C 33 34.70 0.35 -39.46
N SER C 34 34.88 0.27 -38.14
CA SER C 34 35.69 -0.81 -37.58
C SER C 34 34.99 -2.16 -37.72
N ALA C 35 33.66 -2.16 -37.62
CA ALA C 35 32.86 -3.39 -37.67
C ALA C 35 33.09 -4.16 -38.96
N ASN C 36 33.07 -5.49 -38.86
CA ASN C 36 33.11 -6.31 -40.06
C ASN C 36 31.74 -6.52 -40.68
N ALA C 37 30.66 -6.37 -39.92
CA ALA C 37 29.32 -6.38 -40.47
C ALA C 37 28.52 -5.30 -39.77
N ALA C 38 27.77 -4.53 -40.53
CA ALA C 38 27.06 -3.38 -39.94
C ALA C 38 25.88 -3.02 -40.82
N ALA C 39 24.88 -2.38 -40.20
CA ALA C 39 23.70 -1.93 -40.92
C ALA C 39 22.92 -0.97 -40.04
N VAL C 40 22.06 -0.18 -40.68
CA VAL C 40 21.08 0.62 -39.96
C VAL C 40 19.81 0.62 -40.79
N TYR C 41 18.67 0.46 -40.11
CA TYR C 41 17.38 0.30 -40.75
C TYR C 41 16.37 1.27 -40.17
N SER C 42 15.45 1.71 -41.02
CA SER C 42 14.27 2.44 -40.57
C SER C 42 13.25 1.44 -40.03
N VAL C 43 12.68 1.74 -38.86
CA VAL C 43 11.70 0.82 -38.32
C VAL C 43 10.40 0.87 -39.11
N GLU C 44 10.09 2.01 -39.74
CA GLU C 44 8.77 2.21 -40.34
C GLU C 44 8.52 1.23 -41.48
N ASN C 45 9.44 1.16 -42.44
CA ASN C 45 9.30 0.26 -43.56
C ASN C 45 10.36 -0.84 -43.55
N GLY C 46 11.19 -0.92 -42.52
CA GLY C 46 12.24 -1.91 -42.49
C GLY C 46 13.34 -1.71 -43.51
N GLU C 47 13.40 -0.56 -44.18
CA GLU C 47 14.36 -0.38 -45.26
C GLU C 47 15.77 -0.20 -44.72
N ALA C 48 16.72 -0.78 -45.46
CA ALA C 48 18.12 -0.63 -45.15
C ALA C 48 18.61 0.76 -45.55
N LEU C 49 19.26 1.45 -44.62
CA LEU C 49 19.85 2.76 -44.93
C LEU C 49 21.35 2.68 -45.13
N TYR C 50 21.97 1.62 -44.63
CA TYR C 50 23.35 1.26 -44.91
C TYR C 50 23.46 -0.22 -44.60
N GLU C 51 24.25 -0.95 -45.38
CA GLU C 51 24.43 -2.38 -45.14
C GLU C 51 25.84 -2.79 -45.54
N GLN C 52 26.48 -3.55 -44.67
CA GLN C 52 27.81 -4.08 -44.95
C GLN C 52 27.85 -5.51 -44.39
N ASN C 53 27.98 -6.49 -45.29
CA ASN C 53 27.97 -7.91 -44.90
C ASN C 53 26.73 -8.26 -44.08
N ALA C 54 25.59 -7.76 -44.55
CA ALA C 54 24.33 -7.89 -43.81
C ALA C 54 23.78 -9.30 -43.81
N ASP C 55 24.26 -10.17 -44.70
CA ASP C 55 23.83 -11.56 -44.74
C ASP C 55 24.89 -12.52 -44.18
N LYS C 56 25.99 -12.01 -43.67
CA LYS C 56 27.07 -12.85 -43.16
C LYS C 56 26.74 -13.35 -41.77
N VAL C 57 27.00 -14.63 -41.52
CA VAL C 57 26.77 -15.21 -40.21
C VAL C 57 27.87 -14.76 -39.25
N MET C 58 27.48 -14.16 -38.13
CA MET C 58 28.40 -13.59 -37.16
C MET C 58 28.07 -14.06 -35.75
N PRO C 59 29.07 -14.34 -34.90
CA PRO C 59 28.76 -14.62 -33.49
C PRO C 59 28.20 -13.38 -32.83
N ILE C 60 27.21 -13.56 -31.94
CA ILE C 60 26.47 -12.44 -31.40
C ILE C 60 26.52 -12.34 -29.87
N ALA C 61 27.04 -13.35 -29.17
CA ALA C 61 27.39 -13.24 -27.75
C ALA C 61 26.20 -12.66 -26.98
N SER C 62 26.40 -11.60 -26.20
CA SER C 62 25.42 -11.09 -25.24
C SER C 62 24.18 -10.52 -25.91
N LEU C 63 24.24 -10.27 -27.21
CA LEU C 63 23.02 -9.86 -27.89
C LEU C 63 21.92 -10.90 -27.77
N SER C 64 22.29 -12.15 -27.42
CA SER C 64 21.33 -13.20 -27.15
C SER C 64 20.36 -12.82 -26.04
N LYS C 65 20.76 -11.90 -25.16
CA LYS C 65 19.94 -11.45 -24.04
C LYS C 65 18.72 -10.65 -24.49
N LEU C 66 18.68 -10.18 -25.74
CA LEU C 66 17.47 -9.56 -26.26
C LEU C 66 16.37 -10.58 -26.49
N MET C 67 16.73 -11.78 -26.99
CA MET C 67 15.75 -12.86 -27.07
C MET C 67 15.25 -13.26 -25.70
N THR C 68 16.17 -13.42 -24.73
CA THR C 68 15.75 -13.74 -23.36
C THR C 68 14.79 -12.69 -22.81
N ALA C 69 15.15 -11.41 -23.00
CA ALA C 69 14.25 -10.31 -22.63
C ALA C 69 12.89 -10.43 -23.30
N PHE C 70 12.87 -10.75 -24.59
CA PHE C 70 11.60 -10.91 -25.27
C PHE C 70 10.76 -11.99 -24.60
N LEU C 71 11.40 -13.11 -24.24
CA LEU C 71 10.64 -14.25 -23.70
C LEU C 71 10.17 -13.98 -22.27
N VAL C 72 10.98 -13.28 -21.47
CA VAL C 72 10.56 -12.83 -20.15
C VAL C 72 9.32 -11.95 -20.26
N LEU C 73 9.38 -10.96 -21.16
CA LEU C 73 8.26 -10.04 -21.30
C LEU C 73 7.02 -10.76 -21.76
N GLU C 74 7.17 -11.69 -22.71
CA GLU C 74 6.06 -12.53 -23.15
C GLU C 74 5.46 -13.31 -21.97
N ALA C 75 6.32 -13.94 -21.17
CA ALA C 75 5.82 -14.74 -20.06
C ALA C 75 5.03 -13.90 -19.07
N VAL C 76 5.50 -12.69 -18.75
CA VAL C 76 4.79 -11.85 -17.80
C VAL C 76 3.43 -11.46 -18.38
N ASP C 77 3.40 -11.08 -19.65
CA ASP C 77 2.14 -10.73 -20.29
C ASP C 77 1.21 -11.93 -20.40
N ASN C 78 1.77 -13.14 -20.45
CA ASN C 78 0.96 -14.36 -20.57
C ASN C 78 0.60 -14.96 -19.22
N ASN C 79 0.84 -14.23 -18.13
CA ASN C 79 0.51 -14.68 -16.78
C ASN C 79 1.28 -15.95 -16.41
N GLU C 80 2.49 -16.10 -16.94
CA GLU C 80 3.33 -17.26 -16.67
C GLU C 80 4.49 -16.93 -15.76
N LEU C 81 4.68 -15.66 -15.43
CA LEU C 81 5.85 -15.20 -14.72
C LEU C 81 5.47 -13.91 -14.01
N SER C 82 5.97 -13.74 -12.79
CA SER C 82 5.70 -12.57 -11.96
C SER C 82 6.98 -11.76 -11.78
N TRP C 83 6.85 -10.42 -11.79
CA TRP C 83 8.02 -9.56 -11.64
C TRP C 83 8.66 -9.68 -10.26
N ASP C 84 7.88 -10.09 -9.25
CA ASP C 84 8.35 -10.07 -7.88
C ASP C 84 8.80 -11.44 -7.37
N GLU C 85 8.59 -12.52 -8.14
CA GLU C 85 9.19 -13.81 -7.84
C GLU C 85 10.68 -13.66 -7.52
N LYS C 86 11.11 -14.32 -6.45
CA LYS C 86 12.52 -14.38 -6.07
C LYS C 86 13.14 -15.66 -6.61
N LEU C 87 14.32 -15.52 -7.22
CA LEU C 87 15.06 -16.63 -7.81
C LEU C 87 16.50 -16.62 -7.29
N ASP C 88 17.09 -17.81 -7.15
CA ASP C 88 18.48 -17.91 -6.72
C ASP C 88 19.38 -17.86 -7.94
N LEU C 89 20.39 -16.99 -7.90
CA LEU C 89 21.32 -16.85 -9.00
C LEU C 89 22.08 -18.15 -9.23
N VAL C 90 22.05 -18.65 -10.47
CA VAL C 90 22.85 -19.82 -10.82
C VAL C 90 24.33 -19.45 -10.76
N ARG C 91 25.16 -20.43 -10.44
CA ARG C 91 26.61 -20.23 -10.41
C ARG C 91 27.20 -20.57 -11.77
N LEU C 92 27.92 -19.61 -12.34
CA LEU C 92 28.56 -19.82 -13.63
C LEU C 92 29.76 -20.75 -13.48
N ASP C 93 30.05 -21.49 -14.56
CA ASP C 93 31.17 -22.41 -14.51
C ASP C 93 32.50 -21.68 -14.37
N ASP C 94 32.56 -20.43 -14.81
CA ASP C 94 33.71 -19.57 -14.59
C ASP C 94 33.35 -18.52 -13.56
N PRO C 95 33.87 -18.61 -12.33
CA PRO C 95 33.55 -17.60 -11.31
C PRO C 95 34.09 -16.20 -11.64
N SER C 96 34.98 -16.08 -12.62
CA SER C 96 35.47 -14.77 -13.07
C SER C 96 34.55 -14.14 -14.11
N ALA C 97 33.62 -14.90 -14.67
CA ALA C 97 32.69 -14.35 -15.64
C ALA C 97 31.91 -13.19 -15.03
N VAL C 98 31.59 -12.21 -15.87
CA VAL C 98 30.88 -11.03 -15.37
C VAL C 98 29.51 -11.49 -14.87
N SER C 99 29.26 -11.21 -13.60
CA SER C 99 28.10 -11.75 -12.92
C SER C 99 27.56 -10.70 -11.95
N LEU C 100 26.25 -10.77 -11.73
CA LEU C 100 25.61 -9.96 -10.70
C LEU C 100 26.12 -10.33 -9.32
N TYR C 101 26.37 -11.62 -9.08
CA TYR C 101 26.84 -12.06 -7.77
C TYR C 101 28.22 -11.49 -7.43
N ALA C 102 29.11 -11.39 -8.42
CA ALA C 102 30.47 -10.97 -8.11
C ALA C 102 30.51 -9.56 -7.54
N ILE C 103 29.66 -8.67 -8.03
CA ILE C 103 29.69 -7.27 -7.62
C ILE C 103 28.73 -6.97 -6.48
N THR C 104 27.83 -7.88 -6.13
CA THR C 104 26.91 -7.64 -5.03
C THR C 104 27.06 -8.63 -3.89
N GLN C 105 27.53 -9.84 -4.17
CA GLN C 105 27.55 -10.94 -3.21
C GLN C 105 26.14 -11.28 -2.72
N LYS C 106 25.13 -11.01 -3.54
CA LYS C 106 23.74 -11.31 -3.22
C LYS C 106 23.27 -12.45 -4.11
N ARG C 107 22.70 -13.48 -3.50
CA ARG C 107 22.32 -14.68 -4.22
C ARG C 107 20.92 -14.61 -4.82
N THR C 108 19.97 -13.93 -4.17
CA THR C 108 18.56 -14.03 -4.51
C THR C 108 18.00 -12.67 -4.91
N TRP C 109 17.31 -12.63 -6.05
CA TRP C 109 16.84 -11.37 -6.64
C TRP C 109 15.46 -11.59 -7.27
N SER C 110 14.70 -10.51 -7.37
CA SER C 110 13.42 -10.55 -8.05
C SER C 110 13.62 -10.76 -9.56
N VAL C 111 12.59 -11.28 -10.22
CA VAL C 111 12.63 -11.39 -11.67
C VAL C 111 12.88 -10.02 -12.29
N ARG C 112 12.27 -8.98 -11.72
CA ARG C 112 12.48 -7.61 -12.20
C ARG C 112 13.95 -7.23 -12.14
N ASP C 113 14.60 -7.51 -11.02
CA ASP C 113 16.01 -7.13 -10.86
C ASP C 113 16.92 -7.98 -11.73
N LEU C 114 16.58 -9.24 -11.96
CA LEU C 114 17.36 -10.08 -12.86
C LEU C 114 17.24 -9.58 -14.30
N TYR C 115 16.01 -9.28 -14.72
CA TYR C 115 15.77 -8.66 -16.02
C TYR C 115 16.64 -7.41 -16.21
N SER C 116 16.63 -6.49 -15.22
CA SER C 116 17.40 -5.26 -15.34
C SER C 116 18.91 -5.53 -15.38
N ALA C 117 19.39 -6.44 -14.53
CA ALA C 117 20.81 -6.77 -14.53
C ALA C 117 21.24 -7.33 -15.87
N MET C 118 20.39 -8.16 -16.48
CA MET C 118 20.66 -8.70 -17.80
C MET C 118 20.85 -7.60 -18.82
N LEU C 119 19.95 -6.61 -18.83
CA LEU C 119 19.95 -5.59 -19.88
C LEU C 119 20.90 -4.42 -19.61
N THR C 120 21.32 -4.19 -18.37
CA THR C 120 22.19 -3.05 -18.08
C THR C 120 23.66 -3.45 -18.06
N MET C 121 24.04 -4.27 -17.09
CA MET C 121 25.42 -4.69 -16.96
C MET C 121 25.74 -5.96 -17.76
N SER C 122 24.75 -6.55 -18.42
CA SER C 122 24.92 -7.79 -19.18
C SER C 122 25.39 -8.93 -18.26
N ALA C 123 24.71 -9.10 -17.14
CA ALA C 123 25.04 -10.18 -16.21
C ALA C 123 24.69 -11.53 -16.83
N ASN C 124 25.71 -12.37 -17.05
CA ASN C 124 25.48 -13.71 -17.59
C ASN C 124 24.69 -14.57 -16.61
N ASP C 125 24.97 -14.46 -15.32
CA ASP C 125 24.24 -15.28 -14.37
C ASP C 125 22.77 -14.88 -14.30
N ALA C 126 22.49 -13.57 -14.38
CA ALA C 126 21.09 -13.15 -14.34
C ALA C 126 20.31 -13.71 -15.51
N ALA C 127 20.92 -13.71 -16.70
CA ALA C 127 20.24 -14.21 -17.88
C ALA C 127 20.00 -15.72 -17.77
N GLU C 128 21.03 -16.47 -17.36
CA GLU C 128 20.89 -17.92 -17.23
C GLU C 128 19.81 -18.29 -16.22
N THR C 129 19.73 -17.53 -15.12
CA THR C 129 18.69 -17.75 -14.14
C THR C 129 17.31 -17.61 -14.77
N LEU C 130 17.12 -16.59 -15.60
CA LEU C 130 15.81 -16.32 -16.18
C LEU C 130 15.42 -17.40 -17.18
N GLY C 131 16.37 -17.81 -18.04
CA GLY C 131 16.08 -18.86 -18.99
C GLY C 131 15.77 -20.18 -18.29
N ASP C 132 16.50 -20.46 -17.20
CA ASP C 132 16.22 -21.67 -16.45
C ASP C 132 14.83 -21.64 -15.83
N ARG C 133 14.41 -20.49 -15.30
CA ARG C 133 13.06 -20.36 -14.76
C ARG C 133 12.00 -20.61 -15.83
N LEU C 134 12.26 -20.14 -17.04
CA LEU C 134 11.23 -20.18 -18.09
C LEU C 134 11.11 -21.56 -18.73
N ASP C 135 12.24 -22.22 -19.03
CA ASP C 135 12.17 -23.48 -19.76
C ASP C 135 13.33 -24.41 -19.42
N GLY C 136 13.94 -24.24 -18.26
CA GLY C 136 14.99 -25.10 -17.80
C GLY C 136 16.11 -25.20 -18.83
N ALA C 137 16.74 -26.36 -18.86
CA ALA C 137 17.83 -26.58 -19.80
C ALA C 137 17.34 -26.57 -21.25
N ASP C 138 16.04 -26.62 -21.48
CA ASP C 138 15.47 -26.57 -22.83
C ASP C 138 15.28 -25.16 -23.37
N PHE C 139 15.62 -24.13 -22.58
CA PHE C 139 15.36 -22.77 -23.01
C PHE C 139 15.92 -22.43 -24.39
N PRO C 140 17.15 -22.80 -24.77
CA PRO C 140 17.60 -22.50 -26.14
C PRO C 140 16.66 -23.01 -27.21
N LYS C 141 15.93 -24.10 -26.96
CA LYS C 141 14.90 -24.53 -27.89
C LYS C 141 13.80 -23.50 -28.03
N GLU C 142 13.40 -22.88 -26.91
CA GLU C 142 12.34 -21.88 -26.96
C GLU C 142 12.86 -20.58 -27.55
N MET C 143 14.13 -20.25 -27.32
CA MET C 143 14.75 -19.13 -28.02
C MET C 143 14.70 -19.31 -29.53
N ASN C 144 14.99 -20.50 -30.02
CA ASN C 144 14.97 -20.71 -31.46
C ASN C 144 13.56 -20.86 -32.00
N ASN C 145 12.64 -21.44 -31.21
CA ASN C 145 11.24 -21.46 -31.61
C ASN C 145 10.72 -20.04 -31.82
N GLN C 146 11.03 -19.14 -30.88
CA GLN C 146 10.67 -17.73 -31.01
C GLN C 146 11.35 -17.07 -32.21
N ALA C 147 12.63 -17.38 -32.44
CA ALA C 147 13.33 -16.84 -33.61
C ALA C 147 12.51 -17.06 -34.88
N LYS C 148 12.01 -18.28 -35.08
CA LYS C 148 11.18 -18.56 -36.24
C LYS C 148 9.88 -17.77 -36.22
N LYS C 149 9.20 -17.73 -35.07
CA LYS C 149 7.95 -16.97 -35.00
C LYS C 149 8.17 -15.49 -35.30
N LEU C 150 9.36 -14.97 -35.00
CA LEU C 150 9.71 -13.59 -35.28
C LEU C 150 10.21 -13.38 -36.70
N GLY C 151 10.22 -14.40 -37.53
CA GLY C 151 10.61 -14.26 -38.92
C GLY C 151 12.10 -14.18 -39.17
N MET C 152 12.92 -14.60 -38.21
CA MET C 152 14.36 -14.62 -38.43
C MET C 152 14.72 -15.79 -39.33
N SER C 153 15.84 -15.63 -40.03
CA SER C 153 16.29 -16.63 -40.98
C SER C 153 16.91 -17.83 -40.26
N SER C 154 17.10 -18.91 -41.01
CA SER C 154 17.77 -20.08 -40.47
C SER C 154 19.24 -19.83 -40.13
N LYS C 155 19.80 -18.69 -40.55
CA LYS C 155 21.17 -18.34 -40.21
C LYS C 155 21.32 -17.98 -38.74
N THR C 156 20.23 -17.62 -38.06
CA THR C 156 20.27 -17.35 -36.63
C THR C 156 20.22 -18.66 -35.84
N THR C 157 21.05 -18.75 -34.80
CA THR C 157 20.98 -19.87 -33.88
C THR C 157 21.35 -19.37 -32.50
N PHE C 158 20.47 -19.60 -31.54
CA PHE C 158 20.74 -19.32 -30.13
C PHE C 158 21.19 -20.59 -29.44
N VAL C 159 22.07 -20.43 -28.44
CA VAL C 159 22.61 -21.60 -27.73
C VAL C 159 22.42 -21.47 -26.21
N SER C 160 22.12 -20.26 -25.73
CA SER C 160 21.93 -20.06 -24.29
C SER C 160 21.21 -18.74 -24.06
N ALA C 161 20.68 -18.60 -22.84
CA ALA C 161 19.98 -17.35 -22.48
C ALA C 161 20.93 -16.17 -22.40
N SER C 162 22.21 -16.40 -22.11
CA SER C 162 23.20 -15.34 -21.96
C SER C 162 24.05 -15.11 -23.20
N GLY C 163 24.05 -16.06 -24.14
CA GLY C 163 24.96 -16.03 -25.26
C GLY C 163 26.28 -16.71 -25.00
N LEU C 164 26.50 -17.19 -23.78
CA LEU C 164 27.67 -18.01 -23.50
C LEU C 164 27.62 -19.29 -24.31
N ASP C 165 28.80 -19.75 -24.76
CA ASP C 165 28.91 -20.98 -25.53
C ASP C 165 28.35 -22.15 -24.74
N VAL C 166 27.79 -23.12 -25.45
CA VAL C 166 27.29 -24.34 -24.86
C VAL C 166 27.78 -25.49 -25.73
N ASP C 167 28.48 -26.44 -25.12
CA ASP C 167 28.96 -27.65 -25.80
C ASP C 167 29.80 -27.32 -27.04
N GLY C 168 30.55 -26.21 -26.98
CA GLY C 168 31.38 -25.79 -28.08
C GLY C 168 30.68 -24.94 -29.13
N LYS C 169 29.36 -24.80 -29.06
CA LYS C 169 28.59 -24.12 -30.10
C LYS C 169 28.34 -22.67 -29.71
N SER C 170 28.33 -21.79 -30.71
CA SER C 170 28.24 -20.35 -30.53
C SER C 170 26.90 -19.83 -31.02
N ALA C 171 26.35 -18.84 -30.30
CA ALA C 171 25.20 -18.11 -30.81
C ALA C 171 25.63 -17.25 -31.99
N VAL C 172 24.86 -17.32 -33.07
CA VAL C 172 25.16 -16.60 -34.32
C VAL C 172 23.87 -16.02 -34.86
N SER C 173 24.02 -15.02 -35.73
CA SER C 173 22.91 -14.39 -36.44
C SER C 173 23.49 -13.54 -37.59
N THR C 174 22.66 -12.66 -38.13
CA THR C 174 23.03 -11.69 -39.17
C THR C 174 22.52 -10.33 -38.72
N THR C 175 23.04 -9.26 -39.35
CA THR C 175 22.49 -7.95 -39.04
C THR C 175 21.00 -7.90 -39.39
N LYS C 176 20.61 -8.51 -40.51
CA LYS C 176 19.21 -8.47 -40.93
C LYS C 176 18.31 -9.17 -39.93
N ASP C 177 18.73 -10.32 -39.41
CA ASP C 177 17.91 -11.04 -38.44
C ASP C 177 17.89 -10.32 -37.09
N LEU C 178 19.03 -9.74 -36.68
CA LEU C 178 19.03 -8.94 -35.46
C LEU C 178 18.17 -7.70 -35.59
N PHE C 179 18.04 -7.15 -36.80
CA PHE C 179 17.05 -6.09 -36.98
C PHE C 179 15.64 -6.62 -36.74
N LEU C 180 15.31 -7.77 -37.33
CA LEU C 180 13.97 -8.34 -37.17
C LEU C 180 13.66 -8.62 -35.70
N LEU C 181 14.64 -9.20 -34.97
CA LEU C 181 14.43 -9.42 -33.55
C LEU C 181 14.25 -8.09 -32.82
N SER C 182 15.12 -7.12 -33.10
CA SER C 182 15.13 -5.88 -32.33
C SER C 182 13.85 -5.08 -32.56
N SER C 183 13.41 -4.97 -33.81
CA SER C 183 12.23 -4.17 -34.08
C SER C 183 10.98 -4.84 -33.52
N LYS C 184 10.96 -6.18 -33.50
CA LYS C 184 9.80 -6.87 -32.94
C LYS C 184 9.75 -6.74 -31.43
N LEU C 185 10.91 -6.83 -30.78
CA LEU C 185 11.00 -6.61 -29.34
C LEU C 185 10.48 -5.22 -28.96
N ILE C 186 10.95 -4.19 -29.65
CA ILE C 186 10.58 -2.83 -29.29
C ILE C 186 9.10 -2.57 -29.58
N SER C 187 8.59 -3.08 -30.70
CA SER C 187 7.20 -2.79 -31.03
C SER C 187 6.22 -3.64 -30.20
N THR C 188 6.61 -4.87 -29.85
CA THR C 188 5.76 -5.70 -29.00
C THR C 188 5.80 -5.25 -27.54
N HIS C 189 6.99 -4.89 -27.04
CA HIS C 189 7.17 -4.54 -25.63
C HIS C 189 7.94 -3.24 -25.56
N PRO C 190 7.29 -2.12 -25.88
CA PRO C 190 8.03 -0.85 -25.93
C PRO C 190 8.56 -0.42 -24.58
N GLU C 191 8.07 -1.01 -23.49
CA GLU C 191 8.58 -0.68 -22.17
C GLU C 191 10.01 -1.13 -21.97
N VAL C 192 10.54 -1.98 -22.87
CA VAL C 192 11.92 -2.42 -22.75
C VAL C 192 12.86 -1.23 -22.78
N LEU C 193 12.47 -0.19 -23.52
CA LEU C 193 13.29 1.00 -23.64
C LEU C 193 13.34 1.80 -22.34
N GLU C 194 12.35 1.65 -21.47
CA GLU C 194 12.40 2.31 -20.17
C GLU C 194 13.55 1.78 -19.31
N THR C 195 13.98 0.53 -19.54
CA THR C 195 15.17 0.01 -18.87
C THR C 195 16.45 0.32 -19.64
N THR C 196 16.44 0.08 -20.96
CA THR C 196 17.67 0.22 -21.74
C THR C 196 18.04 1.67 -22.03
N SER C 197 17.21 2.64 -21.66
CA SER C 197 17.55 4.05 -21.85
C SER C 197 18.31 4.64 -20.67
N LYS C 198 18.55 3.87 -19.61
CA LYS C 198 19.05 4.41 -18.35
C LYS C 198 20.53 4.12 -18.18
N PRO C 199 21.37 5.12 -17.99
CA PRO C 199 22.78 4.83 -17.65
C PRO C 199 22.94 4.04 -16.39
N THR C 200 21.98 4.16 -15.47
CA THR C 200 22.00 3.47 -14.19
C THR C 200 20.57 3.06 -13.85
N VAL C 201 20.41 1.82 -13.39
CA VAL C 201 19.11 1.31 -12.94
C VAL C 201 19.21 0.93 -11.47
N THR C 202 18.30 1.47 -10.66
CA THR C 202 18.20 1.14 -9.25
C THR C 202 17.22 -0.01 -9.07
N THR C 203 17.73 -1.12 -8.52
CA THR C 203 16.96 -2.36 -8.38
C THR C 203 15.94 -2.27 -7.24
N ASP C 204 14.94 -3.15 -7.31
CA ASP C 204 14.03 -3.40 -6.19
C ASP C 204 14.82 -3.60 -4.90
N LYS C 205 15.86 -4.41 -4.97
CA LYS C 205 16.63 -4.77 -3.77
C LYS C 205 17.37 -3.56 -3.20
N GLY C 206 17.94 -2.73 -4.07
CA GLY C 206 18.60 -1.52 -3.63
C GLY C 206 19.81 -1.16 -4.46
N ALA C 207 20.59 -2.16 -4.87
CA ALA C 207 21.82 -1.94 -5.63
C ALA C 207 21.55 -1.14 -6.90
N LYS C 208 22.48 -0.23 -7.22
CA LYS C 208 22.46 0.49 -8.49
C LYS C 208 23.28 -0.28 -9.51
N LEU C 209 22.68 -0.52 -10.68
CA LEU C 209 23.37 -1.23 -11.76
C LEU C 209 23.66 -0.27 -12.91
N GLU C 210 24.90 -0.37 -13.44
CA GLU C 210 25.39 0.55 -14.45
C GLU C 210 25.33 -0.09 -15.84
N SER C 211 24.90 0.69 -16.82
CA SER C 211 24.74 0.21 -18.18
C SER C 211 26.07 0.17 -18.92
N THR C 212 26.17 -0.77 -19.87
CA THR C 212 27.30 -0.89 -20.78
C THR C 212 27.15 -0.02 -22.01
N ASN C 213 25.96 0.55 -22.24
CA ASN C 213 25.72 1.47 -23.36
C ASN C 213 26.37 2.82 -23.05
N ASP C 214 27.60 3.01 -23.55
CA ASP C 214 28.33 4.25 -23.33
C ASP C 214 27.70 5.44 -24.02
N LEU C 215 26.84 5.22 -25.01
CA LEU C 215 26.34 6.28 -25.88
C LEU C 215 25.11 6.96 -25.34
N LEU C 216 24.51 6.44 -24.27
CA LEU C 216 23.40 7.13 -23.63
C LEU C 216 23.86 8.51 -23.19
N GLY C 217 23.15 9.54 -23.62
CA GLY C 217 23.53 10.90 -23.33
C GLY C 217 24.19 11.64 -24.46
N SER C 218 24.86 10.93 -25.38
CA SER C 218 25.63 11.60 -26.42
C SER C 218 24.96 11.63 -27.80
N ILE C 219 24.03 10.72 -28.10
CA ILE C 219 23.33 10.67 -29.38
C ILE C 219 21.87 11.04 -29.13
N GLN C 220 21.39 12.07 -29.82
CA GLN C 220 20.02 12.54 -29.66
C GLN C 220 19.00 11.40 -29.80
N GLY C 221 18.19 11.20 -28.77
CA GLY C 221 17.09 10.26 -28.89
C GLY C 221 17.46 8.80 -28.75
N LEU C 222 18.74 8.47 -28.55
CA LEU C 222 19.14 7.09 -28.33
C LEU C 222 18.55 6.55 -27.03
N ASP C 223 17.95 5.36 -27.07
CA ASP C 223 17.38 4.80 -25.84
C ASP C 223 17.57 3.29 -25.71
N GLY C 224 18.58 2.73 -26.37
CA GLY C 224 18.90 1.31 -26.29
C GLY C 224 20.00 1.03 -27.29
N LEU C 225 20.38 -0.25 -27.40
CA LEU C 225 19.60 -1.37 -26.91
C LEU C 225 20.43 -2.41 -26.13
N LYS C 226 21.61 -2.80 -26.62
CA LYS C 226 22.35 -3.91 -26.02
C LYS C 226 23.76 -4.06 -26.59
N THR C 227 24.75 -4.21 -25.72
CA THR C 227 26.12 -4.47 -26.14
C THR C 227 26.39 -5.97 -26.19
N GLY C 228 27.54 -6.31 -26.75
CA GLY C 228 28.09 -7.65 -26.60
C GLY C 228 29.57 -7.65 -26.89
N PHE C 229 30.27 -8.63 -26.33
CA PHE C 229 31.67 -8.85 -26.66
C PHE C 229 32.07 -10.27 -26.35
N THR C 230 32.80 -10.90 -27.27
CA THR C 230 33.68 -12.02 -26.99
C THR C 230 34.91 -11.88 -27.88
N ASP C 231 35.97 -12.60 -27.53
CA ASP C 231 37.14 -12.64 -28.40
C ASP C 231 36.75 -13.03 -29.83
N GLU C 232 35.78 -13.94 -29.97
CA GLU C 232 35.32 -14.44 -31.27
C GLU C 232 34.36 -13.46 -31.96
N ALA C 233 33.48 -12.82 -31.20
CA ALA C 233 32.50 -11.91 -31.78
C ALA C 233 33.02 -10.48 -31.98
N GLY C 234 34.16 -10.12 -31.39
CA GLY C 234 34.56 -8.72 -31.40
C GLY C 234 33.62 -7.92 -30.51
N TYR C 235 33.64 -6.60 -30.72
CA TYR C 235 32.77 -5.71 -29.97
C TYR C 235 31.51 -5.39 -30.76
N CYS C 236 30.37 -5.59 -30.15
CA CYS C 236 29.08 -5.55 -30.83
C CYS C 236 28.15 -4.60 -30.09
N PHE C 237 27.25 -3.96 -30.85
CA PHE C 237 26.27 -3.08 -30.23
C PHE C 237 25.04 -3.02 -31.11
N ILE C 238 23.87 -3.17 -30.50
CA ILE C 238 22.61 -2.86 -31.15
C ILE C 238 22.10 -1.58 -30.52
N GLY C 239 21.94 -0.54 -31.34
CA GLY C 239 21.45 0.74 -30.87
C GLY C 239 20.12 1.12 -31.49
N THR C 240 19.33 1.95 -30.80
CA THR C 240 18.10 2.44 -31.39
C THR C 240 17.87 3.87 -30.90
N ALA C 241 17.22 4.66 -31.75
CA ALA C 241 17.02 6.07 -31.48
C ALA C 241 15.76 6.48 -32.21
N GLU C 242 15.04 7.43 -31.64
CA GLU C 242 13.83 7.97 -32.24
C GLU C 242 13.91 9.49 -32.26
N ARG C 243 13.43 10.10 -33.34
CA ARG C 243 13.44 11.55 -33.48
C ARG C 243 12.24 11.94 -34.33
N GLY C 244 11.29 12.66 -33.74
CA GLY C 244 10.17 13.18 -34.51
C GLY C 244 9.33 12.11 -35.18
N GLY C 245 9.06 11.01 -34.48
CA GLY C 245 8.28 9.93 -35.03
C GLY C 245 9.07 8.83 -35.69
N LYS C 246 10.28 9.14 -36.18
CA LYS C 246 11.11 8.19 -36.89
C LYS C 246 12.04 7.47 -35.92
N ARG C 247 12.06 6.13 -35.98
CA ARG C 247 12.99 5.31 -35.22
C ARG C 247 13.87 4.52 -36.18
N VAL C 248 15.16 4.49 -35.88
CA VAL C 248 16.12 3.66 -36.62
C VAL C 248 16.76 2.68 -35.65
N ILE C 249 17.19 1.54 -36.19
CA ILE C 249 17.92 0.53 -35.42
C ILE C 249 19.23 0.27 -36.15
N SER C 250 20.34 0.36 -35.42
CA SER C 250 21.67 0.13 -35.96
C SER C 250 22.25 -1.16 -35.39
N ILE C 251 22.98 -1.89 -36.25
CA ILE C 251 23.70 -3.11 -35.87
C ILE C 251 25.16 -2.94 -36.23
N VAL C 252 26.04 -3.23 -35.28
CA VAL C 252 27.48 -3.20 -35.45
C VAL C 252 28.03 -4.51 -34.90
N LEU C 253 28.63 -5.33 -35.76
CA LEU C 253 29.16 -6.62 -35.37
C LEU C 253 30.65 -6.67 -35.66
N ASP C 254 31.44 -7.12 -34.66
CA ASP C 254 32.88 -7.37 -34.79
C ASP C 254 33.69 -6.09 -35.00
N ALA C 255 33.41 -5.07 -34.18
CA ALA C 255 34.27 -3.91 -34.10
C ALA C 255 35.54 -4.25 -33.32
N GLY C 256 36.57 -3.43 -33.52
CA GLY C 256 37.88 -3.76 -32.98
C GLY C 256 38.10 -3.42 -31.52
N THR C 257 37.42 -2.39 -31.00
CA THR C 257 37.56 -2.01 -29.60
C THR C 257 36.20 -1.70 -28.99
N ALA C 258 36.17 -1.64 -27.66
CA ALA C 258 34.96 -1.27 -26.95
C ALA C 258 34.46 0.10 -27.35
N GLU C 259 35.38 1.04 -27.64
CA GLU C 259 34.97 2.37 -28.08
C GLU C 259 34.60 2.42 -29.56
N LYS C 260 35.25 1.63 -30.41
CA LYS C 260 34.98 1.71 -31.84
C LYS C 260 33.57 1.27 -32.20
N ARG C 261 32.98 0.29 -31.48
CA ARG C 261 31.61 -0.11 -31.77
C ARG C 261 30.65 1.06 -31.59
N PHE C 262 31.01 2.02 -30.73
CA PHE C 262 30.19 3.20 -30.54
C PHE C 262 30.46 4.30 -31.57
N LYS C 263 31.72 4.43 -32.06
CA LYS C 263 31.99 5.37 -33.15
C LYS C 263 31.32 4.92 -34.45
N ASP C 264 31.34 3.61 -34.72
CA ASP C 264 30.59 3.07 -35.85
C ASP C 264 29.10 3.39 -35.70
N THR C 265 28.56 3.20 -34.50
CA THR C 265 27.15 3.47 -34.26
C THR C 265 26.84 4.94 -34.48
N GLU C 266 27.69 5.83 -33.95
CA GLU C 266 27.57 7.26 -34.22
C GLU C 266 27.48 7.52 -35.71
N LYS C 267 28.36 6.88 -36.49
CA LYS C 267 28.31 7.04 -37.95
C LYS C 267 26.99 6.52 -38.52
N LEU C 268 26.56 5.33 -38.08
CA LEU C 268 25.35 4.74 -38.62
C LEU C 268 24.10 5.53 -38.24
N MET C 269 24.09 6.12 -37.05
CA MET C 269 22.95 6.93 -36.64
C MET C 269 22.85 8.21 -37.46
N GLU C 270 24.00 8.78 -37.85
CA GLU C 270 23.98 9.97 -38.68
C GLU C 270 23.41 9.68 -40.06
N VAL C 271 23.72 8.51 -40.63
CA VAL C 271 23.13 8.11 -41.90
C VAL C 271 21.63 7.86 -41.75
N GLY C 272 21.25 7.14 -40.69
CA GLY C 272 19.85 6.79 -40.50
C GLY C 272 18.92 7.99 -40.41
N PHE C 273 19.44 9.12 -39.95
CA PHE C 273 18.62 10.32 -39.82
C PHE C 273 18.94 11.36 -40.87
N LYS C 274 19.78 11.04 -41.85
CA LYS C 274 20.08 11.96 -42.95
C LYS C 274 18.83 12.43 -43.67
N GLN D 28 -29.58 9.06 10.40
CA GLN D 28 -29.63 8.19 11.57
C GLN D 28 -30.99 7.47 11.67
N PRO D 29 -31.01 6.31 12.35
CA PRO D 29 -32.26 5.53 12.47
C PRO D 29 -33.26 6.15 13.43
N ASN D 30 -34.43 5.53 13.58
CA ASN D 30 -35.47 6.02 14.49
C ASN D 30 -35.79 4.94 15.52
N LEU D 31 -34.96 4.87 16.55
CA LEU D 31 -35.22 3.94 17.64
C LEU D 31 -36.37 4.46 18.50
N TYR D 32 -37.03 3.53 19.18
CA TYR D 32 -38.06 3.86 20.16
C TYR D 32 -37.52 3.46 21.53
N LEU D 33 -36.68 4.33 22.08
CA LEU D 33 -35.99 4.07 23.33
C LEU D 33 -36.83 4.53 24.52
N SER D 34 -36.62 3.86 25.65
CA SER D 34 -37.21 4.33 26.88
C SER D 34 -36.46 5.54 27.46
N ALA D 35 -35.17 5.66 27.18
CA ALA D 35 -34.34 6.72 27.74
C ALA D 35 -34.75 8.09 27.23
N ASN D 36 -34.62 9.10 28.12
CA ASN D 36 -34.85 10.49 27.72
C ASN D 36 -33.68 11.07 26.95
N ALA D 37 -32.46 10.61 27.21
CA ALA D 37 -31.29 11.00 26.44
C ALA D 37 -30.45 9.76 26.16
N ALA D 38 -30.01 9.60 24.91
CA ALA D 38 -29.32 8.37 24.55
C ALA D 38 -28.41 8.64 23.35
N ALA D 39 -27.31 7.89 23.27
CA ALA D 39 -26.39 8.06 22.15
C ALA D 39 -25.48 6.85 22.04
N VAL D 40 -24.92 6.66 20.85
CA VAL D 40 -23.87 5.67 20.59
C VAL D 40 -22.86 6.30 19.65
N TYR D 41 -21.57 6.19 20.01
CA TYR D 41 -20.48 6.76 19.26
C TYR D 41 -19.50 5.65 18.88
N SER D 42 -18.81 5.81 17.76
CA SER D 42 -17.70 4.92 17.41
C SER D 42 -16.40 5.56 17.87
N VAL D 43 -15.55 4.76 18.51
CA VAL D 43 -14.39 5.33 19.18
C VAL D 43 -13.35 5.82 18.19
N GLU D 44 -13.32 5.26 16.98
CA GLU D 44 -12.23 5.55 16.05
C GLU D 44 -12.20 7.04 15.70
N ASN D 45 -13.36 7.60 15.38
CA ASN D 45 -13.43 9.01 15.03
C ASN D 45 -14.24 9.83 16.01
N GLY D 46 -14.88 9.21 17.00
CA GLY D 46 -15.79 9.93 17.85
C GLY D 46 -17.10 10.28 17.19
N GLU D 47 -17.41 9.66 16.05
CA GLU D 47 -18.58 10.02 15.28
C GLU D 47 -19.83 9.50 15.96
N ALA D 48 -20.81 10.40 16.14
CA ALA D 48 -22.12 9.97 16.60
C ALA D 48 -22.79 9.12 15.53
N LEU D 49 -23.31 7.96 15.93
CA LEU D 49 -24.13 7.15 15.03
C LEU D 49 -25.60 7.23 15.37
N TYR D 50 -25.92 7.63 16.60
CA TYR D 50 -27.28 7.91 17.03
C TYR D 50 -27.18 8.90 18.18
N GLU D 51 -28.00 9.96 18.14
CA GLU D 51 -28.01 10.91 19.24
C GLU D 51 -29.44 11.35 19.52
N GLN D 52 -29.80 11.36 20.80
CA GLN D 52 -31.12 11.82 21.24
C GLN D 52 -30.91 12.65 22.50
N ASN D 53 -31.24 13.95 22.42
CA ASN D 53 -31.04 14.87 23.55
C ASN D 53 -29.60 14.83 24.05
N ALA D 54 -28.65 14.74 23.11
CA ALA D 54 -27.26 14.48 23.49
C ALA D 54 -26.58 15.67 24.15
N ASP D 55 -27.12 16.88 24.00
CA ASP D 55 -26.61 18.07 24.68
C ASP D 55 -27.37 18.40 25.96
N LYS D 56 -28.39 17.64 26.29
CA LYS D 56 -29.26 17.95 27.42
C LYS D 56 -28.57 17.60 28.73
N VAL D 57 -28.70 18.48 29.71
CA VAL D 57 -28.09 18.24 31.02
C VAL D 57 -28.97 17.25 31.80
N MET D 58 -28.37 16.13 32.19
CA MET D 58 -29.05 15.02 32.86
C MET D 58 -28.32 14.64 34.14
N PRO D 59 -29.03 14.26 35.19
CA PRO D 59 -28.36 13.68 36.36
C PRO D 59 -27.77 12.32 36.02
N ILE D 60 -26.62 12.00 36.64
CA ILE D 60 -25.85 10.83 36.22
C ILE D 60 -25.53 9.88 37.36
N ALA D 61 -25.73 10.33 38.61
CA ALA D 61 -25.55 9.51 39.82
C ALA D 61 -24.30 8.64 39.81
N SER D 62 -24.49 7.31 39.84
CA SER D 62 -23.40 6.37 39.96
C SER D 62 -22.48 6.34 38.76
N LEU D 63 -22.88 6.91 37.62
CA LEU D 63 -21.93 7.02 36.52
C LEU D 63 -20.74 7.87 36.89
N SER D 64 -20.87 8.68 37.95
CA SER D 64 -19.76 9.47 38.45
C SER D 64 -18.56 8.60 38.83
N LYS D 65 -18.81 7.35 39.24
CA LYS D 65 -17.75 6.46 39.68
C LYS D 65 -16.72 6.19 38.58
N LEU D 66 -17.09 6.40 37.31
CA LEU D 66 -16.12 6.24 36.22
C LEU D 66 -15.03 7.29 36.27
N MET D 67 -15.36 8.50 36.72
CA MET D 67 -14.33 9.51 36.94
C MET D 67 -13.52 9.17 38.17
N THR D 68 -14.18 8.66 39.21
CA THR D 68 -13.42 8.24 40.38
C THR D 68 -12.44 7.12 40.02
N ALA D 69 -12.91 6.14 39.23
CA ALA D 69 -12.01 5.09 38.77
C ALA D 69 -10.82 5.67 38.01
N PHE D 70 -11.09 6.57 37.07
CA PHE D 70 -10.03 7.18 36.27
C PHE D 70 -8.97 7.80 37.16
N LEU D 71 -9.39 8.56 38.17
CA LEU D 71 -8.44 9.22 39.03
C LEU D 71 -7.67 8.23 39.89
N VAL D 72 -8.29 7.11 40.25
CA VAL D 72 -7.58 6.06 40.97
C VAL D 72 -6.48 5.46 40.10
N LEU D 73 -6.83 5.07 38.87
CA LEU D 73 -5.85 4.52 37.97
C LEU D 73 -4.74 5.53 37.67
N GLU D 74 -5.10 6.81 37.58
CA GLU D 74 -4.09 7.86 37.40
C GLU D 74 -3.11 7.90 38.56
N ALA D 75 -3.62 7.83 39.80
CA ALA D 75 -2.77 7.89 40.98
C ALA D 75 -1.84 6.69 41.07
N VAL D 76 -2.34 5.49 40.74
CA VAL D 76 -1.47 4.31 40.75
C VAL D 76 -0.36 4.47 39.74
N ASP D 77 -0.70 4.93 38.53
CA ASP D 77 0.31 5.15 37.51
C ASP D 77 1.34 6.19 37.96
N ASN D 78 0.93 7.13 38.79
CA ASN D 78 1.80 8.22 39.21
C ASN D 78 2.53 7.95 40.51
N ASN D 79 2.43 6.73 41.03
CA ASN D 79 3.09 6.33 42.27
C ASN D 79 2.55 7.11 43.45
N GLU D 80 1.26 7.43 43.41
CA GLU D 80 0.61 8.16 44.48
C GLU D 80 -0.34 7.29 45.28
N LEU D 81 -0.48 6.02 44.92
CA LEU D 81 -1.45 5.13 45.53
C LEU D 81 -1.02 3.70 45.24
N SER D 82 -1.19 2.82 46.22
CA SER D 82 -0.86 1.41 46.09
C SER D 82 -2.13 0.59 45.98
N TRP D 83 -2.10 -0.45 45.12
CA TRP D 83 -3.23 -1.35 45.01
C TRP D 83 -3.48 -2.11 46.30
N ASP D 84 -2.48 -2.18 47.19
CA ASP D 84 -2.56 -3.04 48.36
C ASP D 84 -2.79 -2.29 49.67
N GLU D 85 -2.73 -0.96 49.69
CA GLU D 85 -3.11 -0.21 50.89
C GLU D 85 -4.47 -0.66 51.40
N LYS D 86 -4.58 -0.82 52.71
CA LYS D 86 -5.83 -1.17 53.37
C LYS D 86 -6.49 0.09 53.92
N LEU D 87 -7.73 0.33 53.50
CA LEU D 87 -8.51 1.49 53.91
C LEU D 87 -9.78 1.03 54.61
N ASP D 88 -10.25 1.85 55.55
CA ASP D 88 -11.53 1.59 56.23
C ASP D 88 -12.65 2.22 55.42
N LEU D 89 -13.72 1.46 55.19
CA LEU D 89 -14.88 1.98 54.50
C LEU D 89 -15.48 3.16 55.25
N VAL D 90 -15.76 4.25 54.54
CA VAL D 90 -16.53 5.33 55.12
C VAL D 90 -17.93 4.82 55.45
N ARG D 91 -18.51 5.35 56.52
CA ARG D 91 -19.87 5.02 56.91
C ARG D 91 -20.83 5.99 56.23
N LEU D 92 -21.70 5.45 55.39
CA LEU D 92 -22.62 6.29 54.63
C LEU D 92 -23.67 6.89 55.56
N ASP D 93 -24.21 8.05 55.16
CA ASP D 93 -25.21 8.71 55.98
C ASP D 93 -26.45 7.84 56.18
N ASP D 94 -26.81 7.07 55.16
CA ASP D 94 -27.95 6.17 55.21
C ASP D 94 -27.46 4.73 55.08
N PRO D 95 -27.62 3.89 56.10
CA PRO D 95 -27.19 2.49 55.98
C PRO D 95 -27.93 1.72 54.89
N SER D 96 -29.19 2.07 54.60
CA SER D 96 -29.91 1.41 53.53
C SER D 96 -29.29 1.68 52.15
N ALA D 97 -28.38 2.65 52.06
CA ALA D 97 -27.66 2.88 50.80
C ALA D 97 -26.83 1.65 50.45
N VAL D 98 -26.85 1.29 49.18
CA VAL D 98 -26.12 0.10 48.74
C VAL D 98 -24.65 0.28 49.10
N SER D 99 -24.15 -0.64 49.92
CA SER D 99 -22.82 -0.50 50.43
C SER D 99 -22.13 -1.87 50.42
N LEU D 100 -20.82 -1.83 50.24
CA LEU D 100 -20.01 -3.03 50.40
C LEU D 100 -20.07 -3.54 51.83
N TYR D 101 -20.19 -2.65 52.81
CA TYR D 101 -20.24 -3.09 54.20
C TYR D 101 -21.53 -3.83 54.51
N ALA D 102 -22.63 -3.50 53.81
CA ALA D 102 -23.91 -4.12 54.14
C ALA D 102 -23.97 -5.57 53.66
N ILE D 103 -23.25 -5.92 52.60
CA ILE D 103 -23.30 -7.29 52.10
C ILE D 103 -22.16 -8.16 52.61
N THR D 104 -21.10 -7.55 53.14
CA THR D 104 -19.97 -8.32 53.66
C THR D 104 -19.79 -8.20 55.17
N GLN D 105 -20.19 -7.07 55.75
CA GLN D 105 -19.98 -6.77 57.17
C GLN D 105 -18.49 -6.69 57.52
N LYS D 106 -17.67 -6.25 56.56
CA LYS D 106 -16.24 -6.10 56.78
C LYS D 106 -15.83 -4.67 56.47
N ARG D 107 -15.03 -4.08 57.36
CA ARG D 107 -14.71 -2.67 57.34
C ARG D 107 -13.53 -2.32 56.45
N THR D 108 -12.45 -3.11 56.48
CA THR D 108 -11.17 -2.73 55.88
C THR D 108 -10.91 -3.53 54.61
N TRP D 109 -10.55 -2.83 53.52
CA TRP D 109 -10.37 -3.45 52.21
C TRP D 109 -9.17 -2.82 51.50
N SER D 110 -8.51 -3.61 50.64
CA SER D 110 -7.46 -3.04 49.82
C SER D 110 -8.04 -2.02 48.84
N VAL D 111 -7.17 -1.13 48.36
CA VAL D 111 -7.57 -0.21 47.30
C VAL D 111 -8.11 -0.97 46.10
N ARG D 112 -7.44 -2.07 45.73
CA ARG D 112 -7.90 -2.92 44.63
C ARG D 112 -9.34 -3.38 44.85
N ASP D 113 -9.65 -3.91 46.03
CA ASP D 113 -10.99 -4.42 46.31
C ASP D 113 -12.02 -3.30 46.32
N LEU D 114 -11.66 -2.13 46.85
CA LEU D 114 -12.58 -0.99 46.84
C LEU D 114 -12.89 -0.54 45.43
N TYR D 115 -11.85 -0.47 44.59
CA TYR D 115 -12.00 -0.18 43.17
C TYR D 115 -12.91 -1.21 42.49
N SER D 116 -12.66 -2.49 42.72
CA SER D 116 -13.51 -3.53 42.14
C SER D 116 -14.95 -3.39 42.59
N ALA D 117 -15.19 -3.15 43.89
CA ALA D 117 -16.56 -3.02 44.37
C ALA D 117 -17.26 -1.83 43.74
N MET D 118 -16.55 -0.71 43.63
CA MET D 118 -17.13 0.48 43.01
C MET D 118 -17.61 0.17 41.59
N LEU D 119 -16.80 -0.55 40.82
CA LEU D 119 -17.13 -0.74 39.40
C LEU D 119 -18.12 -1.89 39.17
N THR D 120 -18.10 -2.94 40.01
CA THR D 120 -18.96 -4.09 39.75
C THR D 120 -20.36 -3.90 40.33
N MET D 121 -20.46 -3.78 41.66
CA MET D 121 -21.74 -3.66 42.35
C MET D 121 -22.18 -2.23 42.60
N SER D 122 -21.34 -1.24 42.25
CA SER D 122 -21.61 0.19 42.48
C SER D 122 -21.73 0.51 43.98
N ALA D 123 -20.73 0.06 44.74
CA ALA D 123 -20.68 0.29 46.18
C ALA D 123 -20.35 1.75 46.45
N ASN D 124 -21.33 2.49 46.99
CA ASN D 124 -21.14 3.91 47.26
C ASN D 124 -20.10 4.14 48.36
N ASP D 125 -20.07 3.30 49.39
CA ASP D 125 -19.07 3.49 50.43
C ASP D 125 -17.67 3.25 49.87
N ALA D 126 -17.52 2.30 48.94
CA ALA D 126 -16.21 2.05 48.35
C ALA D 126 -15.70 3.28 47.59
N ALA D 127 -16.55 3.85 46.73
CA ALA D 127 -16.15 5.04 45.97
C ALA D 127 -15.81 6.21 46.90
N GLU D 128 -16.59 6.40 47.97
CA GLU D 128 -16.33 7.52 48.87
C GLU D 128 -15.04 7.30 49.66
N THR D 129 -14.74 6.06 50.00
CA THR D 129 -13.47 5.77 50.66
C THR D 129 -12.29 6.11 49.75
N LEU D 130 -12.41 5.86 48.46
CA LEU D 130 -11.30 6.09 47.55
C LEU D 130 -11.13 7.57 47.24
N GLY D 131 -12.22 8.30 47.07
CA GLY D 131 -12.12 9.73 46.87
C GLY D 131 -11.50 10.42 48.08
N ASP D 132 -11.89 10.00 49.28
CA ASP D 132 -11.36 10.58 50.50
C ASP D 132 -9.86 10.28 50.65
N ARG D 133 -9.43 9.10 50.20
CA ARG D 133 -8.01 8.76 50.22
C ARG D 133 -7.21 9.60 49.24
N LEU D 134 -7.81 9.99 48.11
CA LEU D 134 -7.09 10.75 47.10
C LEU D 134 -7.03 12.24 47.42
N ASP D 135 -8.15 12.84 47.85
CA ASP D 135 -8.15 14.28 48.10
C ASP D 135 -9.17 14.69 49.14
N GLY D 136 -9.48 13.80 50.09
CA GLY D 136 -10.33 14.17 51.20
C GLY D 136 -11.63 14.76 50.75
N ALA D 137 -12.09 15.78 51.48
CA ALA D 137 -13.36 16.41 51.15
C ALA D 137 -13.28 17.24 49.87
N ASP D 138 -12.09 17.47 49.32
CA ASP D 138 -11.94 18.27 48.12
C ASP D 138 -11.92 17.43 46.85
N PHE D 139 -12.17 16.13 46.93
CA PHE D 139 -12.16 15.29 45.74
C PHE D 139 -13.08 15.77 44.63
N PRO D 140 -14.31 16.26 44.88
CA PRO D 140 -15.13 16.76 43.76
C PRO D 140 -14.45 17.83 42.92
N LYS D 141 -13.66 18.69 43.56
CA LYS D 141 -12.89 19.69 42.81
C LYS D 141 -11.91 19.03 41.85
N GLU D 142 -11.22 17.98 42.31
CA GLU D 142 -10.30 17.25 41.45
C GLU D 142 -11.05 16.54 40.32
N MET D 143 -12.22 15.97 40.63
CA MET D 143 -13.06 15.38 39.60
C MET D 143 -13.37 16.39 38.53
N ASN D 144 -13.74 17.61 38.94
CA ASN D 144 -14.11 18.63 37.96
C ASN D 144 -12.90 19.19 37.24
N ASN D 145 -11.76 19.25 37.92
CA ASN D 145 -10.53 19.64 37.25
C ASN D 145 -10.13 18.61 36.20
N GLN D 146 -10.25 17.32 36.54
CA GLN D 146 -10.01 16.27 35.56
C GLN D 146 -11.00 16.36 34.41
N ALA D 147 -12.27 16.65 34.71
CA ALA D 147 -13.25 16.76 33.63
C ALA D 147 -12.80 17.78 32.59
N LYS D 148 -12.23 18.89 33.04
CA LYS D 148 -11.75 19.92 32.11
C LYS D 148 -10.55 19.43 31.30
N LYS D 149 -9.60 18.75 31.94
CA LYS D 149 -8.43 18.24 31.22
C LYS D 149 -8.83 17.20 30.18
N LEU D 150 -9.89 16.44 30.47
CA LEU D 150 -10.44 15.41 29.60
C LEU D 150 -11.39 15.94 28.56
N GLY D 151 -11.59 17.25 28.51
CA GLY D 151 -12.35 17.86 27.45
C GLY D 151 -13.84 17.92 27.66
N MET D 152 -14.34 17.59 28.84
CA MET D 152 -15.78 17.68 29.08
C MET D 152 -16.20 19.14 29.19
N SER D 153 -17.41 19.43 28.70
CA SER D 153 -17.93 20.78 28.64
C SER D 153 -18.31 21.29 30.04
N SER D 154 -18.71 22.57 30.08
CA SER D 154 -19.14 23.18 31.33
C SER D 154 -20.48 22.62 31.84
N LYS D 155 -21.18 21.79 31.06
CA LYS D 155 -22.45 21.23 31.51
C LYS D 155 -22.26 20.07 32.47
N THR D 156 -21.05 19.52 32.54
CA THR D 156 -20.74 18.47 33.52
C THR D 156 -20.37 19.09 34.86
N THR D 157 -20.92 18.52 35.95
CA THR D 157 -20.46 18.82 37.30
C THR D 157 -20.50 17.56 38.13
N PHE D 158 -19.39 17.23 38.76
CA PHE D 158 -19.32 16.16 39.74
C PHE D 158 -19.46 16.74 41.13
N VAL D 159 -20.22 16.07 41.98
CA VAL D 159 -20.42 16.52 43.35
C VAL D 159 -19.81 15.57 44.37
N SER D 160 -19.46 14.35 43.98
CA SER D 160 -18.98 13.36 44.93
C SER D 160 -18.36 12.20 44.16
N ALA D 161 -17.45 11.50 44.83
CA ALA D 161 -16.82 10.31 44.25
C ALA D 161 -17.87 9.29 43.80
N SER D 162 -18.89 9.08 44.64
CA SER D 162 -19.88 8.03 44.40
C SER D 162 -20.92 8.46 43.38
N GLY D 163 -21.31 9.73 43.39
CA GLY D 163 -22.47 10.19 42.67
C GLY D 163 -23.64 10.52 43.57
N LEU D 164 -23.56 10.22 44.86
CA LEU D 164 -24.59 10.67 45.78
C LEU D 164 -24.62 12.20 45.80
N ASP D 165 -25.81 12.74 46.04
CA ASP D 165 -25.96 14.19 46.16
C ASP D 165 -25.11 14.71 47.32
N VAL D 166 -24.70 15.97 47.19
CA VAL D 166 -23.93 16.64 48.24
C VAL D 166 -24.48 18.05 48.37
N ASP D 167 -25.03 18.38 49.55
CA ASP D 167 -25.53 19.72 49.86
C ASP D 167 -26.65 20.14 48.91
N GLY D 168 -27.55 19.21 48.62
CA GLY D 168 -28.66 19.48 47.73
C GLY D 168 -28.32 19.54 46.26
N LYS D 169 -27.06 19.30 45.87
CA LYS D 169 -26.63 19.43 44.48
C LYS D 169 -26.29 18.07 43.89
N SER D 170 -26.66 17.86 42.63
CA SER D 170 -26.55 16.56 41.96
C SER D 170 -25.47 16.59 40.88
N ALA D 171 -24.84 15.43 40.68
CA ALA D 171 -23.93 15.26 39.55
C ALA D 171 -24.73 15.20 38.25
N VAL D 172 -24.25 15.91 37.22
CA VAL D 172 -24.92 16.01 35.94
C VAL D 172 -23.88 16.03 34.82
N SER D 173 -24.34 15.76 33.61
CA SER D 173 -23.47 15.72 32.43
C SER D 173 -24.38 15.62 31.20
N THR D 174 -23.77 15.34 30.04
CA THR D 174 -24.48 15.11 28.79
C THR D 174 -23.95 13.83 28.15
N THR D 175 -24.67 13.29 27.16
CA THR D 175 -24.12 12.09 26.52
C THR D 175 -22.84 12.40 25.75
N LYS D 176 -22.71 13.59 25.19
CA LYS D 176 -21.44 13.93 24.55
C LYS D 176 -20.31 13.93 25.56
N ASP D 177 -20.55 14.50 26.75
CA ASP D 177 -19.48 14.57 27.76
C ASP D 177 -19.15 13.19 28.30
N LEU D 178 -20.17 12.35 28.51
CA LEU D 178 -19.92 11.01 29.03
C LEU D 178 -19.18 10.14 28.03
N PHE D 179 -19.38 10.37 26.72
CA PHE D 179 -18.53 9.71 25.73
C PHE D 179 -17.08 10.17 25.84
N LEU D 180 -16.85 11.47 25.97
CA LEU D 180 -15.46 11.95 26.07
C LEU D 180 -14.76 11.31 27.27
N LEU D 181 -15.41 11.33 28.43
CA LEU D 181 -14.86 10.69 29.62
C LEU D 181 -14.62 9.20 29.39
N SER D 182 -15.64 8.49 28.88
CA SER D 182 -15.56 7.04 28.79
C SER D 182 -14.49 6.60 27.79
N SER D 183 -14.40 7.27 26.64
CA SER D 183 -13.36 6.94 25.67
C SER D 183 -11.99 7.25 26.24
N LYS D 184 -11.83 8.42 26.86
CA LYS D 184 -10.56 8.78 27.50
C LYS D 184 -10.14 7.72 28.51
N LEU D 185 -11.06 7.34 29.41
CA LEU D 185 -10.79 6.30 30.40
C LEU D 185 -10.33 5.00 29.75
N ILE D 186 -11.03 4.60 28.69
CA ILE D 186 -10.71 3.33 28.03
C ILE D 186 -9.39 3.45 27.25
N SER D 187 -9.16 4.59 26.56
CA SER D 187 -7.90 4.75 25.85
C SER D 187 -6.71 4.82 26.82
N THR D 188 -6.85 5.59 27.90
CA THR D 188 -5.73 5.80 28.82
C THR D 188 -5.47 4.58 29.70
N HIS D 189 -6.54 3.91 30.13
CA HIS D 189 -6.45 2.84 31.12
C HIS D 189 -7.24 1.63 30.62
N PRO D 190 -6.73 0.93 29.61
CA PRO D 190 -7.50 -0.20 29.06
C PRO D 190 -7.77 -1.29 30.07
N GLU D 191 -6.92 -1.45 31.08
CA GLU D 191 -7.16 -2.48 32.09
C GLU D 191 -8.49 -2.29 32.81
N VAL D 192 -9.15 -1.14 32.65
CA VAL D 192 -10.45 -0.96 33.28
C VAL D 192 -11.43 -2.02 32.77
N LEU D 193 -11.27 -2.44 31.50
CA LEU D 193 -12.16 -3.44 30.93
C LEU D 193 -11.93 -4.83 31.48
N GLU D 194 -10.74 -5.08 32.05
CA GLU D 194 -10.52 -6.33 32.76
C GLU D 194 -11.47 -6.49 33.94
N THR D 195 -11.89 -5.39 34.55
CA THR D 195 -12.83 -5.43 35.67
C THR D 195 -14.27 -5.38 35.20
N THR D 196 -14.61 -4.40 34.35
CA THR D 196 -15.98 -4.17 33.95
C THR D 196 -16.55 -5.25 33.04
N SER D 197 -15.71 -6.12 32.50
CA SER D 197 -16.19 -7.18 31.61
C SER D 197 -16.59 -8.45 32.36
N LYS D 198 -16.30 -8.55 33.65
CA LYS D 198 -16.59 -9.80 34.35
C LYS D 198 -17.93 -9.72 35.06
N PRO D 199 -18.82 -10.70 34.92
CA PRO D 199 -20.06 -10.70 35.72
C PRO D 199 -19.83 -10.89 37.22
N THR D 200 -18.71 -11.47 37.62
CA THR D 200 -18.38 -11.63 39.04
C THR D 200 -16.88 -11.50 39.24
N VAL D 201 -16.48 -10.70 40.23
CA VAL D 201 -15.09 -10.45 40.55
C VAL D 201 -14.80 -11.05 41.91
N THR D 202 -13.71 -11.79 42.01
CA THR D 202 -13.26 -12.33 43.29
C THR D 202 -12.23 -11.38 43.87
N THR D 203 -12.54 -10.78 45.01
CA THR D 203 -11.65 -9.81 45.61
C THR D 203 -10.37 -10.48 46.13
N ASP D 204 -9.38 -9.64 46.45
CA ASP D 204 -8.20 -10.12 47.16
C ASP D 204 -8.57 -10.72 48.51
N LYS D 205 -9.51 -10.08 49.23
CA LYS D 205 -9.91 -10.58 50.53
C LYS D 205 -10.54 -11.96 50.41
N GLY D 206 -11.52 -12.11 49.54
CA GLY D 206 -12.08 -13.43 49.28
C GLY D 206 -13.51 -13.38 48.78
N ALA D 207 -14.28 -12.40 49.24
CA ALA D 207 -15.69 -12.27 48.85
C ALA D 207 -15.83 -12.06 47.34
N LYS D 208 -16.90 -12.62 46.78
CA LYS D 208 -17.23 -12.44 45.36
C LYS D 208 -18.24 -11.31 45.19
N LEU D 209 -17.97 -10.40 44.26
CA LEU D 209 -18.84 -9.27 43.94
C LEU D 209 -19.49 -9.46 42.58
N GLU D 210 -20.79 -9.16 42.49
CA GLU D 210 -21.55 -9.36 41.26
C GLU D 210 -21.79 -8.05 40.53
N SER D 211 -21.55 -8.07 39.23
CA SER D 211 -21.78 -6.89 38.38
C SER D 211 -23.25 -6.54 38.30
N THR D 212 -23.54 -5.23 38.28
CA THR D 212 -24.86 -4.71 37.92
C THR D 212 -25.11 -4.72 36.41
N ASN D 213 -24.06 -4.97 35.62
CA ASN D 213 -24.13 -5.03 34.16
C ASN D 213 -24.72 -6.36 33.74
N ASP D 214 -26.04 -6.43 33.65
CA ASP D 214 -26.73 -7.66 33.27
C ASP D 214 -26.63 -7.98 31.78
N LEU D 215 -26.04 -7.08 30.98
CA LEU D 215 -25.87 -7.34 29.57
C LEU D 215 -24.61 -8.16 29.26
N LEU D 216 -23.69 -8.28 30.20
CA LEU D 216 -22.51 -9.11 29.94
C LEU D 216 -22.97 -10.52 29.60
N GLY D 217 -22.34 -11.10 28.59
CA GLY D 217 -22.70 -12.43 28.14
C GLY D 217 -23.70 -12.47 27.00
N SER D 218 -24.59 -11.48 26.89
CA SER D 218 -25.62 -11.53 25.88
C SER D 218 -25.40 -10.61 24.68
N ILE D 219 -24.46 -9.67 24.76
CA ILE D 219 -24.12 -8.80 23.63
C ILE D 219 -22.68 -9.10 23.20
N GLN D 220 -22.50 -9.40 21.91
CA GLN D 220 -21.20 -9.77 21.38
C GLN D 220 -20.22 -8.60 21.50
N GLY D 221 -19.14 -8.81 22.25
CA GLY D 221 -18.09 -7.84 22.39
C GLY D 221 -18.23 -6.94 23.59
N LEU D 222 -19.33 -7.02 24.33
CA LEU D 222 -19.58 -6.11 25.44
C LEU D 222 -18.57 -6.36 26.56
N ASP D 223 -17.91 -5.29 27.00
CA ASP D 223 -16.99 -5.42 28.12
C ASP D 223 -17.06 -4.25 29.10
N GLY D 224 -18.09 -3.42 29.01
CA GLY D 224 -18.32 -2.38 29.99
C GLY D 224 -19.70 -1.78 29.78
N LEU D 225 -19.98 -0.67 30.48
CA LEU D 225 -19.04 -0.03 31.39
C LEU D 225 -19.60 0.29 32.79
N LYS D 226 -20.81 0.85 32.92
CA LYS D 226 -21.27 1.31 34.23
C LYS D 226 -22.75 1.63 34.21
N THR D 227 -23.46 1.19 35.25
CA THR D 227 -24.88 1.50 35.48
C THR D 227 -25.02 2.61 36.54
N GLY D 228 -26.23 3.16 36.60
CA GLY D 228 -26.59 4.06 37.68
C GLY D 228 -28.09 4.13 37.83
N PHE D 229 -28.52 4.54 39.03
CA PHE D 229 -29.93 4.79 39.26
C PHE D 229 -30.12 5.70 40.45
N THR D 230 -30.99 6.70 40.29
CA THR D 230 -31.70 7.39 41.36
C THR D 230 -33.10 7.66 40.86
N ASP D 231 -33.99 8.06 41.76
CA ASP D 231 -35.32 8.45 41.31
C ASP D 231 -35.25 9.59 40.29
N GLU D 232 -34.33 10.53 40.50
CA GLU D 232 -34.20 11.70 39.62
C GLU D 232 -33.41 11.40 38.35
N ALA D 233 -32.44 10.48 38.41
CA ALA D 233 -31.68 10.12 37.22
C ALA D 233 -32.36 9.07 36.35
N GLY D 234 -33.30 8.29 36.90
CA GLY D 234 -33.84 7.12 36.22
C GLY D 234 -32.76 6.04 36.12
N TYR D 235 -33.01 5.06 35.26
CA TYR D 235 -32.04 3.99 35.07
C TYR D 235 -31.10 4.34 33.93
N CYS D 236 -29.80 4.25 34.19
CA CYS D 236 -28.78 4.72 33.26
C CYS D 236 -27.76 3.64 33.01
N PHE D 237 -27.09 3.72 31.85
CA PHE D 237 -26.05 2.75 31.54
C PHE D 237 -25.16 3.30 30.41
N ILE D 238 -23.86 3.22 30.62
CA ILE D 238 -22.88 3.41 29.56
C ILE D 238 -22.38 2.02 29.17
N GLY D 239 -22.57 1.65 27.91
CA GLY D 239 -22.08 0.39 27.39
C GLY D 239 -20.87 0.60 26.49
N THR D 240 -20.03 -0.44 26.38
CA THR D 240 -18.93 -0.44 25.43
C THR D 240 -18.69 -1.86 24.94
N ALA D 241 -18.48 -2.00 23.64
CA ALA D 241 -18.27 -3.31 23.06
C ALA D 241 -17.28 -3.14 21.92
N GLU D 242 -16.53 -4.20 21.65
CA GLU D 242 -15.50 -4.20 20.61
C GLU D 242 -15.68 -5.43 19.73
N ARG D 243 -15.76 -5.23 18.42
CA ARG D 243 -15.84 -6.32 17.45
C ARG D 243 -14.85 -6.05 16.32
N GLY D 244 -13.86 -6.92 16.17
CA GLY D 244 -12.89 -6.81 15.10
C GLY D 244 -12.25 -5.45 14.98
N GLY D 245 -11.76 -4.89 16.10
CA GLY D 245 -11.05 -3.64 16.07
C GLY D 245 -11.91 -2.40 16.00
N LYS D 246 -13.23 -2.54 16.04
CA LYS D 246 -14.16 -1.41 16.07
C LYS D 246 -14.79 -1.40 17.45
N ARG D 247 -14.51 -0.35 18.22
CA ARG D 247 -15.16 -0.14 19.50
C ARG D 247 -16.25 0.91 19.36
N VAL D 248 -17.37 0.68 20.05
CA VAL D 248 -18.40 1.68 20.20
C VAL D 248 -18.66 1.88 21.69
N ILE D 249 -19.24 3.03 22.02
CA ILE D 249 -19.65 3.35 23.38
C ILE D 249 -21.07 3.91 23.30
N SER D 250 -21.98 3.35 24.08
CA SER D 250 -23.36 3.79 24.13
C SER D 250 -23.62 4.42 25.49
N ILE D 251 -24.50 5.43 25.52
CA ILE D 251 -24.91 6.11 26.75
C ILE D 251 -26.44 6.11 26.81
N VAL D 252 -27.00 5.60 27.91
CA VAL D 252 -28.45 5.58 28.14
C VAL D 252 -28.72 6.27 29.47
N LEU D 253 -29.58 7.29 29.47
CA LEU D 253 -29.86 8.09 30.66
C LEU D 253 -31.36 8.20 30.87
N ASP D 254 -31.81 7.92 32.11
CA ASP D 254 -33.23 7.99 32.49
C ASP D 254 -34.11 7.11 31.62
N ALA D 255 -33.80 5.81 31.61
CA ALA D 255 -34.77 4.86 31.12
C ALA D 255 -35.75 4.53 32.24
N GLY D 256 -36.82 3.82 31.90
CA GLY D 256 -37.95 3.71 32.80
C GLY D 256 -37.84 2.61 33.82
N THR D 257 -37.08 1.56 33.54
CA THR D 257 -36.90 0.47 34.49
C THR D 257 -35.46 0.00 34.43
N ALA D 258 -35.11 -0.89 35.37
CA ALA D 258 -33.77 -1.48 35.35
C ALA D 258 -33.52 -2.28 34.08
N GLU D 259 -34.58 -2.86 33.50
CA GLU D 259 -34.43 -3.66 32.28
C GLU D 259 -34.42 -2.79 31.03
N LYS D 260 -35.21 -1.71 30.99
CA LYS D 260 -35.30 -0.92 29.77
C LYS D 260 -33.98 -0.21 29.45
N ARG D 261 -33.14 0.06 30.45
CA ARG D 261 -31.84 0.66 30.14
C ARG D 261 -30.97 -0.29 29.34
N PHE D 262 -31.13 -1.60 29.58
CA PHE D 262 -30.39 -2.58 28.80
C PHE D 262 -31.09 -2.87 27.47
N LYS D 263 -32.43 -2.86 27.44
CA LYS D 263 -33.13 -2.97 26.16
C LYS D 263 -32.69 -1.87 25.21
N ASP D 264 -32.60 -0.64 25.73
CA ASP D 264 -32.13 0.50 24.93
C ASP D 264 -30.70 0.28 24.44
N THR D 265 -29.83 -0.29 25.28
CA THR D 265 -28.45 -0.50 24.90
C THR D 265 -28.32 -1.54 23.79
N GLU D 266 -29.23 -2.52 23.73
CA GLU D 266 -29.21 -3.49 22.64
C GLU D 266 -29.52 -2.81 21.30
N LYS D 267 -30.52 -1.93 21.28
CA LYS D 267 -30.83 -1.20 20.05
C LYS D 267 -29.67 -0.29 19.65
N LEU D 268 -28.99 0.32 20.63
CA LEU D 268 -27.89 1.21 20.33
C LEU D 268 -26.67 0.45 19.81
N MET D 269 -26.39 -0.71 20.39
CA MET D 269 -25.26 -1.51 19.92
C MET D 269 -25.47 -1.98 18.49
N GLU D 270 -26.70 -2.41 18.17
CA GLU D 270 -27.02 -2.85 16.82
C GLU D 270 -26.87 -1.72 15.82
N VAL D 271 -27.30 -0.51 16.18
CA VAL D 271 -26.97 0.66 15.38
C VAL D 271 -25.46 0.83 15.29
N GLY D 272 -24.78 0.69 16.43
CA GLY D 272 -23.36 1.00 16.49
C GLY D 272 -22.52 0.13 15.58
N PHE D 273 -23.01 -1.07 15.27
CA PHE D 273 -22.24 -2.01 14.48
C PHE D 273 -22.86 -2.29 13.12
N LYS D 274 -23.97 -1.63 12.78
CA LYS D 274 -24.63 -1.81 11.48
C LYS D 274 -23.64 -1.62 10.33
N GLN E 28 5.30 -39.82 35.39
CA GLN E 28 4.94 -38.99 34.24
C GLN E 28 3.56 -38.36 34.45
N PRO E 29 3.34 -37.19 33.83
CA PRO E 29 2.05 -36.50 34.01
C PRO E 29 0.84 -37.28 33.47
N ASN E 30 -0.35 -36.72 33.62
CA ASN E 30 -1.59 -37.37 33.18
C ASN E 30 -2.22 -36.53 32.07
N LEU E 31 -1.85 -36.82 30.84
CA LEU E 31 -2.40 -36.08 29.72
C LEU E 31 -3.66 -36.76 29.20
N TYR E 32 -4.50 -35.98 28.55
CA TYR E 32 -5.72 -36.48 27.93
C TYR E 32 -5.62 -36.19 26.44
N LEU E 33 -4.77 -36.96 25.77
CA LEU E 33 -4.41 -36.71 24.38
C LEU E 33 -5.48 -37.26 23.44
N SER E 34 -5.58 -36.65 22.27
CA SER E 34 -6.33 -37.26 21.18
C SER E 34 -5.58 -38.46 20.62
N ALA E 35 -4.26 -38.35 20.49
CA ALA E 35 -3.42 -39.40 19.91
C ALA E 35 -3.69 -40.75 20.56
N ASN E 36 -3.71 -41.78 19.73
CA ASN E 36 -3.72 -43.14 20.27
C ASN E 36 -2.36 -43.49 20.87
N ALA E 37 -1.28 -43.15 20.18
CA ALA E 37 0.07 -43.32 20.71
C ALA E 37 0.78 -41.98 20.65
N ALA E 38 1.55 -41.67 21.69
CA ALA E 38 2.27 -40.40 21.72
C ALA E 38 3.46 -40.51 22.66
N ALA E 39 4.37 -39.54 22.52
CA ALA E 39 5.59 -39.49 23.32
C ALA E 39 6.25 -38.13 23.14
N VAL E 40 7.12 -37.80 24.09
CA VAL E 40 8.05 -36.68 23.96
C VAL E 40 9.33 -37.08 24.68
N TYR E 41 10.47 -36.86 24.03
CA TYR E 41 11.78 -37.25 24.56
C TYR E 41 12.69 -36.04 24.60
N SER E 42 13.67 -36.11 25.49
CA SER E 42 14.76 -35.14 25.51
C SER E 42 15.89 -35.65 24.63
N VAL E 43 16.42 -34.77 23.78
CA VAL E 43 17.48 -35.19 22.87
C VAL E 43 18.78 -35.39 23.62
N GLU E 44 18.95 -34.69 24.74
CA GLU E 44 20.20 -34.63 25.49
C GLU E 44 20.56 -35.95 26.17
N ASN E 45 19.66 -36.92 26.21
CA ASN E 45 19.94 -38.18 26.88
C ASN E 45 19.06 -39.30 26.33
N GLY E 46 18.10 -38.96 25.49
CA GLY E 46 17.15 -39.92 24.99
C GLY E 46 16.07 -40.33 25.96
N GLU E 47 15.92 -39.61 27.07
CA GLU E 47 14.99 -40.00 28.13
C GLU E 47 13.55 -39.69 27.74
N ALA E 48 12.66 -40.65 27.94
CA ALA E 48 11.24 -40.37 27.75
C ALA E 48 10.74 -39.44 28.86
N LEU E 49 9.97 -38.44 28.46
CA LEU E 49 9.31 -37.57 29.43
C LEU E 49 7.80 -37.78 29.49
N TYR E 50 7.22 -38.41 28.47
CA TYR E 50 5.85 -38.91 28.48
C TYR E 50 5.78 -39.99 27.42
N GLU E 51 5.13 -41.11 27.75
CA GLU E 51 4.96 -42.20 26.80
C GLU E 51 3.58 -42.83 26.93
N GLN E 52 2.91 -43.00 25.80
CA GLN E 52 1.60 -43.62 25.72
C GLN E 52 1.62 -44.55 24.53
N ASN E 53 1.47 -45.86 24.78
CA ASN E 53 1.58 -46.87 23.74
C ASN E 53 2.87 -46.69 22.94
N ALA E 54 3.99 -46.49 23.65
CA ALA E 54 5.25 -46.19 22.98
C ALA E 54 5.86 -47.39 22.27
N ASP E 55 5.33 -48.60 22.52
CA ASP E 55 5.82 -49.79 21.85
C ASP E 55 4.84 -50.31 20.82
N LYS E 56 3.70 -49.65 20.65
CA LYS E 56 2.65 -50.15 19.78
C LYS E 56 3.03 -49.90 18.33
N VAL E 57 2.93 -50.94 17.49
CA VAL E 57 3.13 -50.76 16.06
C VAL E 57 1.98 -49.92 15.51
N MET E 58 2.33 -48.84 14.82
CA MET E 58 1.39 -47.84 14.36
C MET E 58 1.72 -47.46 12.92
N PRO E 59 0.71 -47.24 12.08
CA PRO E 59 0.98 -46.73 10.72
C PRO E 59 1.44 -45.26 10.76
N ILE E 60 2.37 -44.90 9.88
CA ILE E 60 3.06 -43.61 9.97
C ILE E 60 2.93 -42.75 8.71
N ALA E 61 2.54 -43.30 7.56
CA ALA E 61 2.15 -42.51 6.38
C ALA E 61 3.27 -41.52 6.03
N SER E 62 2.96 -40.24 5.82
CA SER E 62 3.91 -39.26 5.30
C SER E 62 5.11 -39.06 6.20
N LEU E 63 5.04 -39.50 7.45
CA LEU E 63 6.24 -39.41 8.28
C LEU E 63 7.41 -40.18 7.66
N SER E 64 7.12 -41.18 6.82
CA SER E 64 8.15 -41.87 6.04
C SER E 64 9.06 -40.89 5.31
N LYS E 65 8.55 -39.71 4.98
CA LYS E 65 9.34 -38.76 4.19
C LYS E 65 10.58 -38.29 4.93
N LEU E 66 10.61 -38.41 6.26
CA LEU E 66 11.83 -38.06 6.97
C LEU E 66 12.96 -39.00 6.59
N MET E 67 12.65 -40.29 6.39
CA MET E 67 13.71 -41.21 5.99
C MET E 67 14.18 -40.90 4.59
N THR E 68 13.25 -40.54 3.70
CA THR E 68 13.64 -40.12 2.36
C THR E 68 14.52 -38.88 2.41
N ALA E 69 14.17 -37.90 3.26
CA ALA E 69 15.01 -36.72 3.41
C ALA E 69 16.39 -37.09 3.90
N PHE E 70 16.46 -37.97 4.91
CA PHE E 70 17.75 -38.38 5.44
C PHE E 70 18.64 -38.93 4.34
N LEU E 71 18.09 -39.80 3.48
CA LEU E 71 18.91 -40.44 2.45
C LEU E 71 19.29 -39.48 1.33
N VAL E 72 18.42 -38.51 1.03
CA VAL E 72 18.82 -37.42 0.12
C VAL E 72 20.02 -36.68 0.70
N LEU E 73 19.93 -36.29 1.96
CA LEU E 73 21.01 -35.52 2.58
C LEU E 73 22.30 -36.36 2.65
N GLU E 74 22.18 -37.66 2.98
CA GLU E 74 23.34 -38.54 2.95
C GLU E 74 23.96 -38.58 1.56
N ALA E 75 23.12 -38.66 0.53
CA ALA E 75 23.64 -38.80 -0.82
C ALA E 75 24.33 -37.53 -1.29
N VAL E 76 23.82 -36.37 -0.89
CA VAL E 76 24.52 -35.12 -1.21
C VAL E 76 25.86 -35.07 -0.50
N ASP E 77 25.87 -35.32 0.82
CA ASP E 77 27.11 -35.32 1.57
C ASP E 77 28.11 -36.32 1.02
N ASN E 78 27.63 -37.41 0.41
CA ASN E 78 28.49 -38.47 -0.09
C ASN E 78 28.84 -38.29 -1.55
N ASN E 79 28.52 -37.14 -2.14
CA ASN E 79 28.90 -36.80 -3.52
C ASN E 79 28.19 -37.68 -4.55
N GLU E 80 26.99 -38.17 -4.22
CA GLU E 80 26.23 -39.03 -5.11
C GLU E 80 25.00 -38.34 -5.70
N LEU E 81 24.72 -37.10 -5.29
CA LEU E 81 23.51 -36.42 -5.70
C LEU E 81 23.79 -34.92 -5.67
N SER E 82 23.26 -34.19 -6.65
CA SER E 82 23.42 -32.74 -6.73
C SER E 82 22.11 -32.07 -6.37
N TRP E 83 22.18 -30.95 -5.64
CA TRP E 83 20.98 -30.18 -5.33
C TRP E 83 20.37 -29.56 -6.59
N ASP E 84 21.18 -29.33 -7.62
CA ASP E 84 20.72 -28.62 -8.81
C ASP E 84 20.29 -29.55 -9.94
N GLU E 85 20.41 -30.87 -9.79
CA GLU E 85 19.89 -31.77 -10.79
C GLU E 85 18.39 -31.54 -10.98
N LYS E 86 17.95 -31.53 -12.24
CA LYS E 86 16.54 -31.36 -12.58
C LYS E 86 15.92 -32.72 -12.81
N LEU E 87 14.76 -32.96 -12.20
CA LEU E 87 14.01 -34.18 -12.44
C LEU E 87 12.56 -33.83 -12.77
N ASP E 88 11.94 -34.70 -13.56
CA ASP E 88 10.51 -34.61 -13.81
C ASP E 88 9.75 -35.42 -12.77
N LEU E 89 8.69 -34.81 -12.23
CA LEU E 89 7.88 -35.46 -11.21
C LEU E 89 7.27 -36.75 -11.72
N VAL E 90 7.37 -37.82 -10.92
CA VAL E 90 6.67 -39.04 -11.29
C VAL E 90 5.16 -38.82 -11.13
N ARG E 91 4.38 -39.53 -11.95
CA ARG E 91 2.94 -39.47 -11.86
C ARG E 91 2.42 -40.47 -10.83
N LEU E 92 1.55 -40.00 -9.94
CA LEU E 92 0.91 -40.87 -8.97
C LEU E 92 -0.25 -41.63 -9.59
N ASP E 93 -0.56 -42.79 -9.02
CA ASP E 93 -1.70 -43.56 -9.49
C ASP E 93 -3.00 -42.82 -9.22
N ASP E 94 -3.08 -42.10 -8.08
CA ASP E 94 -4.31 -41.43 -7.68
C ASP E 94 -4.26 -39.96 -8.05
N PRO E 95 -5.28 -39.46 -8.75
CA PRO E 95 -5.23 -38.06 -9.18
C PRO E 95 -5.47 -37.08 -8.04
N SER E 96 -6.41 -37.38 -7.14
CA SER E 96 -6.69 -36.53 -6.01
C SER E 96 -5.61 -36.59 -4.94
N ALA E 97 -4.56 -37.40 -5.13
CA ALA E 97 -3.47 -37.46 -4.17
C ALA E 97 -2.71 -36.13 -4.15
N VAL E 98 -2.29 -35.73 -2.95
CA VAL E 98 -1.62 -34.45 -2.80
C VAL E 98 -0.28 -34.48 -3.51
N SER E 99 -0.03 -33.49 -4.36
CA SER E 99 1.12 -33.53 -5.24
C SER E 99 1.58 -32.12 -5.57
N LEU E 100 2.87 -32.01 -5.83
CA LEU E 100 3.45 -30.74 -6.27
C LEU E 100 2.95 -30.37 -7.66
N TYR E 101 2.71 -31.35 -8.52
CA TYR E 101 2.18 -31.07 -9.85
C TYR E 101 0.80 -30.44 -9.78
N ALA E 102 -0.07 -30.98 -8.93
CA ALA E 102 -1.46 -30.53 -8.94
C ALA E 102 -1.58 -29.04 -8.64
N ILE E 103 -0.80 -28.55 -7.67
CA ILE E 103 -0.96 -27.14 -7.29
C ILE E 103 -0.07 -26.19 -8.08
N THR E 104 0.86 -26.71 -8.89
CA THR E 104 1.71 -25.83 -9.69
C THR E 104 1.58 -26.01 -11.19
N GLN E 105 1.11 -27.18 -11.65
CA GLN E 105 1.11 -27.52 -13.08
C GLN E 105 2.52 -27.47 -13.67
N LYS E 106 3.54 -27.72 -12.86
CA LYS E 106 4.92 -27.71 -13.32
C LYS E 106 5.54 -29.05 -12.99
N ARG E 107 6.16 -29.67 -13.98
CA ARG E 107 6.66 -31.02 -13.85
C ARG E 107 8.15 -31.12 -13.52
N THR E 108 8.97 -30.19 -14.01
CA THR E 108 10.42 -30.25 -13.83
C THR E 108 10.86 -29.43 -12.62
N TRP E 109 11.61 -30.06 -11.73
CA TRP E 109 12.04 -29.39 -10.51
C TRP E 109 13.46 -29.82 -10.15
N SER E 110 14.22 -28.88 -9.59
CA SER E 110 15.50 -29.25 -9.02
C SER E 110 15.31 -30.20 -7.84
N VAL E 111 16.35 -30.99 -7.58
CA VAL E 111 16.36 -31.86 -6.40
C VAL E 111 16.11 -31.06 -5.13
N ARG E 112 16.73 -29.88 -5.02
CA ARG E 112 16.50 -29.01 -3.87
C ARG E 112 15.01 -28.71 -3.66
N ASP E 113 14.32 -28.30 -4.72
CA ASP E 113 12.92 -27.91 -4.58
C ASP E 113 12.03 -29.12 -4.30
N LEU E 114 12.32 -30.27 -4.91
CA LEU E 114 11.57 -31.50 -4.64
C LEU E 114 11.68 -31.89 -3.18
N TYR E 115 12.89 -31.77 -2.62
CA TYR E 115 13.15 -32.02 -1.21
C TYR E 115 12.42 -31.00 -0.32
N SER E 116 12.42 -29.73 -0.71
CA SER E 116 11.60 -28.75 -0.01
C SER E 116 10.12 -29.10 -0.07
N ALA E 117 9.63 -29.48 -1.25
CA ALA E 117 8.21 -29.80 -1.41
C ALA E 117 7.83 -31.00 -0.57
N MET E 118 8.70 -32.01 -0.55
CA MET E 118 8.45 -33.20 0.26
C MET E 118 8.29 -32.84 1.74
N LEU E 119 9.14 -31.97 2.25
CA LEU E 119 9.12 -31.70 3.69
C LEU E 119 8.03 -30.71 4.09
N THR E 120 7.81 -29.68 3.28
CA THR E 120 6.91 -28.62 3.71
C THR E 120 5.45 -28.95 3.42
N MET E 121 5.12 -29.20 2.15
CA MET E 121 3.72 -29.45 1.79
C MET E 121 3.36 -30.93 1.77
N SER E 122 4.33 -31.81 2.05
CA SER E 122 4.16 -33.27 2.06
C SER E 122 3.80 -33.81 0.67
N ALA E 123 4.49 -33.28 -0.34
CA ALA E 123 4.20 -33.62 -1.73
C ALA E 123 4.56 -35.08 -1.98
N ASN E 124 3.55 -35.92 -2.19
CA ASN E 124 3.83 -37.34 -2.39
C ASN E 124 4.62 -37.58 -3.66
N ASP E 125 4.38 -36.79 -4.72
CA ASP E 125 5.08 -37.06 -5.97
C ASP E 125 6.53 -36.62 -5.91
N ALA E 126 6.81 -35.54 -5.16
CA ALA E 126 8.20 -35.14 -4.98
C ALA E 126 8.99 -36.20 -4.23
N ALA E 127 8.38 -36.81 -3.22
CA ALA E 127 9.06 -37.84 -2.44
C ALA E 127 9.36 -39.06 -3.31
N GLU E 128 8.37 -39.53 -4.05
CA GLU E 128 8.56 -40.67 -4.93
C GLU E 128 9.62 -40.38 -5.99
N THR E 129 9.69 -39.14 -6.46
CA THR E 129 10.67 -38.77 -7.48
C THR E 129 12.09 -38.83 -6.94
N LEU E 130 12.27 -38.38 -5.70
CA LEU E 130 13.57 -38.49 -5.05
C LEU E 130 13.93 -39.95 -4.77
N GLY E 131 12.96 -40.73 -4.29
CA GLY E 131 13.21 -42.15 -4.12
C GLY E 131 13.70 -42.82 -5.39
N ASP E 132 13.01 -42.55 -6.51
CA ASP E 132 13.40 -43.16 -7.78
C ASP E 132 14.82 -42.77 -8.18
N ARG E 133 15.18 -41.50 -7.97
CA ARG E 133 16.53 -41.05 -8.28
C ARG E 133 17.57 -41.74 -7.40
N LEU E 134 17.24 -41.94 -6.11
CA LEU E 134 18.23 -42.51 -5.20
C LEU E 134 18.42 -44.01 -5.45
N ASP E 135 17.35 -44.71 -5.82
CA ASP E 135 17.43 -46.14 -6.11
C ASP E 135 16.21 -46.50 -6.95
N GLY E 136 16.42 -46.63 -8.27
CA GLY E 136 15.30 -46.91 -9.15
C GLY E 136 14.62 -48.24 -8.86
N ALA E 137 15.42 -49.27 -8.52
CA ALA E 137 14.89 -50.63 -8.41
C ALA E 137 14.07 -50.82 -7.13
N ASP E 138 14.64 -50.44 -5.98
CA ASP E 138 14.04 -50.78 -4.69
C ASP E 138 14.44 -49.79 -3.61
N PHE E 139 13.92 -48.57 -3.69
CA PHE E 139 14.14 -47.60 -2.63
C PHE E 139 13.61 -48.03 -1.28
N PRO E 140 12.44 -48.69 -1.16
CA PRO E 140 12.02 -49.12 0.19
C PRO E 140 13.04 -50.00 0.89
N LYS E 141 13.77 -50.84 0.14
CA LYS E 141 14.80 -51.67 0.75
C LYS E 141 15.93 -50.81 1.29
N GLU E 142 16.26 -49.73 0.57
CA GLU E 142 17.27 -48.80 1.06
C GLU E 142 16.77 -48.07 2.31
N MET E 143 15.50 -47.71 2.35
CA MET E 143 14.92 -47.11 3.55
C MET E 143 15.00 -48.06 4.74
N ASN E 144 14.71 -49.34 4.51
CA ASN E 144 14.73 -50.30 5.60
C ASN E 144 16.14 -50.70 6.00
N ASN E 145 17.07 -50.74 5.05
CA ASN E 145 18.48 -50.90 5.41
C ASN E 145 18.93 -49.79 6.35
N GLN E 146 18.56 -48.54 6.03
CA GLN E 146 18.98 -47.40 6.85
C GLN E 146 18.27 -47.40 8.20
N ALA E 147 17.04 -47.91 8.27
CA ALA E 147 16.36 -48.05 9.55
C ALA E 147 17.16 -48.94 10.50
N LYS E 148 17.66 -50.07 10.00
CA LYS E 148 18.53 -50.94 10.80
C LYS E 148 19.80 -50.22 11.21
N LYS E 149 20.45 -49.56 10.24
CA LYS E 149 21.69 -48.87 10.52
C LYS E 149 21.52 -47.79 11.58
N LEU E 150 20.36 -47.16 11.65
CA LEU E 150 20.10 -46.10 12.60
C LEU E 150 19.59 -46.59 13.95
N GLY E 151 19.48 -47.90 14.15
CA GLY E 151 19.09 -48.44 15.43
C GLY E 151 17.61 -48.64 15.64
N MET E 152 16.79 -48.43 14.62
CA MET E 152 15.35 -48.66 14.75
C MET E 152 15.05 -50.16 14.89
N SER E 153 14.10 -50.48 15.75
CA SER E 153 13.72 -51.87 15.97
C SER E 153 13.07 -52.46 14.71
N SER E 154 12.83 -53.77 14.74
CA SER E 154 12.17 -54.45 13.64
C SER E 154 10.68 -54.15 13.54
N LYS E 155 10.12 -53.41 14.50
CA LYS E 155 8.74 -52.96 14.39
C LYS E 155 8.57 -51.90 13.32
N THR E 156 9.68 -51.34 12.83
CA THR E 156 9.65 -50.32 11.77
C THR E 156 9.73 -50.99 10.40
N THR E 157 8.81 -50.61 9.52
CA THR E 157 8.84 -51.03 8.13
C THR E 157 8.40 -49.88 7.25
N PHE E 158 9.22 -49.51 6.27
CA PHE E 158 8.84 -48.55 5.23
C PHE E 158 8.43 -49.30 3.98
N VAL E 159 7.48 -48.74 3.24
CA VAL E 159 7.02 -49.32 1.98
C VAL E 159 7.18 -48.37 0.80
N SER E 160 7.43 -47.08 1.02
CA SER E 160 7.47 -46.11 -0.07
C SER E 160 8.18 -44.85 0.40
N ALA E 161 8.73 -44.11 -0.56
CA ALA E 161 9.42 -42.85 -0.29
C ALA E 161 8.49 -41.81 0.31
N SER E 162 7.21 -41.83 -0.06
CA SER E 162 6.25 -40.83 0.37
C SER E 162 5.41 -41.27 1.56
N GLY E 163 5.37 -42.54 1.86
CA GLY E 163 4.42 -43.07 2.82
C GLY E 163 3.14 -43.60 2.21
N LEU E 164 2.95 -43.49 0.89
CA LEU E 164 1.80 -44.11 0.26
C LEU E 164 1.89 -45.62 0.38
N ASP E 165 0.75 -46.26 0.69
CA ASP E 165 0.68 -47.71 0.71
C ASP E 165 1.17 -48.27 -0.61
N VAL E 166 1.78 -49.45 -0.55
CA VAL E 166 2.20 -50.18 -1.75
C VAL E 166 1.78 -51.63 -1.58
N ASP E 167 1.08 -52.15 -2.59
CA ASP E 167 0.60 -53.54 -2.61
C ASP E 167 -0.27 -53.87 -1.40
N GLY E 168 -1.02 -52.89 -0.92
CA GLY E 168 -1.90 -53.05 0.22
C GLY E 168 -1.22 -53.03 1.56
N LYS E 169 0.08 -52.73 1.60
CA LYS E 169 0.84 -52.73 2.83
C LYS E 169 1.19 -51.30 3.23
N SER E 170 1.22 -51.07 4.54
CA SER E 170 1.41 -49.75 5.11
C SER E 170 2.79 -49.61 5.73
N ALA E 171 3.34 -48.40 5.68
CA ALA E 171 4.49 -48.07 6.50
C ALA E 171 4.09 -48.04 7.97
N VAL E 172 4.94 -48.63 8.81
CA VAL E 172 4.64 -48.75 10.24
C VAL E 172 5.90 -48.51 11.06
N SER E 173 5.70 -48.02 12.27
CA SER E 173 6.80 -47.75 13.19
C SER E 173 6.25 -47.69 14.60
N THR E 174 7.06 -47.23 15.54
CA THR E 174 6.66 -46.99 16.92
C THR E 174 7.12 -45.59 17.29
N THR E 175 6.51 -45.02 18.33
CA THR E 175 6.98 -43.71 18.79
C THR E 175 8.45 -43.75 19.17
N LYS E 176 8.89 -44.83 19.82
CA LYS E 176 10.29 -45.00 20.17
C LYS E 176 11.19 -44.97 18.95
N ASP E 177 10.86 -45.79 17.94
CA ASP E 177 11.68 -45.84 16.73
C ASP E 177 11.67 -44.50 16.01
N LEU E 178 10.51 -43.82 16.01
CA LEU E 178 10.42 -42.53 15.34
C LEU E 178 11.28 -41.47 16.05
N PHE E 179 11.42 -41.56 17.38
CA PHE E 179 12.34 -40.64 18.04
C PHE E 179 13.78 -40.92 17.62
N LEU E 180 14.16 -42.20 17.57
CA LEU E 180 15.51 -42.56 17.13
C LEU E 180 15.80 -42.00 15.74
N LEU E 181 14.87 -42.19 14.80
CA LEU E 181 15.06 -41.65 13.45
C LEU E 181 15.19 -40.14 13.49
N SER E 182 14.22 -39.47 14.12
CA SER E 182 14.20 -38.01 14.12
C SER E 182 15.44 -37.41 14.79
N SER E 183 15.88 -37.98 15.91
CA SER E 183 17.04 -37.42 16.60
C SER E 183 18.31 -37.61 15.78
N LYS E 184 18.42 -38.74 15.09
CA LYS E 184 19.62 -38.99 14.29
C LYS E 184 19.59 -38.16 13.02
N LEU E 185 18.40 -37.86 12.50
CA LEU E 185 18.29 -36.98 11.35
C LEU E 185 18.79 -35.59 11.68
N ILE E 186 18.27 -35.01 12.77
CA ILE E 186 18.60 -33.64 13.14
C ILE E 186 20.05 -33.51 13.59
N SER E 187 20.62 -34.53 14.24
CA SER E 187 21.99 -34.36 14.68
C SER E 187 22.98 -34.55 13.53
N THR E 188 22.69 -35.48 12.61
CA THR E 188 23.56 -35.71 11.46
C THR E 188 23.43 -34.60 10.41
N HIS E 189 22.21 -34.09 10.21
CA HIS E 189 21.92 -33.12 9.17
C HIS E 189 21.11 -32.01 9.81
N PRO E 190 21.76 -31.14 10.59
CA PRO E 190 21.03 -30.04 11.25
C PRO E 190 20.41 -29.05 10.29
N GLU E 191 20.92 -28.93 9.06
CA GLU E 191 20.29 -28.05 8.08
C GLU E 191 18.88 -28.48 7.72
N VAL E 192 18.42 -29.67 8.11
CA VAL E 192 17.03 -30.05 7.84
C VAL E 192 16.08 -29.04 8.47
N LEU E 193 16.45 -28.51 9.66
CA LEU E 193 15.59 -27.57 10.36
C LEU E 193 15.47 -26.25 9.62
N GLU E 194 16.46 -25.91 8.79
CA GLU E 194 16.36 -24.73 7.94
C GLU E 194 15.21 -24.81 6.95
N THR E 195 14.79 -26.02 6.58
CA THR E 195 13.63 -26.22 5.71
C THR E 195 12.34 -26.46 6.49
N THR E 196 12.39 -27.20 7.60
CA THR E 196 11.13 -27.54 8.26
C THR E 196 10.64 -26.47 9.21
N SER E 197 11.44 -25.43 9.47
CA SER E 197 11.06 -24.39 10.42
C SER E 197 10.36 -23.22 9.75
N LYS E 198 10.18 -23.26 8.43
CA LYS E 198 9.64 -22.12 7.68
C LYS E 198 8.17 -22.35 7.37
N PRO E 199 7.26 -21.44 7.72
CA PRO E 199 5.86 -21.61 7.30
C PRO E 199 5.70 -21.51 5.80
N THR E 200 6.60 -20.82 5.10
CA THR E 200 6.57 -20.73 3.64
C THR E 200 7.99 -20.86 3.11
N VAL E 201 8.20 -21.79 2.18
CA VAL E 201 9.48 -21.97 1.53
C VAL E 201 9.34 -21.54 0.07
N THR E 202 10.25 -20.68 -0.38
CA THR E 202 10.28 -20.22 -1.76
C THR E 202 11.25 -21.10 -2.54
N THR E 203 10.74 -21.81 -3.54
CA THR E 203 11.54 -22.73 -4.31
C THR E 203 12.54 -21.96 -5.18
N ASP E 204 13.52 -22.70 -5.72
CA ASP E 204 14.39 -22.13 -6.74
C ASP E 204 13.58 -21.60 -7.92
N LYS E 205 12.40 -22.14 -8.15
CA LYS E 205 11.49 -21.66 -9.19
C LYS E 205 10.68 -20.44 -8.75
N GLY E 206 10.91 -19.91 -7.54
CA GLY E 206 10.16 -18.77 -7.06
C GLY E 206 8.75 -19.08 -6.58
N ALA E 207 8.26 -20.30 -6.75
CA ALA E 207 6.92 -20.67 -6.26
C ALA E 207 6.98 -21.03 -4.78
N LYS E 208 5.96 -20.61 -4.03
CA LYS E 208 5.97 -20.66 -2.58
C LYS E 208 5.20 -21.87 -2.06
N LEU E 209 5.85 -22.66 -1.22
CA LEU E 209 5.30 -23.87 -0.63
C LEU E 209 4.85 -23.60 0.79
N GLU E 210 3.63 -24.04 1.12
CA GLU E 210 3.04 -23.80 2.43
C GLU E 210 3.23 -25.02 3.32
N SER E 211 3.85 -24.81 4.48
CA SER E 211 4.05 -25.90 5.43
C SER E 211 2.72 -26.42 5.93
N THR E 212 2.69 -27.72 6.20
CA THR E 212 1.56 -28.34 6.88
C THR E 212 1.70 -28.26 8.40
N ASN E 213 2.84 -27.80 8.90
CA ASN E 213 3.06 -27.66 10.34
C ASN E 213 2.40 -26.35 10.78
N ASP E 214 1.14 -26.43 11.21
CA ASP E 214 0.42 -25.24 11.58
C ASP E 214 0.85 -24.67 12.93
N LEU E 215 1.74 -25.34 13.67
CA LEU E 215 2.21 -24.80 14.93
C LEU E 215 3.39 -23.85 14.78
N LEU E 216 4.00 -23.76 13.59
CA LEU E 216 5.15 -22.89 13.42
C LEU E 216 4.77 -21.45 13.73
N GLY E 217 5.55 -20.80 14.60
CA GLY E 217 5.26 -19.45 15.01
C GLY E 217 4.45 -19.30 16.29
N SER E 218 3.92 -20.38 16.84
CA SER E 218 3.09 -20.31 18.03
C SER E 218 3.68 -21.02 19.24
N ILE E 219 4.76 -21.77 19.10
CA ILE E 219 5.46 -22.39 20.22
C ILE E 219 6.90 -21.90 20.16
N GLN E 220 7.39 -21.34 21.27
CA GLN E 220 8.75 -20.83 21.30
C GLN E 220 9.76 -21.93 21.03
N GLY E 221 10.59 -21.73 20.02
CA GLY E 221 11.65 -22.66 19.71
C GLY E 221 11.29 -23.73 18.71
N LEU E 222 10.03 -23.80 18.30
CA LEU E 222 9.55 -24.90 17.45
C LEU E 222 10.10 -24.77 16.04
N ASP E 223 10.84 -25.79 15.57
CA ASP E 223 11.44 -25.71 14.23
C ASP E 223 11.27 -26.99 13.41
N GLY E 224 10.29 -27.81 13.73
CA GLY E 224 10.08 -29.05 12.99
C GLY E 224 8.91 -29.79 13.60
N LEU E 225 8.57 -30.95 13.00
CA LEU E 225 9.36 -31.60 11.95
C LEU E 225 8.53 -32.15 10.75
N LYS E 226 7.46 -32.91 10.98
CA LYS E 226 6.73 -33.51 9.85
C LYS E 226 5.35 -33.97 10.29
N THR E 227 4.34 -33.74 9.45
CA THR E 227 2.98 -34.25 9.65
C THR E 227 2.76 -35.51 8.81
N GLY E 228 1.60 -36.12 9.03
CA GLY E 228 1.14 -37.20 8.17
C GLY E 228 -0.33 -37.45 8.41
N PHE E 229 -1.01 -37.94 7.37
CA PHE E 229 -2.40 -38.38 7.48
C PHE E 229 -2.67 -39.49 6.48
N THR E 230 -3.38 -40.53 6.94
CA THR E 230 -4.16 -41.45 6.11
C THR E 230 -5.41 -41.84 6.91
N ASP E 231 -6.31 -42.57 6.28
CA ASP E 231 -7.49 -43.05 7.02
C ASP E 231 -7.07 -43.90 8.21
N GLU E 232 -6.15 -44.86 7.98
CA GLU E 232 -5.77 -45.79 9.03
C GLU E 232 -4.83 -45.17 10.04
N ALA E 233 -3.95 -44.26 9.58
CA ALA E 233 -2.98 -43.67 10.48
C ALA E 233 -3.56 -42.53 11.30
N GLY E 234 -4.72 -41.98 10.91
CA GLY E 234 -5.21 -40.76 11.54
C GLY E 234 -4.19 -39.65 11.35
N TYR E 235 -4.36 -38.59 12.11
CA TYR E 235 -3.50 -37.42 11.99
C TYR E 235 -2.29 -37.55 12.91
N CYS E 236 -1.10 -37.41 12.32
CA CYS E 236 0.18 -37.62 12.98
C CYS E 236 1.05 -36.38 12.86
N PHE E 237 1.98 -36.22 13.81
CA PHE E 237 2.92 -35.10 13.75
C PHE E 237 4.12 -35.43 14.62
N ILE E 238 5.31 -35.22 14.07
CA ILE E 238 6.54 -35.23 14.85
C ILE E 238 7.00 -33.79 14.96
N GLY E 239 7.07 -33.29 16.19
CA GLY E 239 7.50 -31.93 16.42
C GLY E 239 8.87 -31.88 17.05
N THR E 240 9.56 -30.75 16.93
CA THR E 240 10.80 -30.57 17.66
C THR E 240 10.96 -29.09 17.97
N ALA E 241 11.50 -28.81 19.15
CA ALA E 241 11.67 -27.44 19.61
C ALA E 241 12.96 -27.41 20.40
N GLU E 242 13.63 -26.26 20.39
CA GLU E 242 14.82 -26.09 21.19
C GLU E 242 14.75 -24.76 21.95
N ARG E 243 15.04 -24.82 23.25
CA ARG E 243 15.07 -23.63 24.09
C ARG E 243 16.29 -23.71 24.97
N GLY E 244 17.09 -22.64 24.96
CA GLY E 244 18.24 -22.56 25.84
C GLY E 244 19.13 -23.78 25.80
N GLY E 245 19.38 -24.32 24.60
CA GLY E 245 20.24 -25.49 24.47
C GLY E 245 19.61 -26.79 24.90
N LYS E 246 18.29 -26.88 24.96
CA LYS E 246 17.60 -28.12 25.30
C LYS E 246 16.59 -28.40 24.21
N ARG E 247 16.76 -29.52 23.52
CA ARG E 247 15.89 -29.91 22.42
C ARG E 247 15.03 -31.09 22.86
N VAL E 248 13.73 -30.99 22.59
CA VAL E 248 12.82 -32.11 22.81
C VAL E 248 12.28 -32.52 21.45
N ILE E 249 11.83 -33.76 21.37
CA ILE E 249 11.17 -34.26 20.18
C ILE E 249 9.90 -34.96 20.63
N SER E 250 8.79 -34.63 19.97
CA SER E 250 7.47 -35.12 20.34
C SER E 250 6.91 -35.95 19.19
N ILE E 251 6.24 -37.05 19.53
CA ILE E 251 5.60 -37.95 18.57
C ILE E 251 4.12 -38.04 18.92
N VAL E 252 3.26 -37.82 17.91
CA VAL E 252 1.81 -37.89 18.03
C VAL E 252 1.29 -38.76 16.90
N LEU E 253 0.66 -39.89 17.23
CA LEU E 253 0.16 -40.83 16.24
C LEU E 253 -1.33 -41.06 16.40
N ASP E 254 -2.06 -40.97 15.28
CA ASP E 254 -3.51 -41.22 15.20
C ASP E 254 -4.30 -40.29 16.12
N ALA E 255 -4.19 -38.99 15.84
CA ALA E 255 -5.06 -37.97 16.41
C ALA E 255 -6.32 -37.84 15.56
N GLY E 256 -7.35 -37.23 16.14
CA GLY E 256 -8.67 -37.24 15.51
C GLY E 256 -8.88 -36.29 14.36
N THR E 257 -8.27 -35.11 14.40
CA THR E 257 -8.42 -34.10 13.35
C THR E 257 -7.06 -33.47 13.08
N ALA E 258 -6.98 -32.75 11.97
CA ALA E 258 -5.73 -32.08 11.62
C ALA E 258 -5.28 -31.11 12.72
N GLU E 259 -6.23 -30.53 13.47
CA GLU E 259 -5.87 -29.60 14.52
C GLU E 259 -5.52 -30.31 15.82
N LYS E 260 -6.19 -31.42 16.13
CA LYS E 260 -5.94 -32.15 17.38
C LYS E 260 -4.51 -32.67 17.46
N ARG E 261 -3.90 -33.04 16.33
CA ARG E 261 -2.53 -33.51 16.40
C ARG E 261 -1.61 -32.42 16.95
N PHE E 262 -1.97 -31.15 16.76
CA PHE E 262 -1.19 -30.03 17.26
C PHE E 262 -1.51 -29.68 18.70
N LYS E 263 -2.77 -29.85 19.12
CA LYS E 263 -3.15 -29.67 20.53
C LYS E 263 -2.41 -30.66 21.43
N ASP E 264 -2.34 -31.93 21.00
CA ASP E 264 -1.51 -32.93 21.69
C ASP E 264 -0.05 -32.47 21.79
N THR E 265 0.51 -31.98 20.68
CA THR E 265 1.91 -31.58 20.68
C THR E 265 2.15 -30.41 21.62
N GLU E 266 1.24 -29.43 21.64
CA GLU E 266 1.30 -28.35 22.62
C GLU E 266 1.42 -28.90 24.03
N LYS E 267 0.57 -29.87 24.37
CA LYS E 267 0.63 -30.50 25.68
C LYS E 267 1.97 -31.21 25.90
N LEU E 268 2.50 -31.85 24.85
CA LEU E 268 3.75 -32.57 25.00
C LEU E 268 4.94 -31.62 25.12
N MET E 269 4.92 -30.51 24.38
CA MET E 269 6.02 -29.55 24.48
C MET E 269 6.05 -28.88 25.85
N GLU E 270 4.88 -28.65 26.46
CA GLU E 270 4.84 -28.16 27.82
C GLU E 270 5.51 -29.14 28.79
N VAL E 271 5.20 -30.43 28.66
CA VAL E 271 5.85 -31.45 29.48
C VAL E 271 7.36 -31.47 29.22
N GLY E 272 7.76 -31.31 27.96
CA GLY E 272 9.16 -31.45 27.62
C GLY E 272 10.03 -30.33 28.15
N PHE E 273 9.44 -29.16 28.41
CA PHE E 273 10.18 -28.03 28.93
C PHE E 273 9.86 -27.76 30.40
N LYS E 274 9.26 -28.72 31.09
CA LYS E 274 8.79 -28.57 32.46
C LYS E 274 9.94 -28.31 33.44
N GLN F 28 0.64 26.30 5.53
CA GLN F 28 0.56 26.40 4.08
C GLN F 28 1.85 25.91 3.42
N PRO F 29 1.76 25.51 2.14
CA PRO F 29 2.94 25.00 1.43
C PRO F 29 4.09 26.01 1.28
N ASN F 30 5.20 25.56 0.70
CA ASN F 30 6.34 26.43 0.40
C ASN F 30 6.60 26.33 -1.10
N LEU F 31 6.00 27.23 -1.86
CA LEU F 31 6.19 27.25 -3.29
C LEU F 31 7.28 28.26 -3.63
N TYR F 32 7.86 28.10 -4.80
CA TYR F 32 8.92 28.98 -5.27
C TYR F 32 8.45 29.63 -6.56
N LEU F 33 7.48 30.54 -6.44
CA LEU F 33 6.83 31.15 -7.58
C LEU F 33 7.69 32.26 -8.15
N SER F 34 7.56 32.45 -9.48
CA SER F 34 8.08 33.66 -10.09
C SER F 34 7.32 34.89 -9.59
N ALA F 35 6.00 34.77 -9.41
CA ALA F 35 5.15 35.89 -9.04
C ALA F 35 5.58 36.54 -7.74
N ASN F 36 5.41 37.87 -7.65
CA ASN F 36 5.69 38.54 -6.40
C ASN F 36 4.51 38.47 -5.43
N ALA F 37 3.28 38.36 -5.93
CA ALA F 37 2.12 38.16 -5.10
C ALA F 37 1.26 37.07 -5.73
N ALA F 38 0.74 36.18 -4.89
CA ALA F 38 -0.07 35.07 -5.40
C ALA F 38 -0.88 34.46 -4.26
N ALA F 39 -1.91 33.72 -4.64
CA ALA F 39 -2.78 33.05 -3.69
C ALA F 39 -3.64 32.08 -4.46
N VAL F 40 -4.18 31.10 -3.75
CA VAL F 40 -5.20 30.23 -4.30
C VAL F 40 -6.28 30.06 -3.24
N TYR F 41 -7.53 30.13 -3.67
CA TYR F 41 -8.68 30.15 -2.78
C TYR F 41 -9.65 29.03 -3.16
N SER F 42 -10.31 28.47 -2.15
CA SER F 42 -11.41 27.55 -2.36
C SER F 42 -12.70 28.35 -2.47
N VAL F 43 -13.42 28.21 -3.59
CA VAL F 43 -14.64 28.99 -3.79
C VAL F 43 -15.70 28.60 -2.76
N GLU F 44 -15.68 27.35 -2.32
CA GLU F 44 -16.71 26.82 -1.44
C GLU F 44 -16.87 27.68 -0.18
N ASN F 45 -15.76 27.98 0.50
CA ASN F 45 -15.84 28.78 1.71
C ASN F 45 -15.05 30.08 1.63
N GLY F 46 -14.48 30.40 0.46
CA GLY F 46 -13.66 31.60 0.33
C GLY F 46 -12.31 31.51 1.01
N GLU F 47 -11.92 30.32 1.44
CA GLU F 47 -10.70 30.16 2.25
C GLU F 47 -9.44 30.28 1.40
N ALA F 48 -8.40 30.87 1.99
CA ALA F 48 -7.08 30.87 1.36
C ALA F 48 -6.41 29.52 1.59
N LEU F 49 -5.87 28.93 0.52
CA LEU F 49 -5.08 27.71 0.63
C LEU F 49 -3.59 27.96 0.49
N TYR F 50 -3.22 29.05 -0.16
CA TYR F 50 -1.85 29.54 -0.19
C TYR F 50 -1.96 31.05 -0.29
N GLU F 51 -1.05 31.78 0.35
CA GLU F 51 -1.07 33.22 0.15
C GLU F 51 0.33 33.77 0.23
N GLN F 52 0.63 34.72 -0.67
CA GLN F 52 1.92 35.41 -0.71
C GLN F 52 1.65 36.86 -1.13
N ASN F 53 1.91 37.80 -0.23
CA ASN F 53 1.67 39.22 -0.48
C ASN F 53 0.23 39.49 -0.90
N ALA F 54 -0.70 38.75 -0.29
CA ALA F 54 -2.09 38.76 -0.73
C ALA F 54 -2.78 40.10 -0.48
N ASP F 55 -2.20 40.95 0.36
CA ASP F 55 -2.73 42.27 0.66
C ASP F 55 -1.90 43.39 0.03
N LYS F 56 -0.95 43.06 -0.84
CA LYS F 56 -0.11 44.09 -1.43
C LYS F 56 -0.83 44.71 -2.61
N VAL F 57 -0.80 46.05 -2.67
CA VAL F 57 -1.37 46.75 -3.82
C VAL F 57 -0.48 46.53 -5.03
N MET F 58 -1.05 45.98 -6.11
CA MET F 58 -0.34 45.57 -7.31
C MET F 58 -1.02 46.12 -8.56
N PRO F 59 -0.27 46.50 -9.60
CA PRO F 59 -0.89 46.81 -10.90
C PRO F 59 -1.53 45.55 -11.46
N ILE F 60 -2.68 45.70 -12.12
CA ILE F 60 -3.42 44.50 -12.55
C ILE F 60 -3.72 44.49 -14.04
N ALA F 61 -3.53 45.63 -14.71
CA ALA F 61 -3.60 45.72 -16.17
C ALA F 61 -4.86 45.09 -16.76
N SER F 62 -4.68 44.09 -17.63
CA SER F 62 -5.80 43.53 -18.40
C SER F 62 -6.77 42.72 -17.55
N LEU F 63 -6.37 42.36 -16.34
CA LEU F 63 -7.34 41.79 -15.41
C LEU F 63 -8.55 42.72 -15.23
N SER F 64 -8.38 44.03 -15.49
CA SER F 64 -9.50 44.98 -15.42
C SER F 64 -10.66 44.58 -16.31
N LYS F 65 -10.40 43.82 -17.38
CA LYS F 65 -11.48 43.46 -18.30
C LYS F 65 -12.48 42.48 -17.68
N LEU F 66 -12.12 41.84 -16.57
CA LEU F 66 -13.09 41.01 -15.83
C LEU F 66 -14.19 41.86 -15.20
N MET F 67 -13.83 43.04 -14.72
CA MET F 67 -14.85 43.98 -14.25
C MET F 67 -15.69 44.51 -15.42
N THR F 68 -15.06 44.76 -16.56
CA THR F 68 -15.79 45.20 -17.75
C THR F 68 -16.74 44.11 -18.23
N ALA F 69 -16.26 42.86 -18.27
CA ALA F 69 -17.12 41.72 -18.61
C ALA F 69 -18.25 41.57 -17.59
N PHE F 70 -17.98 41.83 -16.32
CA PHE F 70 -19.05 41.74 -15.33
C PHE F 70 -20.17 42.72 -15.66
N LEU F 71 -19.82 43.97 -16.02
CA LEU F 71 -20.83 44.99 -16.28
C LEU F 71 -21.54 44.78 -17.62
N VAL F 72 -20.86 44.20 -18.60
CA VAL F 72 -21.56 43.82 -19.84
C VAL F 72 -22.62 42.76 -19.56
N LEU F 73 -22.25 41.71 -18.84
CA LEU F 73 -23.23 40.68 -18.52
C LEU F 73 -24.37 41.26 -17.69
N GLU F 74 -24.04 42.15 -16.75
CA GLU F 74 -25.08 42.81 -15.96
C GLU F 74 -26.07 43.53 -16.86
N ALA F 75 -25.56 44.32 -17.81
CA ALA F 75 -26.43 45.15 -18.62
C ALA F 75 -27.30 44.31 -19.56
N VAL F 76 -26.82 43.15 -20.00
CA VAL F 76 -27.67 42.26 -20.79
C VAL F 76 -28.81 41.71 -19.94
N ASP F 77 -28.51 41.28 -18.71
CA ASP F 77 -29.54 40.77 -17.82
C ASP F 77 -30.56 41.84 -17.46
N ASN F 78 -30.12 43.09 -17.40
CA ASN F 78 -30.99 44.21 -17.06
C ASN F 78 -31.72 44.78 -18.26
N ASN F 79 -31.61 44.15 -19.43
CA ASN F 79 -32.30 44.60 -20.64
C ASN F 79 -31.85 46.00 -21.05
N GLU F 80 -30.58 46.31 -20.85
CA GLU F 80 -30.02 47.58 -21.23
C GLU F 80 -28.96 47.45 -22.32
N LEU F 81 -28.72 46.23 -22.80
CA LEU F 81 -27.69 45.98 -23.79
C LEU F 81 -28.09 44.73 -24.56
N SER F 82 -27.90 44.76 -25.89
CA SER F 82 -28.21 43.63 -26.77
C SER F 82 -26.92 43.03 -27.31
N TRP F 83 -26.79 41.70 -27.24
CA TRP F 83 -25.61 41.02 -27.77
C TRP F 83 -25.40 41.30 -29.25
N ASP F 84 -26.47 41.63 -29.97
CA ASP F 84 -26.43 41.78 -31.42
C ASP F 84 -26.24 43.23 -31.88
N GLU F 85 -26.22 44.20 -30.97
CA GLU F 85 -25.91 45.55 -31.39
C GLU F 85 -24.52 45.60 -32.01
N LYS F 86 -24.39 46.32 -33.11
CA LYS F 86 -23.13 46.47 -33.81
C LYS F 86 -22.46 47.77 -33.38
N LEU F 87 -21.15 47.71 -33.12
CA LEU F 87 -20.38 48.87 -32.72
C LEU F 87 -19.11 48.94 -33.53
N ASP F 88 -18.69 50.17 -33.84
CA ASP F 88 -17.39 50.40 -34.45
C ASP F 88 -16.33 50.52 -33.36
N LEU F 89 -15.22 49.80 -33.55
CA LEU F 89 -14.14 49.85 -32.58
C LEU F 89 -13.60 51.26 -32.43
N VAL F 90 -13.45 51.70 -31.18
CA VAL F 90 -12.75 52.94 -30.95
C VAL F 90 -11.27 52.77 -31.31
N ARG F 91 -10.63 53.88 -31.62
CA ARG F 91 -9.23 53.89 -32.00
C ARG F 91 -8.35 54.06 -30.75
N LEU F 92 -7.32 53.22 -30.66
CA LEU F 92 -6.38 53.30 -29.55
C LEU F 92 -5.31 54.35 -29.84
N ASP F 93 -4.79 54.97 -28.78
CA ASP F 93 -3.77 55.99 -28.94
C ASP F 93 -2.52 55.46 -29.61
N ASP F 94 -2.14 54.21 -29.32
CA ASP F 94 -0.94 53.69 -29.94
C ASP F 94 -1.24 52.41 -30.71
N PRO F 95 -0.59 52.23 -31.86
CA PRO F 95 -0.75 51.00 -32.66
C PRO F 95 0.12 49.89 -32.11
N SER F 96 -0.51 48.91 -31.44
CA SER F 96 0.21 47.86 -30.76
C SER F 96 0.35 46.59 -31.57
N ALA F 97 -0.46 46.43 -32.63
CA ALA F 97 -0.69 45.20 -33.37
C ALA F 97 -1.46 44.18 -32.53
N VAL F 98 -1.78 44.50 -31.27
CA VAL F 98 -2.48 43.57 -30.39
C VAL F 98 -4.00 43.71 -30.56
N SER F 99 -4.48 44.90 -30.95
CA SER F 99 -5.90 45.18 -30.98
C SER F 99 -6.66 44.23 -31.92
N LEU F 100 -7.98 44.22 -31.75
CA LEU F 100 -8.84 43.45 -32.64
C LEU F 100 -8.82 44.00 -34.05
N TYR F 101 -8.82 45.33 -34.20
CA TYR F 101 -8.75 45.91 -35.54
C TYR F 101 -7.42 45.58 -36.23
N ALA F 102 -6.32 45.60 -35.47
CA ALA F 102 -5.01 45.39 -36.06
C ALA F 102 -4.90 44.02 -36.73
N ILE F 103 -5.50 43.00 -36.13
CA ILE F 103 -5.35 41.64 -36.68
C ILE F 103 -6.46 41.24 -37.65
N THR F 104 -7.56 41.99 -37.71
CA THR F 104 -8.64 41.67 -38.63
C THR F 104 -8.84 42.70 -39.73
N GLN F 105 -8.40 43.94 -39.53
CA GLN F 105 -8.68 45.05 -40.44
C GLN F 105 -10.19 45.30 -40.61
N LYS F 106 -11.00 44.84 -39.67
CA LYS F 106 -12.45 45.05 -39.68
C LYS F 106 -12.82 45.85 -38.44
N ARG F 107 -13.65 46.88 -38.61
CA ARG F 107 -13.93 47.79 -37.51
C ARG F 107 -15.30 47.62 -36.86
N THR F 108 -16.27 47.02 -37.53
CA THR F 108 -17.62 46.87 -36.99
C THR F 108 -17.82 45.47 -36.44
N TRP F 109 -18.27 45.39 -35.19
CA TRP F 109 -18.45 44.10 -34.51
C TRP F 109 -19.65 44.17 -33.59
N SER F 110 -20.31 43.02 -33.42
CA SER F 110 -21.38 42.90 -32.46
C SER F 110 -20.85 42.97 -31.04
N VAL F 111 -21.70 43.43 -30.11
CA VAL F 111 -21.36 43.43 -28.68
C VAL F 111 -20.87 42.05 -28.26
N ARG F 112 -21.54 41.00 -28.74
CA ARG F 112 -21.11 39.63 -28.43
C ARG F 112 -19.66 39.39 -28.85
N ASP F 113 -19.32 39.80 -30.09
CA ASP F 113 -17.97 39.53 -30.60
C ASP F 113 -16.90 40.39 -29.95
N LEU F 114 -17.26 41.61 -29.51
CA LEU F 114 -16.32 42.42 -28.74
C LEU F 114 -16.09 41.84 -27.35
N TYR F 115 -17.17 41.39 -26.71
CA TYR F 115 -17.07 40.66 -25.45
C TYR F 115 -16.13 39.46 -25.60
N SER F 116 -16.34 38.63 -26.63
CA SER F 116 -15.44 37.51 -26.88
C SER F 116 -13.99 37.96 -27.03
N ALA F 117 -13.76 39.01 -27.83
CA ALA F 117 -12.39 39.43 -28.13
C ALA F 117 -11.70 39.98 -26.89
N MET F 118 -12.46 40.67 -26.04
CA MET F 118 -11.93 41.17 -24.78
C MET F 118 -11.46 40.02 -23.89
N LEU F 119 -12.26 38.96 -23.76
CA LEU F 119 -11.92 37.89 -22.84
C LEU F 119 -10.92 36.89 -23.41
N THR F 120 -10.91 36.68 -24.73
CA THR F 120 -10.07 35.65 -25.32
C THR F 120 -8.69 36.19 -25.69
N MET F 121 -8.64 37.20 -26.56
CA MET F 121 -7.35 37.73 -27.02
C MET F 121 -6.93 39.00 -26.29
N SER F 122 -7.75 39.49 -25.35
CA SER F 122 -7.46 40.71 -24.59
C SER F 122 -7.37 41.93 -25.51
N ALA F 123 -8.35 42.04 -26.42
CA ALA F 123 -8.37 43.16 -27.37
C ALA F 123 -8.69 44.44 -26.62
N ASN F 124 -7.71 45.34 -26.53
CA ASN F 124 -7.91 46.57 -25.77
C ASN F 124 -8.97 47.47 -26.40
N ASP F 125 -9.01 47.53 -27.73
CA ASP F 125 -10.00 48.37 -28.40
C ASP F 125 -11.41 47.80 -28.22
N ALA F 126 -11.54 46.48 -28.17
CA ALA F 126 -12.86 45.89 -27.93
C ALA F 126 -13.39 46.30 -26.56
N ALA F 127 -12.54 46.20 -25.54
CA ALA F 127 -12.94 46.56 -24.19
C ALA F 127 -13.32 48.03 -24.10
N GLU F 128 -12.52 48.91 -24.71
CA GLU F 128 -12.84 50.32 -24.65
C GLU F 128 -14.13 50.64 -25.37
N THR F 129 -14.41 49.93 -26.47
CA THR F 129 -15.66 50.14 -27.18
C THR F 129 -16.84 49.75 -26.31
N LEU F 130 -16.73 48.63 -25.60
CA LEU F 130 -17.80 48.21 -24.69
C LEU F 130 -17.98 49.21 -23.56
N GLY F 131 -16.87 49.63 -22.94
CA GLY F 131 -16.98 50.59 -21.84
C GLY F 131 -17.65 51.88 -22.26
N ASP F 132 -17.35 52.36 -23.47
CA ASP F 132 -17.95 53.59 -23.97
C ASP F 132 -19.45 53.42 -24.16
N ARG F 133 -19.87 52.25 -24.66
CA ARG F 133 -21.29 51.98 -24.88
C ARG F 133 -22.04 51.91 -23.56
N LEU F 134 -21.44 51.29 -22.55
CA LEU F 134 -22.07 51.22 -21.24
C LEU F 134 -22.19 52.60 -20.60
N ASP F 135 -21.16 53.44 -20.75
CA ASP F 135 -21.19 54.77 -20.14
C ASP F 135 -20.24 55.67 -20.92
N GLY F 136 -20.80 56.55 -21.75
CA GLY F 136 -19.97 57.40 -22.58
C GLY F 136 -19.20 58.49 -21.85
N ALA F 137 -19.52 58.74 -20.57
CA ALA F 137 -18.93 59.84 -19.82
C ALA F 137 -17.84 59.40 -18.85
N ASP F 138 -18.07 58.31 -18.11
CA ASP F 138 -17.18 57.93 -17.02
C ASP F 138 -17.35 56.47 -16.65
N PHE F 139 -17.02 55.58 -17.58
CA PHE F 139 -17.06 54.15 -17.26
C PHE F 139 -16.15 53.77 -16.09
N PRO F 140 -14.96 54.33 -15.92
CA PRO F 140 -14.17 53.98 -14.72
C PRO F 140 -14.93 54.17 -13.40
N LYS F 141 -15.73 55.23 -13.27
CA LYS F 141 -16.50 55.41 -12.05
C LYS F 141 -17.49 54.27 -11.88
N GLU F 142 -18.07 53.80 -12.98
CA GLU F 142 -18.98 52.66 -12.91
C GLU F 142 -18.25 51.39 -12.52
N MET F 143 -17.02 51.21 -13.00
CA MET F 143 -16.20 50.08 -12.58
C MET F 143 -15.92 50.13 -11.08
N ASN F 144 -15.55 51.29 -10.57
CA ASN F 144 -15.20 51.38 -9.15
C ASN F 144 -16.44 51.41 -8.26
N ASN F 145 -17.57 51.92 -8.77
CA ASN F 145 -18.85 51.73 -8.10
C ASN F 145 -19.12 50.26 -7.88
N GLN F 146 -18.91 49.45 -8.93
CA GLN F 146 -19.21 48.03 -8.86
C GLN F 146 -18.23 47.31 -7.95
N ALA F 147 -16.97 47.73 -7.97
CA ALA F 147 -15.99 47.18 -7.03
C ALA F 147 -16.48 47.32 -5.59
N LYS F 148 -17.08 48.46 -5.26
CA LYS F 148 -17.69 48.64 -3.94
C LYS F 148 -18.81 47.65 -3.71
N LYS F 149 -19.78 47.59 -4.63
CA LYS F 149 -20.93 46.69 -4.48
C LYS F 149 -20.47 45.25 -4.24
N LEU F 150 -19.48 44.80 -5.01
CA LEU F 150 -18.98 43.44 -4.86
C LEU F 150 -18.16 43.23 -3.59
N GLY F 151 -17.88 44.28 -2.84
CA GLY F 151 -17.12 44.12 -1.62
C GLY F 151 -15.63 44.15 -1.77
N MET F 152 -15.11 44.57 -2.93
CA MET F 152 -13.68 44.78 -3.06
C MET F 152 -13.23 45.94 -2.16
N SER F 153 -12.00 45.84 -1.67
CA SER F 153 -11.53 46.79 -0.68
C SER F 153 -11.15 48.14 -1.32
N SER F 154 -10.84 49.11 -0.46
CA SER F 154 -10.37 50.41 -0.90
C SER F 154 -9.00 50.37 -1.56
N LYS F 155 -8.33 49.20 -1.64
CA LYS F 155 -7.08 49.09 -2.37
C LYS F 155 -7.29 48.92 -3.87
N THR F 156 -8.51 48.57 -4.30
CA THR F 156 -8.80 48.40 -5.72
C THR F 156 -9.17 49.73 -6.35
N THR F 157 -8.58 50.00 -7.53
CA THR F 157 -8.92 51.16 -8.34
C THR F 157 -8.78 50.80 -9.82
N PHE F 158 -9.86 50.90 -10.58
CA PHE F 158 -9.82 50.75 -12.02
C PHE F 158 -9.69 52.12 -12.68
N VAL F 159 -9.02 52.16 -13.83
CA VAL F 159 -8.82 53.40 -14.58
C VAL F 159 -9.38 53.36 -15.98
N SER F 160 -9.74 52.18 -16.49
CA SER F 160 -10.18 52.08 -17.88
C SER F 160 -10.83 50.72 -18.04
N ALA F 161 -11.68 50.61 -19.06
CA ALA F 161 -12.31 49.32 -19.36
C ALA F 161 -11.27 48.26 -19.69
N SER F 162 -10.18 48.66 -20.37
CA SER F 162 -9.15 47.72 -20.82
C SER F 162 -8.08 47.44 -19.78
N GLY F 163 -7.93 48.31 -18.78
CA GLY F 163 -6.80 48.26 -17.88
C GLY F 163 -5.59 49.05 -18.34
N LEU F 164 -5.60 49.59 -19.55
CA LEU F 164 -4.53 50.48 -19.96
C LEU F 164 -4.43 51.66 -18.99
N ASP F 165 -3.19 52.14 -18.77
CA ASP F 165 -2.99 53.36 -18.00
C ASP F 165 -3.80 54.50 -18.60
N VAL F 166 -4.25 55.41 -17.74
CA VAL F 166 -4.99 56.60 -18.16
C VAL F 166 -4.47 57.80 -17.38
N ASP F 167 -3.95 58.80 -18.10
CA ASP F 167 -3.41 60.01 -17.48
C ASP F 167 -2.26 59.68 -16.53
N GLY F 168 -1.47 58.67 -16.88
CA GLY F 168 -0.33 58.26 -16.08
C GLY F 168 -0.64 57.42 -14.86
N LYS F 169 -1.91 57.08 -14.65
CA LYS F 169 -2.35 56.28 -13.52
C LYS F 169 -2.75 54.91 -14.00
N SER F 170 -2.50 53.90 -13.15
CA SER F 170 -2.64 52.50 -13.52
C SER F 170 -3.68 51.80 -12.64
N ALA F 171 -4.29 50.76 -13.19
CA ALA F 171 -5.26 49.98 -12.43
C ALA F 171 -4.53 49.11 -11.42
N VAL F 172 -5.07 49.03 -10.18
CA VAL F 172 -4.45 48.32 -9.07
C VAL F 172 -5.49 47.56 -8.26
N SER F 173 -5.03 46.49 -7.59
CA SER F 173 -5.85 45.76 -6.63
C SER F 173 -4.98 44.87 -5.75
N THR F 174 -5.57 43.85 -5.15
CA THR F 174 -4.85 42.87 -4.35
C THR F 174 -5.36 41.48 -4.71
N THR F 175 -4.63 40.43 -4.33
CA THR F 175 -5.11 39.08 -4.68
C THR F 175 -6.41 38.76 -3.95
N LYS F 176 -6.61 39.31 -2.74
CA LYS F 176 -7.86 39.09 -2.05
C LYS F 176 -9.02 39.74 -2.80
N ASP F 177 -8.83 40.98 -3.26
CA ASP F 177 -9.90 41.68 -3.95
C ASP F 177 -10.20 41.03 -5.29
N LEU F 178 -9.16 40.59 -5.99
CA LEU F 178 -9.36 39.92 -7.27
C LEU F 178 -10.09 38.59 -7.09
N PHE F 179 -9.89 37.90 -5.96
CA PHE F 179 -10.69 36.72 -5.69
C PHE F 179 -12.17 37.07 -5.57
N LEU F 180 -12.49 38.08 -4.75
CA LEU F 180 -13.88 38.47 -4.56
C LEU F 180 -14.54 38.78 -5.90
N LEU F 181 -13.86 39.56 -6.74
CA LEU F 181 -14.42 39.93 -8.04
C LEU F 181 -14.61 38.71 -8.92
N SER F 182 -13.56 37.91 -9.09
CA SER F 182 -13.63 36.72 -9.93
C SER F 182 -14.72 35.76 -9.45
N SER F 183 -14.76 35.51 -8.14
CA SER F 183 -15.76 34.56 -7.64
C SER F 183 -17.17 35.08 -7.86
N LYS F 184 -17.40 36.37 -7.57
CA LYS F 184 -18.72 36.93 -7.79
C LYS F 184 -19.08 36.91 -9.27
N LEU F 185 -18.12 37.18 -10.14
CA LEU F 185 -18.40 37.08 -11.58
C LEU F 185 -18.80 35.66 -11.96
N ILE F 186 -18.07 34.67 -11.44
CA ILE F 186 -18.35 33.27 -11.79
C ILE F 186 -19.68 32.83 -11.22
N SER F 187 -19.96 33.14 -9.95
CA SER F 187 -21.21 32.68 -9.36
C SER F 187 -22.42 33.48 -9.83
N THR F 188 -22.23 34.73 -10.28
CA THR F 188 -23.34 35.52 -10.80
C THR F 188 -23.62 35.21 -12.27
N HIS F 189 -22.56 35.05 -13.06
CA HIS F 189 -22.66 34.88 -14.51
C HIS F 189 -21.82 33.68 -14.90
N PRO F 190 -22.23 32.46 -14.51
CA PRO F 190 -21.41 31.28 -14.79
C PRO F 190 -21.16 31.04 -16.26
N GLU F 191 -21.98 31.62 -17.15
CA GLU F 191 -21.75 31.49 -18.58
C GLU F 191 -20.45 32.13 -19.04
N VAL F 192 -19.87 33.04 -18.25
CA VAL F 192 -18.59 33.63 -18.63
C VAL F 192 -17.58 32.52 -18.93
N LEU F 193 -17.69 31.39 -18.23
CA LEU F 193 -16.74 30.31 -18.39
C LEU F 193 -16.90 29.61 -19.73
N GLU F 194 -18.06 29.74 -20.38
CA GLU F 194 -18.22 29.19 -21.74
C GLU F 194 -17.39 29.95 -22.77
N THR F 195 -16.96 31.17 -22.46
CA THR F 195 -16.02 31.91 -23.29
C THR F 195 -14.57 31.77 -22.83
N THR F 196 -14.32 31.91 -21.52
CA THR F 196 -12.93 31.85 -21.04
C THR F 196 -12.33 30.45 -21.13
N SER F 197 -13.11 29.41 -21.42
CA SER F 197 -12.64 28.03 -21.45
C SER F 197 -12.24 27.56 -22.85
N LYS F 198 -12.39 28.38 -23.83
CA LYS F 198 -12.11 27.85 -25.16
C LYS F 198 -10.77 28.36 -25.68
N PRO F 199 -9.87 27.48 -26.13
CA PRO F 199 -8.64 27.97 -26.75
C PRO F 199 -8.88 28.84 -27.98
N THR F 200 -9.92 28.55 -28.76
CA THR F 200 -10.30 29.39 -29.89
C THR F 200 -11.79 29.67 -29.79
N VAL F 201 -12.16 30.93 -30.01
CA VAL F 201 -13.55 31.34 -30.05
C VAL F 201 -13.84 31.87 -31.44
N THR F 202 -14.89 31.34 -32.07
CA THR F 202 -15.32 31.75 -33.39
C THR F 202 -16.38 32.82 -33.25
N THR F 203 -16.12 34.00 -33.81
CA THR F 203 -17.01 35.14 -33.70
C THR F 203 -18.20 34.98 -34.64
N ASP F 204 -19.30 35.68 -34.29
CA ASP F 204 -20.44 35.78 -35.20
C ASP F 204 -19.99 36.14 -36.62
N LYS F 205 -18.89 36.88 -36.73
CA LYS F 205 -18.31 37.20 -38.03
C LYS F 205 -17.58 36.02 -38.66
N GLY F 206 -17.34 34.93 -37.92
CA GLY F 206 -16.59 33.82 -38.42
C GLY F 206 -15.09 33.88 -38.15
N ALA F 207 -14.56 35.05 -37.78
CA ALA F 207 -13.14 35.16 -37.46
C ALA F 207 -12.83 34.40 -36.18
N LYS F 208 -11.66 33.77 -36.14
CA LYS F 208 -11.28 32.87 -35.05
C LYS F 208 -10.28 33.56 -34.13
N LEU F 209 -10.65 33.75 -32.87
CA LEU F 209 -9.83 34.45 -31.91
C LEU F 209 -9.13 33.44 -31.01
N GLU F 210 -7.84 33.67 -30.76
CA GLU F 210 -7.01 32.73 -29.99
C GLU F 210 -6.86 33.23 -28.57
N SER F 211 -7.07 32.33 -27.60
CA SER F 211 -6.95 32.67 -26.19
C SER F 211 -5.49 32.93 -25.81
N THR F 212 -5.29 33.87 -24.91
CA THR F 212 -4.02 34.04 -24.22
C THR F 212 -3.81 33.03 -23.10
N ASN F 213 -4.81 32.20 -22.78
CA ASN F 213 -4.68 31.24 -21.71
C ASN F 213 -4.00 29.97 -22.25
N ASP F 214 -2.67 30.00 -22.25
CA ASP F 214 -1.90 28.87 -22.75
C ASP F 214 -2.14 27.58 -21.98
N LEU F 215 -2.75 27.65 -20.80
CA LEU F 215 -2.97 26.45 -20.00
C LEU F 215 -4.22 25.69 -20.40
N LEU F 216 -5.12 26.30 -21.16
CA LEU F 216 -6.35 25.63 -21.54
C LEU F 216 -6.03 24.33 -22.24
N GLY F 217 -6.65 23.25 -21.79
CA GLY F 217 -6.40 21.96 -22.37
C GLY F 217 -5.23 21.23 -21.77
N SER F 218 -4.61 21.75 -20.70
CA SER F 218 -3.50 21.06 -20.04
C SER F 218 -3.72 20.82 -18.55
N ILE F 219 -4.67 21.49 -17.92
CA ILE F 219 -5.04 21.23 -16.53
C ILE F 219 -6.48 20.78 -16.52
N GLN F 220 -6.73 19.61 -15.93
CA GLN F 220 -8.08 19.06 -15.90
C GLN F 220 -9.01 20.00 -15.14
N GLY F 221 -10.12 20.38 -15.77
CA GLY F 221 -11.09 21.23 -15.13
C GLY F 221 -10.85 22.72 -15.29
N LEU F 222 -9.67 23.14 -15.76
CA LEU F 222 -9.38 24.57 -15.92
C LEU F 222 -10.26 25.19 -17.01
N ASP F 223 -10.98 26.25 -16.66
CA ASP F 223 -11.90 26.86 -17.62
C ASP F 223 -11.85 28.38 -17.59
N GLY F 224 -10.75 28.97 -17.14
CA GLY F 224 -10.63 30.41 -17.06
C GLY F 224 -9.34 30.75 -16.35
N LEU F 225 -9.08 32.05 -16.22
CA LEU F 225 -10.03 33.12 -16.50
C LEU F 225 -9.47 34.30 -17.34
N LYS F 226 -8.30 34.84 -17.01
CA LYS F 226 -7.84 36.08 -17.67
C LYS F 226 -6.37 36.34 -17.45
N THR F 227 -5.65 36.67 -18.52
CA THR F 227 -4.25 37.07 -18.50
C THR F 227 -4.12 38.58 -18.40
N GLY F 228 -2.94 39.03 -18.00
CA GLY F 228 -2.62 40.44 -18.04
C GLY F 228 -1.12 40.62 -18.06
N PHE F 229 -0.67 41.70 -18.71
CA PHE F 229 0.73 42.04 -18.66
C PHE F 229 0.89 43.54 -18.84
N THR F 230 1.75 44.13 -18.03
CA THR F 230 2.45 45.36 -18.38
C THR F 230 3.87 45.22 -17.87
N ASP F 231 4.76 46.07 -18.38
CA ASP F 231 6.09 46.10 -17.79
C ASP F 231 6.04 46.32 -16.29
N GLU F 232 5.15 47.21 -15.83
CA GLU F 232 5.06 47.46 -14.39
C GLU F 232 4.34 46.31 -13.67
N ALA F 233 3.34 45.70 -14.33
CA ALA F 233 2.61 44.62 -13.68
C ALA F 233 3.28 43.27 -13.82
N GLY F 234 4.30 43.14 -14.67
CA GLY F 234 4.81 41.80 -14.95
C GLY F 234 3.73 40.98 -15.66
N TYR F 235 3.91 39.66 -15.63
CA TYR F 235 2.97 38.75 -16.25
C TYR F 235 2.00 38.24 -15.21
N CYS F 236 0.70 38.43 -15.45
CA CYS F 236 -0.34 38.11 -14.48
C CYS F 236 -1.37 37.16 -15.08
N PHE F 237 -2.01 36.38 -14.21
CA PHE F 237 -3.03 35.44 -14.67
C PHE F 237 -3.95 35.09 -13.51
N ILE F 238 -5.25 35.10 -13.78
CA ILE F 238 -6.24 34.57 -12.86
C ILE F 238 -6.74 33.27 -13.47
N GLY F 239 -6.55 32.16 -12.76
CA GLY F 239 -6.99 30.86 -13.21
C GLY F 239 -8.14 30.35 -12.36
N THR F 240 -9.01 29.56 -12.96
CA THR F 240 -10.05 28.88 -12.21
C THR F 240 -10.24 27.50 -12.81
N ALA F 241 -10.53 26.54 -11.95
CA ALA F 241 -10.74 25.16 -12.34
C ALA F 241 -11.72 24.55 -11.37
N GLU F 242 -12.44 23.53 -11.82
CA GLU F 242 -13.39 22.85 -10.98
C GLU F 242 -13.28 21.35 -11.22
N ARG F 243 -13.34 20.58 -10.13
CA ARG F 243 -13.20 19.14 -10.21
C ARG F 243 -14.07 18.51 -9.13
N GLY F 244 -14.95 17.61 -9.54
CA GLY F 244 -15.79 16.88 -8.61
C GLY F 244 -16.43 17.75 -7.55
N GLY F 245 -17.02 18.89 -7.95
CA GLY F 245 -17.72 19.77 -7.04
C GLY F 245 -16.90 20.89 -6.45
N LYS F 246 -15.58 20.80 -6.50
CA LYS F 246 -14.70 21.83 -5.94
C LYS F 246 -14.19 22.75 -7.04
N ARG F 247 -14.40 24.05 -6.87
CA ARG F 247 -13.83 25.09 -7.72
C ARG F 247 -12.80 25.87 -6.92
N VAL F 248 -11.66 26.16 -7.55
CA VAL F 248 -10.65 27.00 -6.94
C VAL F 248 -10.35 28.13 -7.91
N ILE F 249 -9.81 29.22 -7.36
CA ILE F 249 -9.43 30.37 -8.17
C ILE F 249 -8.02 30.78 -7.73
N SER F 250 -7.08 30.76 -8.67
CA SER F 250 -5.71 31.20 -8.43
C SER F 250 -5.51 32.61 -8.96
N ILE F 251 -4.62 33.35 -8.30
CA ILE F 251 -4.23 34.69 -8.72
C ILE F 251 -2.70 34.74 -8.76
N VAL F 252 -2.15 35.20 -9.89
CA VAL F 252 -0.71 35.35 -10.05
C VAL F 252 -0.44 36.75 -10.59
N LEU F 253 0.42 37.50 -9.91
CA LEU F 253 0.70 38.88 -10.30
C LEU F 253 2.21 39.10 -10.33
N ASP F 254 2.72 39.60 -11.46
CA ASP F 254 4.12 40.00 -11.60
C ASP F 254 5.06 38.79 -11.65
N ALA F 255 4.64 37.73 -12.33
CA ALA F 255 5.64 36.72 -12.70
C ALA F 255 6.54 37.31 -13.77
N GLY F 256 7.68 36.68 -13.98
CA GLY F 256 8.69 37.27 -14.82
C GLY F 256 8.61 37.01 -16.31
N THR F 257 7.88 35.98 -16.73
CA THR F 257 7.68 35.72 -18.15
C THR F 257 6.26 35.25 -18.39
N ALA F 258 5.88 35.22 -19.67
CA ALA F 258 4.53 34.78 -20.04
C ALA F 258 4.30 33.31 -19.73
N GLU F 259 5.36 32.49 -19.73
CA GLU F 259 5.17 31.09 -19.36
C GLU F 259 5.18 30.91 -17.84
N LYS F 260 6.00 31.69 -17.12
CA LYS F 260 6.14 31.47 -15.68
C LYS F 260 4.84 31.77 -14.93
N ARG F 261 3.99 32.67 -15.43
CA ARG F 261 2.70 32.86 -14.79
C ARG F 261 1.88 31.58 -14.85
N PHE F 262 2.10 30.78 -15.88
CA PHE F 262 1.38 29.52 -16.03
C PHE F 262 2.05 28.40 -15.26
N LYS F 263 3.39 28.42 -15.18
CA LYS F 263 4.08 27.55 -14.24
C LYS F 263 3.63 27.83 -12.81
N ASP F 264 3.56 29.11 -12.43
CA ASP F 264 3.01 29.52 -11.12
C ASP F 264 1.60 28.98 -10.91
N THR F 265 0.76 29.06 -11.94
CA THR F 265 -0.62 28.63 -11.81
C THR F 265 -0.71 27.12 -11.62
N GLU F 266 0.17 26.38 -12.31
CA GLU F 266 0.22 24.92 -12.15
C GLU F 266 0.48 24.53 -10.70
N LYS F 267 1.40 25.23 -10.04
CA LYS F 267 1.73 24.91 -8.65
C LYS F 267 0.56 25.22 -7.71
N LEU F 268 -0.08 26.36 -7.91
CA LEU F 268 -1.21 26.76 -7.06
C LEU F 268 -2.44 25.89 -7.30
N MET F 269 -2.64 25.41 -8.53
CA MET F 269 -3.71 24.46 -8.78
C MET F 269 -3.45 23.13 -8.11
N GLU F 270 -2.20 22.68 -8.09
CA GLU F 270 -1.87 21.46 -7.37
C GLU F 270 -2.22 21.60 -5.90
N VAL F 271 -1.80 22.70 -5.27
CA VAL F 271 -2.15 22.98 -3.87
C VAL F 271 -3.66 23.09 -3.71
N GLY F 272 -4.33 23.69 -4.69
CA GLY F 272 -5.76 23.90 -4.56
C GLY F 272 -6.55 22.60 -4.52
N PHE F 273 -6.15 21.62 -5.32
CA PHE F 273 -6.89 20.38 -5.43
C PHE F 273 -6.27 19.25 -4.61
N LYS F 274 -5.38 19.56 -3.68
CA LYS F 274 -4.78 18.52 -2.87
C LYS F 274 -5.75 18.00 -1.80
N GLN G 28 31.34 43.82 -42.32
CA GLN G 28 31.90 43.82 -40.98
C GLN G 28 33.33 44.38 -40.94
N PRO G 29 33.68 45.06 -39.85
CA PRO G 29 34.98 45.75 -39.77
C PRO G 29 36.11 44.80 -39.36
N ASN G 30 37.30 45.38 -39.19
CA ASN G 30 38.53 44.62 -38.97
C ASN G 30 38.94 44.72 -37.49
N LEU G 31 38.72 43.64 -36.76
CA LEU G 31 39.13 43.55 -35.37
C LEU G 31 40.37 42.66 -35.25
N TYR G 32 41.18 42.93 -34.23
CA TYR G 32 42.39 42.16 -33.96
C TYR G 32 42.24 41.58 -32.57
N LEU G 33 41.61 40.42 -32.50
CA LEU G 33 41.26 39.78 -31.25
C LEU G 33 42.32 38.75 -30.86
N SER G 34 42.43 38.48 -29.58
CA SER G 34 43.24 37.34 -29.15
C SER G 34 42.53 36.03 -29.44
N ALA G 35 41.21 36.02 -29.25
CA ALA G 35 40.40 34.81 -29.37
C ALA G 35 40.59 34.15 -30.74
N ASN G 36 40.55 32.82 -30.74
CA ASN G 36 40.58 32.08 -31.99
C ASN G 36 39.22 32.11 -32.68
N ALA G 37 38.14 32.04 -31.91
CA ALA G 37 36.80 32.19 -32.47
C ALA G 37 36.05 33.20 -31.61
N ALA G 38 35.27 34.04 -32.26
CA ALA G 38 34.57 35.12 -31.55
C ALA G 38 33.43 35.63 -32.42
N ALA G 39 32.47 36.30 -31.79
CA ALA G 39 31.32 36.88 -32.49
C ALA G 39 30.56 37.75 -31.51
N VAL G 40 29.78 38.68 -32.06
CA VAL G 40 28.79 39.42 -31.27
C VAL G 40 27.50 39.47 -32.08
N TYR G 41 26.37 39.31 -31.39
CA TYR G 41 25.06 39.23 -32.01
C TYR G 41 24.07 40.16 -31.33
N SER G 42 23.16 40.71 -32.13
CA SER G 42 22.01 41.44 -31.63
C SER G 42 20.89 40.47 -31.25
N VAL G 43 20.31 40.66 -30.07
CA VAL G 43 19.30 39.74 -29.57
C VAL G 43 17.98 39.90 -30.33
N GLU G 44 17.68 41.10 -30.82
CA GLU G 44 16.35 41.40 -31.35
C GLU G 44 16.06 40.67 -32.65
N ASN G 45 17.10 40.38 -33.43
CA ASN G 45 16.94 39.67 -34.69
C ASN G 45 17.92 38.53 -34.85
N GLY G 46 18.75 38.26 -33.84
CA GLY G 46 19.76 37.22 -33.93
C GLY G 46 20.85 37.47 -34.94
N GLU G 47 21.03 38.72 -35.38
CA GLU G 47 21.93 38.97 -36.49
C GLU G 47 23.35 39.16 -35.98
N ALA G 48 24.31 38.67 -36.76
CA ALA G 48 25.70 38.83 -36.42
C ALA G 48 26.20 40.24 -36.77
N LEU G 49 26.93 40.86 -35.85
CA LEU G 49 27.61 42.11 -36.16
C LEU G 49 29.10 41.94 -36.32
N TYR G 50 29.65 40.82 -35.85
CA TYR G 50 31.01 40.40 -36.13
C TYR G 50 31.05 38.90 -35.95
N GLU G 51 31.85 38.23 -36.76
CA GLU G 51 31.98 36.79 -36.66
C GLU G 51 33.37 36.40 -37.13
N GLN G 52 34.01 35.52 -36.37
CA GLN G 52 35.30 34.95 -36.78
C GLN G 52 35.30 33.49 -36.33
N ASN G 53 35.42 32.57 -37.30
CA ASN G 53 35.34 31.14 -37.02
C ASN G 53 34.07 30.77 -36.26
N ALA G 54 32.97 31.43 -36.62
CA ALA G 54 31.73 31.30 -35.85
C ALA G 54 31.13 29.90 -35.92
N ASP G 55 31.53 29.09 -36.90
CA ASP G 55 31.05 27.72 -37.03
C ASP G 55 32.07 26.70 -36.58
N LYS G 56 33.24 27.13 -36.10
CA LYS G 56 34.28 26.20 -35.74
C LYS G 56 33.93 25.47 -34.44
N VAL G 57 34.16 24.16 -34.41
CA VAL G 57 33.86 23.38 -33.21
C VAL G 57 34.99 23.62 -32.22
N MET G 58 34.64 24.12 -31.03
CA MET G 58 35.59 24.55 -30.02
C MET G 58 35.25 23.92 -28.67
N PRO G 59 36.26 23.57 -27.87
CA PRO G 59 36.00 23.19 -26.46
C PRO G 59 35.43 24.38 -25.68
N ILE G 60 34.48 24.10 -24.79
CA ILE G 60 33.78 25.18 -24.09
C ILE G 60 33.85 25.08 -22.57
N ALA G 61 34.26 23.94 -22.01
CA ALA G 61 34.47 23.78 -20.56
C ALA G 61 33.37 24.44 -19.71
N SER G 62 33.76 25.42 -18.88
CA SER G 62 32.85 25.95 -17.86
C SER G 62 31.64 26.65 -18.44
N LEU G 63 31.66 26.97 -19.74
CA LEU G 63 30.48 27.53 -20.38
C LEU G 63 29.30 26.56 -20.35
N SER G 64 29.56 25.26 -20.12
CA SER G 64 28.50 24.28 -19.93
C SER G 64 27.59 24.64 -18.77
N LYS G 65 28.12 25.33 -17.76
CA LYS G 65 27.36 25.69 -16.57
C LYS G 65 26.14 26.55 -16.89
N LEU G 66 26.16 27.25 -18.03
CA LEU G 66 24.95 27.97 -18.45
C LEU G 66 23.82 27.02 -18.81
N MET G 67 24.14 25.83 -19.32
CA MET G 67 23.08 24.84 -19.59
C MET G 67 22.57 24.23 -18.29
N THR G 68 23.48 23.90 -17.37
CA THR G 68 23.03 23.47 -16.05
C THR G 68 22.10 24.52 -15.42
N ALA G 69 22.50 25.80 -15.48
CA ALA G 69 21.66 26.86 -14.91
C ALA G 69 20.28 26.86 -15.55
N PHE G 70 20.23 26.72 -16.88
CA PHE G 70 18.96 26.60 -17.58
C PHE G 70 18.11 25.48 -16.98
N LEU G 71 18.71 24.31 -16.80
CA LEU G 71 17.91 23.16 -16.36
C LEU G 71 17.55 23.25 -14.88
N VAL G 72 18.35 23.99 -14.10
CA VAL G 72 18.00 24.23 -12.71
C VAL G 72 16.73 25.08 -12.65
N LEU G 73 16.73 26.18 -13.39
CA LEU G 73 15.59 27.09 -13.41
C LEU G 73 14.36 26.44 -14.03
N GLU G 74 14.55 25.59 -15.03
CA GLU G 74 13.44 24.82 -15.58
C GLU G 74 12.80 23.95 -14.51
N ALA G 75 13.63 23.31 -13.68
CA ALA G 75 13.14 22.36 -12.70
C ALA G 75 12.47 23.05 -11.52
N VAL G 76 12.95 24.23 -11.13
CA VAL G 76 12.23 25.00 -10.12
C VAL G 76 10.84 25.35 -10.64
N ASP G 77 10.78 25.86 -11.89
CA ASP G 77 9.50 26.23 -12.50
C ASP G 77 8.56 25.05 -12.66
N ASN G 78 9.10 23.85 -12.83
CA ASN G 78 8.30 22.64 -12.97
C ASN G 78 7.97 22.00 -11.64
N ASN G 79 8.29 22.66 -10.53
CA ASN G 79 7.95 22.14 -9.20
C ASN G 79 8.69 20.83 -8.93
N GLU G 80 9.85 20.66 -9.53
CA GLU G 80 10.68 19.47 -9.31
C GLU G 80 11.88 19.74 -8.39
N LEU G 81 12.10 20.99 -8.02
CA LEU G 81 13.29 21.35 -7.26
C LEU G 81 12.96 22.58 -6.43
N SER G 82 13.42 22.58 -5.19
CA SER G 82 13.21 23.67 -4.25
C SER G 82 14.51 24.44 -4.07
N TRP G 83 14.42 25.77 -3.98
CA TRP G 83 15.62 26.58 -3.80
C TRP G 83 16.28 26.33 -2.46
N ASP G 84 15.50 25.94 -1.45
CA ASP G 84 15.99 25.79 -0.08
C ASP G 84 16.44 24.38 0.24
N GLU G 85 16.15 23.43 -0.65
CA GLU G 85 16.64 22.07 -0.51
C GLU G 85 18.15 22.07 -0.34
N LYS G 86 18.63 21.26 0.63
CA LYS G 86 20.06 21.17 0.91
C LYS G 86 20.67 19.92 0.29
N LEU G 87 21.89 20.06 -0.21
CA LEU G 87 22.59 18.98 -0.90
C LEU G 87 24.04 18.92 -0.44
N ASP G 88 24.63 17.73 -0.50
CA ASP G 88 26.05 17.54 -0.20
C ASP G 88 26.87 17.74 -1.47
N LEU G 89 27.91 18.55 -1.37
CA LEU G 89 28.83 18.72 -2.49
C LEU G 89 29.47 17.38 -2.86
N VAL G 90 29.46 17.07 -4.15
CA VAL G 90 30.18 15.89 -4.64
C VAL G 90 31.68 16.17 -4.60
N ARG G 91 32.44 15.11 -4.32
CA ARG G 91 33.89 15.18 -4.29
C ARG G 91 34.45 15.17 -5.70
N LEU G 92 35.34 16.11 -6.00
CA LEU G 92 35.96 16.18 -7.30
C LEU G 92 37.21 15.31 -7.34
N ASP G 93 37.42 14.64 -8.48
CA ASP G 93 38.54 13.73 -8.63
C ASP G 93 39.86 14.37 -8.20
N ASP G 94 40.08 15.64 -8.55
CA ASP G 94 41.29 16.33 -8.14
C ASP G 94 40.92 17.47 -7.20
N PRO G 95 41.40 17.46 -5.95
CA PRO G 95 41.09 18.57 -5.03
C PRO G 95 41.75 19.89 -5.41
N SER G 96 42.63 19.92 -6.40
CA SER G 96 43.10 21.18 -6.94
C SER G 96 42.12 21.77 -7.95
N ALA G 97 41.08 21.02 -8.32
CA ALA G 97 40.03 21.58 -9.14
C ALA G 97 39.31 22.68 -8.37
N VAL G 98 38.92 23.74 -9.09
CA VAL G 98 38.29 24.88 -8.43
C VAL G 98 36.94 24.45 -7.88
N SER G 99 36.74 24.69 -6.58
CA SER G 99 35.59 24.10 -5.90
C SER G 99 35.13 25.04 -4.80
N LEU G 100 33.85 24.91 -4.47
CA LEU G 100 33.24 25.65 -3.37
C LEU G 100 33.63 25.06 -2.02
N TYR G 101 33.84 23.73 -1.96
CA TYR G 101 34.30 23.13 -0.72
C TYR G 101 35.68 23.67 -0.33
N ALA G 102 36.58 23.82 -1.30
CA ALA G 102 37.96 24.17 -0.99
C ALA G 102 38.06 25.48 -0.24
N ILE G 103 37.23 26.47 -0.59
CA ILE G 103 37.35 27.78 0.03
C ILE G 103 36.48 27.94 1.27
N THR G 104 35.54 27.04 1.51
CA THR G 104 34.62 27.19 2.63
C THR G 104 34.72 26.09 3.68
N GLN G 105 35.24 24.92 3.34
CA GLN G 105 35.25 23.77 4.23
C GLN G 105 33.85 23.38 4.68
N LYS G 106 32.85 23.71 3.86
CA LYS G 106 31.46 23.39 4.12
C LYS G 106 30.96 22.44 3.04
N ARG G 107 30.36 21.32 3.46
CA ARG G 107 29.91 20.28 2.54
C ARG G 107 28.48 20.49 2.05
N THR G 108 27.57 20.93 2.92
CA THR G 108 26.15 20.98 2.61
C THR G 108 25.71 22.40 2.29
N TRP G 109 24.91 22.53 1.24
CA TRP G 109 24.51 23.85 0.75
C TRP G 109 23.10 23.76 0.17
N SER G 110 22.40 24.90 0.21
CA SER G 110 21.12 24.96 -0.48
C SER G 110 21.32 24.96 -2.00
N VAL G 111 20.29 24.51 -2.70
CA VAL G 111 20.27 24.60 -4.17
C VAL G 111 20.55 26.02 -4.62
N ARG G 112 19.95 27.02 -3.95
CA ARG G 112 20.19 28.41 -4.32
C ARG G 112 21.67 28.77 -4.22
N ASP G 113 22.32 28.37 -3.13
CA ASP G 113 23.74 28.66 -2.94
C ASP G 113 24.63 27.92 -3.93
N LEU G 114 24.27 26.69 -4.30
CA LEU G 114 25.05 25.95 -5.29
C LEU G 114 24.88 26.56 -6.68
N TYR G 115 23.66 27.01 -6.99
CA TYR G 115 23.40 27.68 -8.25
C TYR G 115 24.23 28.96 -8.38
N SER G 116 24.22 29.80 -7.34
CA SER G 116 25.02 31.01 -7.35
C SER G 116 26.51 30.70 -7.49
N ALA G 117 27.00 29.68 -6.78
CA ALA G 117 28.43 29.37 -6.82
C ALA G 117 28.84 28.90 -8.21
N MET G 118 28.04 28.04 -8.81
CA MET G 118 28.24 27.68 -10.20
C MET G 118 28.40 28.92 -11.06
N LEU G 119 27.47 29.88 -10.92
CA LEU G 119 27.44 31.02 -11.83
C LEU G 119 28.48 32.10 -11.49
N THR G 120 28.81 32.29 -10.21
CA THR G 120 29.70 33.40 -9.86
C THR G 120 31.17 32.99 -9.88
N MET G 121 31.54 32.01 -9.06
CA MET G 121 32.93 31.59 -8.96
C MET G 121 33.26 30.40 -9.85
N SER G 122 32.28 29.89 -10.60
CA SER G 122 32.46 28.74 -11.48
C SER G 122 32.92 27.50 -10.68
N ALA G 123 32.22 27.24 -9.57
CA ALA G 123 32.57 26.11 -8.71
C ALA G 123 32.15 24.81 -9.38
N ASN G 124 33.13 23.97 -9.74
CA ASN G 124 32.86 22.75 -10.48
C ASN G 124 32.05 21.75 -9.65
N ASP G 125 32.32 21.68 -8.34
CA ASP G 125 31.58 20.71 -7.52
C ASP G 125 30.12 21.09 -7.39
N ALA G 126 29.83 22.39 -7.22
CA ALA G 126 28.45 22.85 -7.16
C ALA G 126 27.68 22.49 -8.42
N ALA G 127 28.30 22.66 -9.58
CA ALA G 127 27.66 22.30 -10.85
C ALA G 127 27.33 20.81 -10.88
N GLU G 128 28.30 19.95 -10.56
CA GLU G 128 28.10 18.50 -10.58
C GLU G 128 27.09 18.04 -9.53
N THR G 129 27.06 18.72 -8.38
CA THR G 129 26.08 18.39 -7.35
C THR G 129 24.67 18.65 -7.85
N LEU G 130 24.49 19.74 -8.59
CA LEU G 130 23.16 20.07 -9.10
C LEU G 130 22.75 19.12 -10.21
N GLY G 131 23.69 18.74 -11.08
CA GLY G 131 23.36 17.81 -12.15
C GLY G 131 22.96 16.45 -11.61
N ASP G 132 23.61 16.01 -10.53
CA ASP G 132 23.28 14.76 -9.86
C ASP G 132 21.89 14.82 -9.23
N ARG G 133 21.55 15.94 -8.59
CA ARG G 133 20.22 16.06 -8.01
C ARG G 133 19.14 16.10 -9.09
N LEU G 134 19.45 16.73 -10.24
CA LEU G 134 18.44 16.90 -11.28
C LEU G 134 18.12 15.59 -11.99
N ASP G 135 19.15 14.83 -12.40
CA ASP G 135 18.91 13.64 -13.22
C ASP G 135 19.88 12.49 -12.94
N GLY G 136 20.70 12.56 -11.90
CA GLY G 136 21.57 11.44 -11.58
C GLY G 136 22.67 11.25 -12.63
N ALA G 137 22.82 10.02 -13.09
CA ALA G 137 23.80 9.69 -14.11
C ALA G 137 23.33 10.08 -15.51
N ASP G 138 22.09 10.53 -15.65
CA ASP G 138 21.48 10.80 -16.94
C ASP G 138 21.43 12.29 -17.28
N PHE G 139 22.14 13.15 -16.54
CA PHE G 139 22.09 14.58 -16.78
C PHE G 139 22.67 14.99 -18.14
N PRO G 140 23.75 14.38 -18.64
CA PRO G 140 24.22 14.78 -19.99
C PRO G 140 23.16 14.57 -21.06
N LYS G 141 22.35 13.51 -20.95
CA LYS G 141 21.24 13.33 -21.88
C LYS G 141 20.33 14.56 -21.88
N GLU G 142 19.96 15.05 -20.69
CA GLU G 142 19.05 16.16 -20.61
C GLU G 142 19.68 17.45 -21.11
N MET G 143 20.98 17.64 -20.87
CA MET G 143 21.68 18.81 -21.39
C MET G 143 21.60 18.86 -22.92
N ASN G 144 21.83 17.72 -23.57
CA ASN G 144 21.83 17.68 -25.03
C ASN G 144 20.42 17.72 -25.61
N ASN G 145 19.44 17.17 -24.89
CA ASN G 145 18.04 17.32 -25.29
C ASN G 145 17.64 18.79 -25.27
N GLN G 146 17.92 19.50 -24.18
CA GLN G 146 17.63 20.93 -24.14
C GLN G 146 18.41 21.71 -25.18
N ALA G 147 19.66 21.31 -25.46
CA ALA G 147 20.42 21.99 -26.50
C ALA G 147 19.64 22.02 -27.80
N LYS G 148 19.20 20.85 -28.26
CA LYS G 148 18.42 20.77 -29.49
C LYS G 148 17.14 21.57 -29.41
N LYS G 149 16.45 21.48 -28.27
CA LYS G 149 15.21 22.25 -28.08
C LYS G 149 15.46 23.74 -28.27
N LEU G 150 16.61 24.23 -27.82
CA LEU G 150 16.96 25.64 -27.99
C LEU G 150 17.45 25.97 -29.39
N GLY G 151 17.58 24.99 -30.27
CA GLY G 151 18.04 25.27 -31.62
C GLY G 151 19.54 25.17 -31.83
N MET G 152 20.30 24.72 -30.84
CA MET G 152 21.74 24.49 -31.02
C MET G 152 21.97 23.35 -32.01
N SER G 153 22.96 23.53 -32.87
CA SER G 153 23.28 22.52 -33.88
C SER G 153 23.84 21.25 -33.24
N SER G 154 23.89 20.19 -34.04
CA SER G 154 24.48 18.93 -33.62
C SER G 154 26.00 19.01 -33.44
N LYS G 155 26.64 20.15 -33.72
CA LYS G 155 28.04 20.30 -33.36
C LYS G 155 28.23 20.60 -31.88
N THR G 156 27.15 20.88 -31.17
CA THR G 156 27.19 21.06 -29.73
C THR G 156 27.03 19.72 -29.04
N THR G 157 27.86 19.46 -28.02
CA THR G 157 27.72 18.25 -27.20
C THR G 157 28.18 18.53 -25.78
N PHE G 158 27.30 18.31 -24.81
CA PHE G 158 27.65 18.44 -23.41
C PHE G 158 27.97 17.07 -22.83
N VAL G 159 28.92 17.05 -21.90
CA VAL G 159 29.37 15.80 -21.29
C VAL G 159 29.23 15.80 -19.77
N SER G 160 29.04 16.97 -19.16
CA SER G 160 29.01 17.09 -17.71
C SER G 160 28.34 18.40 -17.36
N ALA G 161 27.87 18.48 -16.11
CA ALA G 161 27.22 19.68 -15.60
C ALA G 161 28.21 20.82 -15.40
N SER G 162 29.44 20.50 -14.99
CA SER G 162 30.48 21.50 -14.77
C SER G 162 31.21 21.90 -16.05
N GLY G 163 31.21 21.04 -17.06
CA GLY G 163 32.04 21.22 -18.23
C GLY G 163 33.35 20.47 -18.20
N LEU G 164 33.65 19.79 -17.08
CA LEU G 164 34.85 18.97 -16.98
C LEU G 164 34.75 17.77 -17.92
N ASP G 165 35.89 17.38 -18.47
CA ASP G 165 35.92 16.23 -19.37
C ASP G 165 35.38 14.99 -18.64
N VAL G 166 34.73 14.12 -19.42
CA VAL G 166 34.19 12.86 -18.93
C VAL G 166 34.64 11.76 -19.88
N ASP G 167 35.30 10.74 -19.35
CA ASP G 167 35.76 9.58 -20.14
C ASP G 167 36.62 10.02 -21.31
N GLY G 168 37.43 11.05 -21.10
CA GLY G 168 38.25 11.58 -22.17
C GLY G 168 37.53 12.42 -23.19
N LYS G 169 36.20 12.54 -23.11
CA LYS G 169 35.44 13.40 -24.02
C LYS G 169 35.24 14.76 -23.38
N SER G 170 35.16 15.78 -24.24
CA SER G 170 35.06 17.18 -23.82
C SER G 170 33.76 17.81 -24.32
N ALA G 171 33.32 18.84 -23.62
CA ALA G 171 32.18 19.64 -24.07
C ALA G 171 32.61 20.56 -25.21
N VAL G 172 31.86 20.53 -26.31
CA VAL G 172 32.19 21.33 -27.48
C VAL G 172 30.92 22.00 -28.00
N SER G 173 31.12 23.15 -28.65
CA SER G 173 30.05 23.88 -29.30
C SER G 173 30.67 24.81 -30.34
N THR G 174 29.87 25.74 -30.85
CA THR G 174 30.32 26.80 -31.75
C THR G 174 29.85 28.14 -31.19
N THR G 175 30.46 29.23 -31.64
CA THR G 175 30.00 30.53 -31.14
C THR G 175 28.54 30.75 -31.52
N LYS G 176 28.15 30.36 -32.74
CA LYS G 176 26.74 30.47 -33.14
C LYS G 176 25.83 29.70 -32.19
N ASP G 177 26.19 28.44 -31.88
CA ASP G 177 25.34 27.65 -31.00
C ASP G 177 25.30 28.25 -29.61
N LEU G 178 26.44 28.77 -29.12
CA LEU G 178 26.48 29.39 -27.81
C LEU G 178 25.62 30.65 -27.75
N PHE G 179 25.54 31.40 -28.87
CA PHE G 179 24.62 32.53 -28.87
C PHE G 179 23.18 32.07 -28.73
N LEU G 180 22.79 31.02 -29.46
CA LEU G 180 21.40 30.56 -29.38
C LEU G 180 21.05 30.12 -27.97
N LEU G 181 21.96 29.36 -27.33
CA LEU G 181 21.73 28.95 -25.94
C LEU G 181 21.64 30.15 -25.03
N SER G 182 22.50 31.15 -25.26
CA SER G 182 22.55 32.32 -24.40
C SER G 182 21.30 33.17 -24.55
N SER G 183 20.84 33.41 -25.79
CA SER G 183 19.64 34.25 -25.91
C SER G 183 18.41 33.52 -25.39
N LYS G 184 18.29 32.22 -25.68
CA LYS G 184 17.14 31.45 -25.21
C LYS G 184 17.11 31.39 -23.68
N LEU G 185 18.27 31.24 -23.05
CA LEU G 185 18.34 31.25 -21.59
C LEU G 185 17.85 32.58 -21.04
N ILE G 186 18.36 33.68 -21.59
CA ILE G 186 17.98 35.01 -21.13
C ILE G 186 16.50 35.27 -21.38
N SER G 187 16.01 34.91 -22.59
CA SER G 187 14.62 35.21 -22.90
C SER G 187 13.66 34.34 -22.11
N THR G 188 14.09 33.14 -21.71
CA THR G 188 13.22 32.22 -20.99
C THR G 188 13.29 32.44 -19.49
N HIS G 189 14.49 32.73 -18.98
CA HIS G 189 14.76 32.86 -17.55
C HIS G 189 15.53 34.16 -17.30
N PRO G 190 14.90 35.31 -17.53
CA PRO G 190 15.63 36.58 -17.38
C PRO G 190 16.16 36.82 -15.96
N GLU G 191 15.63 36.12 -14.95
CA GLU G 191 16.15 36.27 -13.59
C GLU G 191 17.57 35.79 -13.45
N VAL G 192 18.06 34.98 -14.40
CA VAL G 192 19.46 34.54 -14.38
C VAL G 192 20.39 35.74 -14.23
N LEU G 193 20.03 36.87 -14.88
CA LEU G 193 20.85 38.08 -14.84
C LEU G 193 20.88 38.74 -13.47
N GLU G 194 19.89 38.46 -12.61
CA GLU G 194 19.94 38.97 -11.25
C GLU G 194 21.09 38.37 -10.46
N THR G 195 21.62 37.22 -10.89
CA THR G 195 22.82 36.64 -10.31
C THR G 195 24.07 36.99 -11.11
N THR G 196 24.03 36.91 -12.46
CA THR G 196 25.25 37.15 -13.23
C THR G 196 25.63 38.62 -13.33
N SER G 197 24.74 39.55 -12.96
CA SER G 197 25.07 40.97 -12.95
C SER G 197 25.81 41.38 -11.68
N LYS G 198 25.96 40.49 -10.69
CA LYS G 198 26.50 40.91 -9.41
C LYS G 198 27.98 40.61 -9.34
N PRO G 199 28.84 41.56 -8.95
CA PRO G 199 30.25 41.21 -8.72
C PRO G 199 30.47 40.37 -7.46
N THR G 200 29.55 40.39 -6.48
CA THR G 200 29.63 39.52 -5.32
C THR G 200 28.24 39.06 -4.92
N VAL G 201 28.12 37.78 -4.57
CA VAL G 201 26.88 37.18 -4.09
C VAL G 201 27.12 36.70 -2.67
N THR G 202 26.25 37.12 -1.75
CA THR G 202 26.26 36.64 -0.37
C THR G 202 25.35 35.41 -0.28
N THR G 203 25.93 34.25 0.01
CA THR G 203 25.13 33.03 0.07
C THR G 203 24.11 33.12 1.21
N ASP G 204 23.07 32.27 1.12
CA ASP G 204 22.19 32.06 2.27
C ASP G 204 23.00 31.64 3.47
N LYS G 205 23.99 30.76 3.28
CA LYS G 205 24.80 30.29 4.39
C LYS G 205 25.59 31.44 5.01
N GLY G 206 26.21 32.27 4.18
CA GLY G 206 26.92 33.42 4.70
C GLY G 206 28.16 33.76 3.92
N ALA G 207 28.78 32.76 3.29
CA ALA G 207 29.99 32.99 2.52
C ALA G 207 29.73 33.92 1.34
N LYS G 208 30.64 34.87 1.13
CA LYS G 208 30.55 35.77 -0.02
C LYS G 208 31.27 35.16 -1.22
N LEU G 209 30.56 35.02 -2.33
CA LEU G 209 31.15 34.52 -3.56
C LEU G 209 31.55 35.69 -4.43
N GLU G 210 32.71 35.56 -5.06
CA GLU G 210 33.25 36.61 -5.92
C GLU G 210 33.13 36.20 -7.38
N SER G 211 32.56 37.07 -8.20
CA SER G 211 32.37 36.76 -9.61
C SER G 211 33.71 36.67 -10.32
N THR G 212 33.74 35.82 -11.35
CA THR G 212 34.86 35.81 -12.27
C THR G 212 34.68 36.84 -13.39
N ASN G 213 33.59 37.60 -13.37
CA ASN G 213 33.29 38.53 -14.47
C ASN G 213 33.89 39.89 -14.15
N ASP G 214 35.14 40.08 -14.57
CA ASP G 214 35.87 41.31 -14.29
C ASP G 214 35.34 42.53 -15.06
N LEU G 215 34.43 42.35 -16.02
CA LEU G 215 33.89 43.48 -16.75
C LEU G 215 32.64 44.06 -16.10
N LEU G 216 32.09 43.41 -15.08
CA LEU G 216 31.01 44.03 -14.32
C LEU G 216 31.53 45.33 -13.71
N GLY G 217 30.75 46.40 -13.84
CA GLY G 217 31.19 47.73 -13.47
C GLY G 217 32.09 48.44 -14.47
N SER G 218 32.54 47.76 -15.52
CA SER G 218 33.48 48.33 -16.49
C SER G 218 32.79 48.75 -17.79
N ILE G 219 31.98 47.87 -18.35
CA ILE G 219 31.22 48.17 -19.56
C ILE G 219 29.81 48.54 -19.13
N GLN G 220 29.38 49.75 -19.48
CA GLN G 220 28.04 50.20 -19.11
C GLN G 220 26.99 49.24 -19.63
N GLY G 221 26.06 48.85 -18.77
CA GLY G 221 24.97 48.01 -19.16
C GLY G 221 25.30 46.54 -19.34
N LEU G 222 26.54 46.15 -19.06
CA LEU G 222 26.94 44.74 -19.13
C LEU G 222 26.46 44.01 -17.88
N ASP G 223 25.80 42.86 -18.06
CA ASP G 223 25.25 42.15 -16.91
C ASP G 223 25.35 40.62 -17.00
N GLY G 224 26.16 40.08 -17.90
CA GLY G 224 26.44 38.66 -17.93
C GLY G 224 27.68 38.45 -18.78
N LEU G 225 28.04 37.18 -18.98
CA LEU G 225 27.24 36.04 -18.60
C LEU G 225 28.04 34.91 -17.92
N LYS G 226 29.15 34.47 -18.53
CA LYS G 226 29.88 33.33 -17.99
C LYS G 226 31.31 33.27 -18.52
N THR G 227 32.27 33.02 -17.63
CA THR G 227 33.66 32.75 -17.99
C THR G 227 33.91 31.24 -18.10
N GLY G 228 34.99 30.90 -18.80
CA GLY G 228 35.49 29.54 -18.79
C GLY G 228 36.96 29.53 -19.14
N PHE G 229 37.67 28.51 -18.62
CA PHE G 229 39.06 28.30 -19.00
C PHE G 229 39.42 26.85 -18.81
N THR G 230 40.10 26.29 -19.80
CA THR G 230 41.00 25.16 -19.61
C THR G 230 42.20 25.36 -20.52
N ASP G 231 43.22 24.53 -20.35
CA ASP G 231 44.40 24.67 -21.18
C ASP G 231 44.07 24.46 -22.66
N GLU G 232 43.18 23.51 -22.96
CA GLU G 232 42.78 23.29 -24.34
C GLU G 232 41.76 24.31 -24.83
N ALA G 233 40.88 24.79 -23.95
CA ALA G 233 39.89 25.77 -24.37
C ALA G 233 40.41 27.20 -24.39
N GLY G 234 41.58 27.46 -23.79
CA GLY G 234 42.05 28.83 -23.57
C GLY G 234 41.03 29.60 -22.74
N TYR G 235 41.21 30.92 -22.70
CA TYR G 235 40.37 31.79 -21.89
C TYR G 235 39.16 32.25 -22.69
N CYS G 236 37.98 32.00 -22.12
CA CYS G 236 36.71 32.14 -22.82
C CYS G 236 35.78 33.03 -22.00
N PHE G 237 34.83 33.69 -22.68
CA PHE G 237 33.83 34.48 -21.98
C PHE G 237 32.62 34.70 -22.88
N ILE G 238 31.42 34.53 -22.32
CA ILE G 238 30.17 34.98 -22.94
C ILE G 238 29.68 36.20 -22.16
N GLY G 239 29.62 37.35 -22.83
CA GLY G 239 29.14 38.57 -22.21
C GLY G 239 27.79 38.97 -22.78
N THR G 240 27.02 39.71 -21.99
CA THR G 240 25.76 40.26 -22.51
C THR G 240 25.57 41.64 -21.90
N ALA G 241 25.01 42.56 -22.69
CA ALA G 241 24.75 43.90 -22.22
C ALA G 241 23.48 44.41 -22.85
N GLU G 242 22.76 45.26 -22.12
CA GLU G 242 21.59 45.91 -22.67
C GLU G 242 21.72 47.41 -22.50
N ARG G 243 21.39 48.15 -23.55
CA ARG G 243 21.38 49.61 -23.51
C ARG G 243 20.18 50.11 -24.30
N GLY G 244 19.32 50.88 -23.65
CA GLY G 244 18.24 51.57 -24.33
C GLY G 244 17.30 50.68 -25.12
N GLY G 245 17.07 49.45 -24.64
CA GLY G 245 16.20 48.52 -25.33
C GLY G 245 16.92 47.42 -26.09
N LYS G 246 18.16 47.66 -26.53
CA LYS G 246 18.93 46.72 -27.35
C LYS G 246 19.87 45.90 -26.49
N ARG G 247 19.76 44.57 -26.59
CA ARG G 247 20.68 43.66 -25.91
C ARG G 247 21.59 43.02 -26.95
N VAL G 248 22.87 42.91 -26.61
CA VAL G 248 23.81 42.19 -27.44
C VAL G 248 24.44 41.08 -26.61
N ILE G 249 24.86 40.02 -27.29
CA ILE G 249 25.56 38.91 -26.67
C ILE G 249 26.82 38.69 -27.47
N SER G 250 27.97 38.73 -26.81
CA SER G 250 29.24 38.44 -27.47
C SER G 250 29.77 37.10 -27.00
N ILE G 251 30.58 36.46 -27.85
CA ILE G 251 31.20 35.18 -27.57
C ILE G 251 32.68 35.32 -27.83
N VAL G 252 33.50 34.86 -26.89
CA VAL G 252 34.96 34.86 -27.02
C VAL G 252 35.47 33.48 -26.61
N LEU G 253 36.18 32.79 -27.53
CA LEU G 253 36.70 31.46 -27.28
C LEU G 253 38.20 31.40 -27.60
N ASP G 254 38.96 30.87 -26.63
CA ASP G 254 40.39 30.59 -26.78
C ASP G 254 41.23 31.86 -26.94
N ALA G 255 41.01 32.83 -26.05
CA ALA G 255 41.93 33.95 -25.95
C ALA G 255 43.15 33.52 -25.11
N GLY G 256 44.23 34.29 -25.23
CA GLY G 256 45.50 33.85 -24.69
C GLY G 256 45.71 34.07 -23.21
N THR G 257 45.04 35.03 -22.59
CA THR G 257 45.16 35.26 -21.16
C THR G 257 43.81 35.64 -20.61
N ALA G 258 43.76 35.70 -19.27
CA ALA G 258 42.50 36.00 -18.58
C ALA G 258 41.98 37.39 -18.91
N GLU G 259 42.88 38.34 -19.19
CA GLU G 259 42.49 39.70 -19.51
C GLU G 259 42.23 39.90 -20.99
N LYS G 260 42.87 39.11 -21.86
CA LYS G 260 42.66 39.27 -23.30
C LYS G 260 41.23 38.92 -23.70
N ARG G 261 40.64 37.89 -23.07
CA ARG G 261 39.25 37.55 -23.35
C ARG G 261 38.31 38.72 -23.05
N PHE G 262 38.64 39.52 -22.02
CA PHE G 262 37.85 40.70 -21.72
C PHE G 262 38.21 41.86 -22.63
N LYS G 263 39.49 41.98 -23.03
CA LYS G 263 39.83 43.01 -24.00
C LYS G 263 39.10 42.79 -25.32
N ASP G 264 39.07 41.54 -25.80
CA ASP G 264 38.28 41.18 -26.98
C ASP G 264 36.79 41.48 -26.78
N THR G 265 36.28 41.22 -25.57
CA THR G 265 34.87 41.48 -25.28
C THR G 265 34.53 42.96 -25.40
N GLU G 266 35.44 43.84 -24.95
CA GLU G 266 35.27 45.28 -25.15
C GLU G 266 35.15 45.64 -26.62
N LYS G 267 36.05 45.10 -27.45
CA LYS G 267 35.98 45.40 -28.88
C LYS G 267 34.67 44.92 -29.47
N LEU G 268 34.22 43.72 -29.09
CA LEU G 268 32.96 43.18 -29.62
C LEU G 268 31.76 44.00 -29.15
N MET G 269 31.77 44.43 -27.88
CA MET G 269 30.66 45.22 -27.37
C MET G 269 30.59 46.58 -28.04
N GLU G 270 31.75 47.22 -28.26
CA GLU G 270 31.74 48.51 -28.96
C GLU G 270 31.15 48.36 -30.36
N VAL G 271 31.55 47.29 -31.07
CA VAL G 271 30.95 47.00 -32.37
C VAL G 271 29.45 46.71 -32.22
N GLY G 272 29.07 46.02 -31.14
CA GLY G 272 27.68 45.66 -30.96
C GLY G 272 26.75 46.85 -30.79
N PHE G 273 27.25 47.93 -30.21
CA PHE G 273 26.41 49.10 -29.96
C PHE G 273 26.72 50.25 -30.90
N LYS G 274 27.51 50.01 -31.95
CA LYS G 274 27.94 51.06 -32.88
C LYS G 274 26.78 51.86 -33.47
N GLN H 28 -37.86 -28.90 -3.28
CA GLN H 28 -37.92 -29.70 -2.07
C GLN H 28 -39.27 -30.43 -1.96
N PRO H 29 -39.25 -31.65 -1.40
CA PRO H 29 -40.49 -32.45 -1.35
C PRO H 29 -41.56 -31.79 -0.50
N ASN H 30 -42.78 -32.32 -0.59
CA ASN H 30 -43.88 -31.87 0.25
C ASN H 30 -44.02 -32.85 1.39
N LEU H 31 -43.57 -32.43 2.57
CA LEU H 31 -43.62 -33.22 3.78
C LEU H 31 -44.71 -32.67 4.69
N TYR H 32 -45.31 -33.56 5.47
CA TYR H 32 -46.34 -33.18 6.43
C TYR H 32 -45.77 -33.52 7.80
N LEU H 33 -45.11 -32.53 8.38
CA LEU H 33 -44.39 -32.67 9.63
C LEU H 33 -45.23 -32.14 10.79
N SER H 34 -45.03 -32.72 11.97
CA SER H 34 -45.53 -32.12 13.20
C SER H 34 -44.77 -30.84 13.53
N ALA H 35 -43.47 -30.84 13.29
CA ALA H 35 -42.59 -29.74 13.65
C ALA H 35 -43.09 -28.41 13.09
N ASN H 36 -42.93 -27.36 13.88
CA ASN H 36 -43.20 -26.03 13.38
C ASN H 36 -42.04 -25.50 12.53
N ALA H 37 -40.80 -25.87 12.86
CA ALA H 37 -39.67 -25.52 12.02
C ALA H 37 -38.81 -26.75 11.84
N ALA H 38 -38.33 -26.97 10.62
CA ALA H 38 -37.55 -28.19 10.38
C ALA H 38 -36.74 -28.05 9.10
N ALA H 39 -35.66 -28.84 9.04
CA ALA H 39 -34.80 -28.84 7.86
C ALA H 39 -33.90 -30.06 7.91
N VAL H 40 -33.34 -30.40 6.75
CA VAL H 40 -32.23 -31.34 6.68
C VAL H 40 -31.24 -30.82 5.64
N TYR H 41 -29.95 -30.92 5.99
CA TYR H 41 -28.87 -30.37 5.18
C TYR H 41 -27.83 -31.45 4.90
N SER H 42 -27.14 -31.32 3.78
CA SER H 42 -25.99 -32.14 3.50
C SER H 42 -24.75 -31.46 4.06
N VAL H 43 -23.94 -32.23 4.79
CA VAL H 43 -22.71 -31.67 5.37
C VAL H 43 -21.70 -31.29 4.29
N GLU H 44 -21.65 -32.03 3.19
CA GLU H 44 -20.56 -31.91 2.22
C GLU H 44 -20.50 -30.51 1.63
N ASN H 45 -21.66 -29.95 1.28
CA ASN H 45 -21.73 -28.62 0.71
C ASN H 45 -22.63 -27.69 1.50
N GLY H 46 -23.19 -28.13 2.62
CA GLY H 46 -24.09 -27.31 3.40
C GLY H 46 -25.45 -27.06 2.79
N GLU H 47 -25.79 -27.71 1.68
CA GLU H 47 -26.99 -27.36 0.92
C GLU H 47 -28.24 -27.85 1.62
N ALA H 48 -29.27 -26.99 1.64
CA ALA H 48 -30.55 -27.40 2.21
C ALA H 48 -31.23 -28.42 1.30
N LEU H 49 -31.73 -29.51 1.88
CA LEU H 49 -32.49 -30.49 1.12
C LEU H 49 -33.99 -30.41 1.38
N TYR H 50 -34.37 -29.93 2.56
CA TYR H 50 -35.74 -29.56 2.87
C TYR H 50 -35.67 -28.48 3.91
N GLU H 51 -36.47 -27.43 3.76
CA GLU H 51 -36.51 -26.36 4.76
C GLU H 51 -37.93 -25.89 4.96
N GLN H 52 -38.29 -25.64 6.21
CA GLN H 52 -39.58 -25.09 6.60
C GLN H 52 -39.36 -24.17 7.79
N ASN H 53 -39.65 -22.88 7.62
CA ASN H 53 -39.39 -21.88 8.66
C ASN H 53 -37.94 -21.92 9.14
N ALA H 54 -37.00 -22.11 8.21
CA ALA H 54 -35.60 -22.34 8.58
C ALA H 54 -34.93 -21.12 9.19
N ASP H 55 -35.50 -19.92 9.02
CA ASP H 55 -34.96 -18.71 9.63
C ASP H 55 -35.80 -18.19 10.79
N LYS H 56 -36.87 -18.89 11.16
CA LYS H 56 -37.68 -18.46 12.29
C LYS H 56 -36.92 -18.66 13.59
N VAL H 57 -36.96 -17.64 14.46
CA VAL H 57 -36.32 -17.76 15.77
C VAL H 57 -37.21 -18.60 16.67
N MET H 58 -36.60 -19.56 17.36
CA MET H 58 -37.27 -20.62 18.10
C MET H 58 -36.56 -20.87 19.42
N PRO H 59 -37.31 -21.21 20.48
CA PRO H 59 -36.65 -21.72 21.69
C PRO H 59 -36.04 -23.10 21.46
N ILE H 60 -34.81 -23.29 21.95
CA ILE H 60 -34.07 -24.53 21.72
C ILE H 60 -33.76 -25.30 23.00
N ALA H 61 -33.92 -24.71 24.18
CA ALA H 61 -33.77 -25.42 25.46
C ALA H 61 -32.54 -26.30 25.49
N SER H 62 -32.74 -27.61 25.65
CA SER H 62 -31.67 -28.56 25.92
C SER H 62 -30.72 -28.74 24.76
N LEU H 63 -31.12 -28.36 23.55
CA LEU H 63 -30.17 -28.41 22.45
C LEU H 63 -28.95 -27.55 22.73
N SER H 64 -29.08 -26.58 23.66
CA SER H 64 -27.98 -25.75 24.11
C SER H 64 -26.80 -26.59 24.62
N LYS H 65 -27.06 -27.79 25.10
CA LYS H 65 -26.00 -28.65 25.61
C LYS H 65 -25.00 -29.04 24.54
N LEU H 66 -25.39 -28.93 23.26
CA LEU H 66 -24.40 -29.15 22.20
C LEU H 66 -23.29 -28.10 22.26
N MET H 67 -23.63 -26.84 22.58
CA MET H 67 -22.58 -25.82 22.71
C MET H 67 -21.74 -26.04 23.96
N THR H 68 -22.37 -26.46 25.06
CA THR H 68 -21.60 -26.78 26.27
C THR H 68 -20.65 -27.95 26.02
N ALA H 69 -21.11 -28.97 25.29
CA ALA H 69 -20.23 -30.07 24.92
C ALA H 69 -19.07 -29.60 24.05
N PHE H 70 -19.36 -28.73 23.07
CA PHE H 70 -18.29 -28.14 22.26
C PHE H 70 -17.23 -27.51 23.13
N LEU H 71 -17.65 -26.77 24.15
CA LEU H 71 -16.70 -26.01 24.96
C LEU H 71 -15.97 -26.88 25.97
N VAL H 72 -16.60 -27.96 26.43
CA VAL H 72 -15.87 -28.96 27.22
C VAL H 72 -14.76 -29.58 26.38
N LEU H 73 -15.09 -30.01 25.16
CA LEU H 73 -14.08 -30.66 24.32
C LEU H 73 -12.95 -29.71 23.98
N GLU H 74 -13.28 -28.45 23.65
CA GLU H 74 -12.27 -27.44 23.38
C GLU H 74 -11.34 -27.26 24.57
N ALA H 75 -11.91 -27.19 25.78
CA ALA H 75 -11.10 -26.99 26.96
C ALA H 75 -10.18 -28.17 27.22
N VAL H 76 -10.68 -29.40 27.05
CA VAL H 76 -9.80 -30.56 27.23
C VAL H 76 -8.64 -30.50 26.23
N ASP H 77 -8.94 -30.17 24.98
CA ASP H 77 -7.89 -30.05 23.98
C ASP H 77 -6.94 -28.91 24.31
N ASN H 78 -7.44 -27.86 24.96
CA ASN H 78 -6.64 -26.70 25.32
C ASN H 78 -5.85 -26.90 26.59
N ASN H 79 -5.88 -28.11 27.17
CA ASN H 79 -5.15 -28.41 28.40
C ASN H 79 -5.71 -27.62 29.57
N GLU H 80 -7.02 -27.33 29.55
CA GLU H 80 -7.64 -26.50 30.55
C GLU H 80 -8.66 -27.27 31.39
N LEU H 81 -8.82 -28.57 31.14
CA LEU H 81 -9.82 -29.38 31.80
C LEU H 81 -9.37 -30.83 31.69
N SER H 82 -9.53 -31.58 32.77
CA SER H 82 -9.21 -33.00 32.81
C SER H 82 -10.49 -33.83 32.73
N TRP H 83 -10.44 -34.96 32.02
CA TRP H 83 -11.63 -35.81 31.96
C TRP H 83 -11.92 -36.43 33.31
N ASP H 84 -10.88 -36.60 34.13
CA ASP H 84 -10.97 -37.32 35.40
C ASP H 84 -11.19 -36.40 36.59
N GLU H 85 -11.15 -35.09 36.41
CA GLU H 85 -11.43 -34.18 37.51
C GLU H 85 -12.83 -34.40 38.06
N LYS H 86 -12.94 -34.41 39.39
CA LYS H 86 -14.22 -34.57 40.07
C LYS H 86 -14.84 -33.21 40.42
N LEU H 87 -16.14 -33.11 40.20
CA LEU H 87 -16.91 -31.91 40.47
C LEU H 87 -18.19 -32.26 41.21
N ASP H 88 -18.66 -31.34 42.06
CA ASP H 88 -19.94 -31.49 42.75
C ASP H 88 -21.07 -30.91 41.91
N LEU H 89 -22.12 -31.70 41.71
CA LEU H 89 -23.30 -31.24 40.98
C LEU H 89 -23.94 -30.03 41.65
N VAL H 90 -24.21 -28.99 40.86
CA VAL H 90 -24.97 -27.86 41.37
C VAL H 90 -26.36 -28.32 41.78
N ARG H 91 -26.95 -27.62 42.75
CA ARG H 91 -28.33 -27.86 43.14
C ARG H 91 -29.26 -27.10 42.19
N LEU H 92 -30.17 -27.83 41.56
CA LEU H 92 -31.11 -27.22 40.62
C LEU H 92 -32.28 -26.57 41.36
N ASP H 93 -32.74 -25.44 40.81
CA ASP H 93 -33.83 -24.70 41.45
C ASP H 93 -35.07 -25.58 41.64
N ASP H 94 -35.45 -26.33 40.61
CA ASP H 94 -36.54 -27.29 40.76
C ASP H 94 -35.93 -28.65 41.08
N PRO H 95 -36.16 -29.21 42.27
CA PRO H 95 -35.67 -30.57 42.55
C PRO H 95 -36.32 -31.63 41.69
N SER H 96 -37.51 -31.38 41.13
CA SER H 96 -38.13 -32.28 40.17
C SER H 96 -37.67 -32.00 38.74
N ALA H 97 -36.72 -31.09 38.56
CA ALA H 97 -36.08 -30.94 37.26
C ALA H 97 -35.23 -32.17 36.97
N VAL H 98 -35.17 -32.57 35.71
CA VAL H 98 -34.53 -33.83 35.33
C VAL H 98 -33.03 -33.71 35.60
N SER H 99 -32.49 -34.65 36.38
CA SER H 99 -31.17 -34.43 36.96
C SER H 99 -30.47 -35.75 37.19
N LEU H 100 -29.14 -35.70 37.13
CA LEU H 100 -28.32 -36.86 37.46
C LEU H 100 -28.40 -37.19 38.94
N TYR H 101 -28.47 -36.18 39.80
CA TYR H 101 -28.55 -36.44 41.23
C TYR H 101 -29.83 -37.17 41.58
N ALA H 102 -30.93 -36.81 40.92
CA ALA H 102 -32.21 -37.38 41.28
C ALA H 102 -32.22 -38.89 41.09
N ILE H 103 -31.60 -39.39 40.01
CA ILE H 103 -31.67 -40.81 39.72
C ILE H 103 -30.48 -41.58 40.28
N THR H 104 -29.52 -40.93 40.92
CA THR H 104 -28.39 -41.62 41.52
C THR H 104 -28.16 -41.32 42.99
N GLN H 105 -28.63 -40.18 43.50
CA GLN H 105 -28.32 -39.73 44.86
C GLN H 105 -26.80 -39.60 45.08
N LYS H 106 -26.06 -39.33 44.00
CA LYS H 106 -24.62 -39.13 44.07
C LYS H 106 -24.28 -37.71 43.65
N ARG H 107 -23.51 -37.02 44.49
CA ARG H 107 -23.22 -35.61 44.30
C ARG H 107 -22.00 -35.34 43.44
N THR H 108 -20.98 -36.20 43.49
CA THR H 108 -19.67 -35.88 42.92
C THR H 108 -19.36 -36.83 41.78
N TRP H 109 -19.04 -36.25 40.62
CA TRP H 109 -18.81 -37.01 39.39
C TRP H 109 -17.57 -36.49 38.68
N SER H 110 -16.99 -37.34 37.84
CA SER H 110 -15.91 -36.92 36.97
C SER H 110 -16.47 -36.05 35.85
N VAL H 111 -15.59 -35.23 35.27
CA VAL H 111 -15.97 -34.41 34.12
C VAL H 111 -16.49 -35.30 32.99
N ARG H 112 -15.83 -36.43 32.76
CA ARG H 112 -16.28 -37.35 31.72
C ARG H 112 -17.74 -37.77 31.95
N ASP H 113 -18.08 -38.19 33.16
CA ASP H 113 -19.44 -38.66 33.44
C ASP H 113 -20.47 -37.54 33.34
N LEU H 114 -20.11 -36.32 33.76
CA LEU H 114 -21.03 -35.19 33.60
C LEU H 114 -21.27 -34.87 32.13
N TYR H 115 -20.21 -34.89 31.33
CA TYR H 115 -20.33 -34.75 29.89
C TYR H 115 -21.21 -35.86 29.32
N SER H 116 -20.99 -37.09 29.77
CA SER H 116 -21.84 -38.20 29.37
C SER H 116 -23.30 -37.95 29.75
N ALA H 117 -23.54 -37.57 31.00
CA ALA H 117 -24.92 -37.41 31.46
C ALA H 117 -25.65 -36.32 30.68
N MET H 118 -24.93 -35.29 30.26
CA MET H 118 -25.54 -34.17 29.57
C MET H 118 -25.97 -34.55 28.16
N LEU H 119 -25.14 -35.35 27.46
CA LEU H 119 -25.43 -35.71 26.08
C LEU H 119 -26.45 -36.86 25.95
N THR H 120 -26.41 -37.83 26.86
CA THR H 120 -27.29 -38.99 26.73
C THR H 120 -28.66 -38.75 27.36
N MET H 121 -28.71 -38.48 28.68
CA MET H 121 -29.99 -38.29 29.36
C MET H 121 -30.42 -36.82 29.48
N SER H 122 -29.59 -35.87 29.07
CA SER H 122 -29.88 -34.43 29.16
C SER H 122 -30.06 -33.99 30.61
N ALA H 123 -29.04 -34.27 31.43
CA ALA H 123 -29.04 -33.91 32.84
C ALA H 123 -28.73 -32.41 32.99
N ASN H 124 -29.72 -31.65 33.48
CA ASN H 124 -29.55 -30.22 33.60
C ASN H 124 -28.48 -29.83 34.61
N ASP H 125 -28.44 -30.53 35.76
CA ASP H 125 -27.44 -30.21 36.79
C ASP H 125 -26.03 -30.52 36.28
N ALA H 126 -25.87 -31.59 35.52
CA ALA H 126 -24.56 -31.93 34.96
C ALA H 126 -24.06 -30.84 34.03
N ALA H 127 -24.95 -30.33 33.15
CA ALA H 127 -24.57 -29.26 32.24
C ALA H 127 -24.16 -27.99 32.98
N GLU H 128 -24.96 -27.57 33.96
CA GLU H 128 -24.65 -26.38 34.73
C GLU H 128 -23.35 -26.54 35.50
N THR H 129 -23.05 -27.77 35.95
CA THR H 129 -21.79 -28.01 36.63
C THR H 129 -20.61 -27.83 35.68
N LEU H 130 -20.75 -28.29 34.43
CA LEU H 130 -19.68 -28.13 33.45
C LEU H 130 -19.45 -26.66 33.11
N GLY H 131 -20.53 -25.93 32.83
CA GLY H 131 -20.39 -24.51 32.55
C GLY H 131 -19.74 -23.75 33.69
N ASP H 132 -20.20 -24.00 34.92
CA ASP H 132 -19.60 -23.37 36.09
C ASP H 132 -18.10 -23.64 36.16
N ARG H 133 -17.70 -24.88 35.92
CA ARG H 133 -16.28 -25.22 35.95
C ARG H 133 -15.51 -24.49 34.84
N LEU H 134 -16.10 -24.40 33.65
CA LEU H 134 -15.39 -23.80 32.52
C LEU H 134 -15.13 -22.32 32.75
N ASP H 135 -16.19 -21.54 33.07
CA ASP H 135 -16.05 -20.09 33.11
C ASP H 135 -16.84 -19.46 34.25
N GLY H 136 -17.31 -20.25 35.21
CA GLY H 136 -17.99 -19.68 36.37
C GLY H 136 -19.29 -19.00 35.98
N ALA H 137 -19.39 -17.71 36.33
CA ALA H 137 -20.56 -16.91 35.99
C ALA H 137 -20.50 -16.36 34.56
N ASP H 138 -19.37 -16.51 33.88
CA ASP H 138 -19.17 -15.97 32.54
C ASP H 138 -19.36 -17.02 31.45
N PHE H 139 -20.06 -18.09 31.74
CA PHE H 139 -20.16 -19.11 30.69
C PHE H 139 -21.05 -18.68 29.52
N PRO H 140 -22.18 -18.00 29.71
CA PRO H 140 -22.97 -17.60 28.53
C PRO H 140 -22.18 -16.73 27.56
N LYS H 141 -21.35 -15.81 28.06
CA LYS H 141 -20.49 -15.05 27.15
C LYS H 141 -19.69 -15.99 26.28
N GLU H 142 -19.13 -17.07 26.85
CA GLU H 142 -18.29 -17.97 26.10
C GLU H 142 -19.10 -18.79 25.09
N MET H 143 -20.31 -19.23 25.49
CA MET H 143 -21.17 -19.93 24.54
C MET H 143 -21.50 -19.04 23.34
N ASN H 144 -21.78 -17.77 23.58
CA ASN H 144 -22.16 -16.86 22.51
C ASN H 144 -20.97 -16.41 21.66
N ASN H 145 -19.79 -16.28 22.26
CA ASN H 145 -18.58 -16.06 21.47
C ASN H 145 -18.33 -17.24 20.54
N GLN H 146 -18.48 -18.45 21.06
CA GLN H 146 -18.33 -19.64 20.24
C GLN H 146 -19.39 -19.71 19.14
N ALA H 147 -20.64 -19.37 19.46
CA ALA H 147 -21.67 -19.33 18.42
C ALA H 147 -21.23 -18.45 17.26
N LYS H 148 -20.71 -17.26 17.58
CA LYS H 148 -20.17 -16.37 16.56
C LYS H 148 -19.03 -17.04 15.79
N LYS H 149 -18.03 -17.57 16.52
CA LYS H 149 -16.91 -18.21 15.85
C LYS H 149 -17.36 -19.34 14.92
N LEU H 150 -18.46 -20.00 15.25
CA LEU H 150 -18.93 -21.13 14.45
C LEU H 150 -19.83 -20.71 13.29
N GLY H 151 -19.96 -19.40 13.05
CA GLY H 151 -20.70 -18.91 11.90
C GLY H 151 -22.19 -18.72 12.11
N MET H 152 -22.67 -18.85 13.35
CA MET H 152 -24.09 -18.66 13.65
C MET H 152 -24.46 -17.18 13.64
N SER H 153 -25.69 -16.90 13.23
CA SER H 153 -26.16 -15.53 13.09
C SER H 153 -26.50 -14.90 14.45
N SER H 154 -26.79 -13.59 14.41
CA SER H 154 -27.18 -12.86 15.60
C SER H 154 -28.51 -13.31 16.18
N LYS H 155 -29.32 -14.06 15.42
CA LYS H 155 -30.59 -14.57 15.95
C LYS H 155 -30.39 -15.63 17.02
N THR H 156 -29.18 -16.15 17.18
CA THR H 156 -28.90 -17.18 18.18
C THR H 156 -28.46 -16.53 19.48
N THR H 157 -29.08 -16.93 20.59
CA THR H 157 -28.59 -16.49 21.88
C THR H 157 -28.70 -17.63 22.90
N PHE H 158 -27.57 -17.94 23.52
CA PHE H 158 -27.48 -18.88 24.63
C PHE H 158 -27.53 -18.12 25.95
N VAL H 159 -28.15 -18.73 26.95
CA VAL H 159 -28.31 -18.11 28.27
C VAL H 159 -27.77 -18.95 29.40
N SER H 160 -27.59 -20.26 29.22
CA SER H 160 -27.17 -21.18 30.27
C SER H 160 -26.59 -22.41 29.60
N ALA H 161 -25.69 -23.10 30.32
CA ALA H 161 -25.08 -24.30 29.77
C ALA H 161 -26.11 -25.36 29.44
N SER H 162 -27.21 -25.42 30.18
CA SER H 162 -28.23 -26.45 30.04
C SER H 162 -29.35 -26.07 29.08
N GLY H 163 -29.57 -24.78 28.84
CA GLY H 163 -30.76 -24.36 28.13
C GLY H 163 -31.94 -24.04 29.02
N LEU H 164 -31.76 -24.06 30.34
CA LEU H 164 -32.81 -23.55 31.23
C LEU H 164 -32.86 -22.02 31.14
N ASP H 165 -34.05 -21.46 31.28
CA ASP H 165 -34.18 -20.01 31.32
C ASP H 165 -33.38 -19.43 32.49
N VAL H 166 -32.87 -18.22 32.29
CA VAL H 166 -32.18 -17.46 33.33
C VAL H 166 -32.79 -16.07 33.36
N ASP H 167 -33.30 -15.66 34.52
CA ASP H 167 -33.97 -14.36 34.69
C ASP H 167 -34.95 -14.11 33.55
N GLY H 168 -35.78 -15.13 33.26
CA GLY H 168 -36.79 -15.02 32.24
C GLY H 168 -36.30 -14.95 30.82
N LYS H 169 -35.00 -15.08 30.55
CA LYS H 169 -34.51 -15.11 29.18
C LYS H 169 -34.41 -16.55 28.71
N SER H 170 -34.76 -16.78 27.45
CA SER H 170 -34.75 -18.12 26.86
C SER H 170 -33.61 -18.26 25.86
N ALA H 171 -33.04 -19.46 25.79
CA ALA H 171 -32.11 -19.77 24.72
C ALA H 171 -32.89 -19.89 23.42
N VAL H 172 -32.41 -19.21 22.37
CA VAL H 172 -33.07 -19.23 21.06
C VAL H 172 -32.03 -19.43 19.97
N SER H 173 -32.50 -19.87 18.80
CA SER H 173 -31.67 -20.10 17.61
C SER H 173 -32.61 -20.28 16.41
N THR H 174 -32.05 -20.66 15.26
CA THR H 174 -32.82 -21.05 14.07
C THR H 174 -32.34 -22.41 13.60
N THR H 175 -33.11 -23.07 12.72
CA THR H 175 -32.64 -24.36 12.23
C THR H 175 -31.37 -24.20 11.38
N LYS H 176 -31.25 -23.11 10.62
CA LYS H 176 -30.03 -22.86 9.86
C LYS H 176 -28.82 -22.72 10.79
N ASP H 177 -28.98 -21.94 11.87
CA ASP H 177 -27.90 -21.76 12.84
C ASP H 177 -27.60 -23.05 13.57
N LEU H 178 -28.64 -23.83 13.89
CA LEU H 178 -28.42 -25.10 14.57
C LEU H 178 -27.66 -26.07 13.66
N PHE H 179 -27.90 -26.03 12.35
CA PHE H 179 -27.09 -26.83 11.43
C PHE H 179 -25.61 -26.44 11.50
N LEU H 180 -25.34 -25.13 11.51
CA LEU H 180 -23.95 -24.67 11.52
C LEU H 180 -23.23 -25.15 12.77
N LEU H 181 -23.91 -25.06 13.92
CA LEU H 181 -23.31 -25.51 15.17
C LEU H 181 -23.03 -27.01 15.14
N SER H 182 -24.06 -27.80 14.78
CA SER H 182 -23.95 -29.25 14.82
C SER H 182 -22.85 -29.75 13.90
N SER H 183 -22.81 -29.23 12.67
CA SER H 183 -21.77 -29.65 11.74
C SER H 183 -20.39 -29.23 12.22
N LYS H 184 -20.26 -28.00 12.71
CA LYS H 184 -18.95 -27.58 13.19
C LYS H 184 -18.53 -28.38 14.42
N LEU H 185 -19.47 -28.72 15.29
CA LEU H 185 -19.14 -29.56 16.43
C LEU H 185 -18.64 -30.92 15.98
N ILE H 186 -19.24 -31.48 14.93
CA ILE H 186 -18.88 -32.82 14.46
C ILE H 186 -17.57 -32.80 13.68
N SER H 187 -17.29 -31.75 12.92
CA SER H 187 -16.00 -31.70 12.23
C SER H 187 -14.87 -31.37 13.19
N THR H 188 -15.08 -30.42 14.10
CA THR H 188 -14.03 -30.05 15.03
C THR H 188 -13.77 -31.17 16.03
N HIS H 189 -14.81 -31.89 16.44
CA HIS H 189 -14.73 -32.88 17.51
C HIS H 189 -15.53 -34.10 17.12
N PRO H 190 -15.00 -34.91 16.20
CA PRO H 190 -15.77 -36.06 15.69
C PRO H 190 -16.08 -37.07 16.78
N GLU H 191 -15.24 -37.15 17.82
CA GLU H 191 -15.47 -38.07 18.94
C GLU H 191 -16.75 -37.79 19.71
N VAL H 192 -17.39 -36.64 19.51
CA VAL H 192 -18.71 -36.44 20.11
C VAL H 192 -19.68 -37.53 19.67
N LEU H 193 -19.48 -38.08 18.47
CA LEU H 193 -20.37 -39.14 18.01
C LEU H 193 -20.10 -40.45 18.72
N GLU H 194 -18.94 -40.59 19.36
CA GLU H 194 -18.65 -41.80 20.13
C GLU H 194 -19.48 -41.86 21.40
N THR H 195 -20.01 -40.74 21.85
CA THR H 195 -20.97 -40.70 22.96
C THR H 195 -22.41 -40.68 22.46
N THR H 196 -22.74 -39.76 21.53
CA THR H 196 -24.14 -39.60 21.19
C THR H 196 -24.69 -40.84 20.49
N SER H 197 -23.84 -41.65 19.87
CA SER H 197 -24.28 -42.83 19.14
C SER H 197 -24.66 -44.00 20.05
N LYS H 198 -24.41 -43.90 21.36
CA LYS H 198 -24.60 -45.04 22.27
C LYS H 198 -25.99 -45.00 22.87
N PRO H 199 -26.80 -46.04 22.72
CA PRO H 199 -28.13 -46.02 23.36
C PRO H 199 -28.05 -45.99 24.89
N THR H 200 -26.99 -46.56 25.45
CA THR H 200 -26.67 -46.44 26.87
C THR H 200 -25.18 -46.18 27.03
N VAL H 201 -24.83 -45.47 28.09
CA VAL H 201 -23.44 -45.19 28.45
C VAL H 201 -23.22 -45.62 29.90
N THR H 202 -22.24 -46.48 30.12
CA THR H 202 -21.82 -46.83 31.46
C THR H 202 -20.80 -45.80 31.95
N THR H 203 -21.10 -45.14 33.05
CA THR H 203 -20.24 -44.07 33.54
C THR H 203 -18.98 -44.66 34.17
N ASP H 204 -17.97 -43.80 34.36
CA ASP H 204 -16.80 -44.17 35.17
C ASP H 204 -17.25 -44.69 36.53
N LYS H 205 -18.19 -44.00 37.15
CA LYS H 205 -18.62 -44.35 38.50
C LYS H 205 -19.36 -45.68 38.51
N GLY H 206 -20.21 -45.92 37.52
CA GLY H 206 -20.90 -47.20 37.46
C GLY H 206 -22.31 -47.09 36.91
N ALA H 207 -23.07 -46.10 37.38
CA ALA H 207 -24.45 -45.91 36.92
C ALA H 207 -24.52 -45.96 35.41
N LYS H 208 -25.56 -46.62 34.90
CA LYS H 208 -25.83 -46.65 33.47
C LYS H 208 -26.77 -45.51 33.08
N LEU H 209 -26.39 -44.73 32.07
CA LEU H 209 -27.21 -43.65 31.53
C LEU H 209 -27.90 -44.11 30.24
N GLU H 210 -29.17 -43.75 30.11
CA GLU H 210 -29.95 -44.14 28.93
C GLU H 210 -30.18 -42.94 28.02
N SER H 211 -29.98 -43.16 26.72
CA SER H 211 -30.11 -42.11 25.72
C SER H 211 -31.57 -41.71 25.52
N THR H 212 -31.79 -40.40 25.33
CA THR H 212 -33.10 -39.91 24.94
C THR H 212 -33.31 -40.02 23.43
N ASN H 213 -32.30 -40.46 22.69
CA ASN H 213 -32.38 -40.57 21.23
C ASN H 213 -33.01 -41.90 20.87
N ASP H 214 -34.32 -41.88 20.60
CA ASP H 214 -35.09 -43.08 20.32
C ASP H 214 -34.78 -43.70 18.96
N LEU H 215 -34.09 -43.01 18.07
CA LEU H 215 -33.86 -43.51 16.73
C LEU H 215 -32.54 -44.25 16.59
N LEU H 216 -31.72 -44.32 17.64
CA LEU H 216 -30.52 -45.15 17.59
C LEU H 216 -30.93 -46.60 17.37
N GLY H 217 -30.27 -47.25 16.41
CA GLY H 217 -30.61 -48.63 16.09
C GLY H 217 -31.90 -48.81 15.32
N SER H 218 -32.58 -47.70 14.98
CA SER H 218 -33.79 -47.70 14.16
C SER H 218 -33.51 -47.22 12.75
N ILE H 219 -32.79 -46.10 12.61
CA ILE H 219 -32.44 -45.54 11.31
C ILE H 219 -30.98 -45.87 11.03
N GLN H 220 -30.74 -46.55 9.93
CA GLN H 220 -29.40 -47.03 9.62
C GLN H 220 -28.44 -45.85 9.48
N GLY H 221 -27.34 -45.91 10.22
CA GLY H 221 -26.33 -44.89 10.18
C GLY H 221 -26.49 -43.78 11.20
N LEU H 222 -27.67 -43.64 11.81
CA LEU H 222 -27.92 -42.52 12.71
C LEU H 222 -27.03 -42.61 13.95
N ASP H 223 -26.25 -41.56 14.22
CA ASP H 223 -25.29 -41.60 15.32
C ASP H 223 -25.33 -40.36 16.22
N GLY H 224 -26.41 -39.59 16.19
CA GLY H 224 -26.56 -38.39 16.99
C GLY H 224 -27.91 -37.79 16.69
N LEU H 225 -28.24 -36.69 17.37
CA LEU H 225 -27.30 -35.90 18.16
C LEU H 225 -27.85 -35.43 19.52
N LYS H 226 -29.05 -34.84 19.56
CA LYS H 226 -29.52 -34.27 20.81
C LYS H 226 -31.03 -34.00 20.76
N THR H 227 -31.74 -34.34 21.84
CA THR H 227 -33.16 -34.05 22.02
C THR H 227 -33.36 -32.80 22.88
N GLY H 228 -34.59 -32.28 22.88
CA GLY H 228 -34.95 -31.17 23.75
C GLY H 228 -36.44 -31.06 23.90
N PHE H 229 -36.86 -30.53 25.06
CA PHE H 229 -38.28 -30.28 25.29
C PHE H 229 -38.46 -29.21 26.35
N THR H 230 -39.33 -28.23 26.05
CA THR H 230 -39.99 -27.40 27.04
C THR H 230 -41.42 -27.19 26.58
N ASP H 231 -42.27 -26.70 27.48
CA ASP H 231 -43.62 -26.37 27.06
C ASP H 231 -43.61 -25.42 25.87
N GLU H 232 -42.73 -24.42 25.89
CA GLU H 232 -42.67 -23.44 24.83
C GLU H 232 -41.92 -23.94 23.60
N ALA H 233 -40.88 -24.75 23.78
CA ALA H 233 -40.13 -25.22 22.62
C ALA H 233 -40.76 -26.44 21.96
N GLY H 234 -41.70 -27.12 22.61
CA GLY H 234 -42.20 -28.37 22.11
C GLY H 234 -41.09 -29.41 22.12
N TYR H 235 -41.29 -30.46 21.33
CA TYR H 235 -40.34 -31.55 21.22
C TYR H 235 -39.39 -31.32 20.05
N CYS H 236 -38.11 -31.39 20.32
CA CYS H 236 -37.10 -31.02 19.34
C CYS H 236 -36.05 -32.10 19.24
N PHE H 237 -35.42 -32.20 18.07
CA PHE H 237 -34.37 -33.19 17.89
C PHE H 237 -33.45 -32.71 16.78
N ILE H 238 -32.15 -32.76 17.03
CA ILE H 238 -31.12 -32.62 15.99
C ILE H 238 -30.60 -34.01 15.68
N GLY H 239 -30.76 -34.46 14.44
CA GLY H 239 -30.38 -35.79 14.02
C GLY H 239 -29.21 -35.75 13.07
N THR H 240 -28.37 -36.77 13.12
CA THR H 240 -27.31 -36.89 12.13
C THR H 240 -27.07 -38.36 11.80
N ALA H 241 -26.77 -38.62 10.52
CA ALA H 241 -26.55 -39.97 10.02
C ALA H 241 -25.51 -39.87 8.92
N GLU H 242 -24.80 -40.96 8.71
CA GLU H 242 -23.83 -41.02 7.63
C GLU H 242 -23.97 -42.34 6.91
N ARG H 243 -23.97 -42.29 5.58
CA ARG H 243 -24.02 -43.48 4.74
C ARG H 243 -23.14 -43.24 3.53
N GLY H 244 -22.15 -44.11 3.33
CA GLY H 244 -21.36 -44.10 2.12
C GLY H 244 -20.57 -42.83 1.90
N GLY H 245 -20.09 -42.20 2.96
CA GLY H 245 -19.37 -40.94 2.83
C GLY H 245 -20.22 -39.69 2.83
N LYS H 246 -21.55 -39.82 2.90
CA LYS H 246 -22.45 -38.68 2.93
C LYS H 246 -23.06 -38.59 4.32
N ARG H 247 -22.92 -37.45 4.98
CA ARG H 247 -23.53 -37.18 6.27
C ARG H 247 -24.62 -36.15 6.08
N VAL H 248 -25.75 -36.34 6.74
CA VAL H 248 -26.77 -35.31 6.75
C VAL H 248 -27.08 -34.98 8.20
N ILE H 249 -27.69 -33.83 8.40
CA ILE H 249 -28.06 -33.33 9.71
C ILE H 249 -29.48 -32.81 9.61
N SER H 250 -30.34 -33.30 10.50
CA SER H 250 -31.75 -32.91 10.54
C SER H 250 -32.03 -32.09 11.80
N ILE H 251 -32.92 -31.10 11.66
CA ILE H 251 -33.36 -30.27 12.78
C ILE H 251 -34.88 -30.31 12.82
N VAL H 252 -35.43 -30.71 13.96
CA VAL H 252 -36.87 -30.71 14.19
C VAL H 252 -37.13 -29.84 15.43
N LEU H 253 -37.94 -28.78 15.27
CA LEU H 253 -38.29 -27.90 16.39
C LEU H 253 -39.81 -27.83 16.53
N ASP H 254 -40.27 -27.99 17.77
CA ASP H 254 -41.68 -27.76 18.14
C ASP H 254 -42.62 -28.77 17.50
N ALA H 255 -42.21 -30.04 17.50
CA ALA H 255 -43.09 -31.15 17.20
C ALA H 255 -44.04 -31.38 18.37
N GLY H 256 -45.14 -32.08 18.08
CA GLY H 256 -46.25 -32.13 19.00
C GLY H 256 -46.19 -33.17 20.10
N THR H 257 -45.41 -34.24 19.91
CA THR H 257 -45.26 -35.28 20.92
C THR H 257 -43.82 -35.78 20.91
N ALA H 258 -43.44 -36.46 22.01
CA ALA H 258 -42.10 -37.02 22.10
C ALA H 258 -41.84 -38.02 20.98
N GLU H 259 -42.88 -38.70 20.52
CA GLU H 259 -42.74 -39.62 19.39
C GLU H 259 -42.66 -38.88 18.05
N LYS H 260 -43.46 -37.83 17.86
CA LYS H 260 -43.54 -37.22 16.53
C LYS H 260 -42.27 -36.46 16.15
N ARG H 261 -41.48 -35.99 17.12
CA ARG H 261 -40.20 -35.41 16.75
C ARG H 261 -39.33 -36.43 16.04
N PHE H 262 -39.51 -37.71 16.34
CA PHE H 262 -38.75 -38.77 15.69
C PHE H 262 -39.38 -39.21 14.37
N LYS H 263 -40.73 -39.22 14.28
CA LYS H 263 -41.36 -39.45 12.98
C LYS H 263 -40.97 -38.36 12.00
N ASP H 264 -40.93 -37.10 12.45
CA ASP H 264 -40.45 -36.00 11.61
C ASP H 264 -39.02 -36.26 11.14
N THR H 265 -38.15 -36.75 12.05
CA THR H 265 -36.75 -36.98 11.70
C THR H 265 -36.60 -38.11 10.68
N GLU H 266 -37.38 -39.19 10.85
CA GLU H 266 -37.37 -40.28 9.88
C GLU H 266 -37.73 -39.76 8.50
N LYS H 267 -38.71 -38.85 8.43
CA LYS H 267 -39.09 -38.26 7.16
C LYS H 267 -37.94 -37.45 6.55
N LEU H 268 -37.25 -36.67 7.38
CA LEU H 268 -36.20 -35.79 6.89
C LEU H 268 -34.95 -36.56 6.48
N MET H 269 -34.65 -37.65 7.19
CA MET H 269 -33.53 -38.50 6.82
C MET H 269 -33.77 -39.24 5.50
N GLU H 270 -35.03 -39.59 5.19
CA GLU H 270 -35.32 -40.16 3.88
C GLU H 270 -35.11 -39.15 2.77
N VAL H 271 -35.47 -37.88 3.00
CA VAL H 271 -35.17 -36.83 2.03
C VAL H 271 -33.65 -36.64 1.92
N GLY H 272 -32.95 -36.68 3.05
CA GLY H 272 -31.52 -36.40 3.03
C GLY H 272 -30.73 -37.40 2.20
N PHE H 273 -31.17 -38.65 2.16
CA PHE H 273 -30.44 -39.70 1.45
C PHE H 273 -31.07 -40.14 0.14
N LYS H 274 -32.16 -39.52 -0.29
CA LYS H 274 -32.84 -39.94 -1.53
C LYS H 274 -32.03 -39.59 -2.79
#